data_7K4I
#
_entry.id   7K4I
#
_cell.length_a   53.700
_cell.length_b   287.100
_cell.length_c   67.150
_cell.angle_alpha   90.000
_cell.angle_beta   90.280
_cell.angle_gamma   90.000
#
_symmetry.space_group_name_H-M   'P 1 21 1'
#
loop_
_entity.id
_entity.type
_entity.pdbx_description
1 polymer Arginase-1
2 non-polymer 'MANGANESE (II) ION'
3 non-polymer 3-[(1~{S},2~{S},5~{R})-2-carboxy-6-thia-3-azabicyclo[3.2.0]heptan-1-yl]propyl-$l^{3}-oxidanyl-bis(oxidanyl)boranuide
4 water water
#
_entity_poly.entity_id   1
_entity_poly.type   'polypeptide(L)'
_entity_poly.pdbx_seq_one_letter_code
;MSAKSRTIGIIGAPFSKGQPRGGVEEGPTVLRKAGLLEKLKEQECDVKDYGDLPFADIPNDSPFQIVKNPRSVGKASEQL
AGKVAEVKKNGRISLVLGGDHSLAIGSISGHARVHPDLGVIWVDAHTDINTPLTTTSGNLHGQPVSFLLKELKGKIPDVP
GFSWVTPCISAKDIVYIGLRDVDPGEHYILKTLGIKYFSMTEVDRLGIGKVMEETLSYLLGRKKRPIHLSFDVDGLDPSF
TPATGTPVVGGLTYREGLYITEEIYKTGLLSGLDIMEVNPSLGKTPEEVTRTVNTAVAITLACFGLAREGNHKPIDYLNP
PK
;
_entity_poly.pdbx_strand_id   A,B,C,D,E,F
#
loop_
_chem_comp.id
_chem_comp.type
_chem_comp.name
_chem_comp.formula
MN non-polymer 'MANGANESE (II) ION' 'Mn 2'
VUY non-polymer 3-[(1~{S},2~{S},5~{R})-2-carboxy-6-thia-3-azabicyclo[3.2.0]heptan-1-yl]propyl-$l^{3}-oxidanyl-bis(oxidanyl)boranuide 'C9 H17 B N O5 S -1'
#
# COMPACT_ATOMS: atom_id res chain seq x y z
N ALA A 3 36.84 -29.54 -15.11
CA ALA A 3 36.21 -28.24 -14.88
C ALA A 3 35.50 -28.21 -13.53
N LYS A 4 35.41 -27.04 -12.87
CA LYS A 4 34.77 -26.86 -11.56
C LYS A 4 33.33 -27.40 -11.54
N SER A 5 32.54 -27.11 -12.58
CA SER A 5 31.14 -27.58 -12.70
C SER A 5 31.01 -29.10 -12.90
N ARG A 6 32.14 -29.79 -13.17
CA ARG A 6 32.18 -31.24 -13.34
C ARG A 6 33.14 -31.93 -12.35
N THR A 7 33.51 -31.25 -11.24
CA THR A 7 34.39 -31.79 -10.19
C THR A 7 33.50 -32.07 -8.99
N ILE A 8 33.30 -33.36 -8.72
CA ILE A 8 32.32 -33.87 -7.75
C ILE A 8 32.90 -34.73 -6.61
N GLY A 9 32.30 -34.55 -5.44
CA GLY A 9 32.55 -35.34 -4.24
C GLY A 9 31.24 -36.01 -3.83
N ILE A 10 31.15 -37.34 -4.04
CA ILE A 10 29.98 -38.18 -3.71
C ILE A 10 29.92 -38.52 -2.25
N ILE A 11 28.77 -38.27 -1.62
CA ILE A 11 28.52 -38.65 -0.23
C ILE A 11 27.20 -39.46 -0.19
N GLY A 12 27.30 -40.71 0.24
CA GLY A 12 26.13 -41.54 0.49
C GLY A 12 25.61 -41.26 1.89
N ALA A 13 24.32 -40.99 2.00
CA ALA A 13 23.69 -40.73 3.30
C ALA A 13 22.50 -41.70 3.52
N PRO A 14 22.78 -42.99 3.84
CA PRO A 14 21.69 -43.96 3.99
C PRO A 14 20.94 -43.80 5.32
N PHE A 15 20.08 -42.77 5.40
CA PHE A 15 19.34 -42.45 6.65
C PHE A 15 17.85 -42.34 6.39
N SER A 16 17.03 -42.94 7.28
CA SER A 16 15.59 -42.96 7.12
C SER A 16 14.77 -42.42 8.31
N LYS A 17 15.39 -42.22 9.47
CA LYS A 17 14.71 -41.83 10.73
C LYS A 17 14.11 -40.40 10.76
N GLY A 18 14.19 -39.65 9.66
CA GLY A 18 13.53 -38.35 9.48
C GLY A 18 12.08 -38.54 9.06
N GLN A 19 11.68 -39.79 8.74
CA GLN A 19 10.31 -40.14 8.35
C GLN A 19 9.91 -41.60 8.78
N PRO A 20 8.61 -42.00 8.75
CA PRO A 20 8.27 -43.34 9.24
C PRO A 20 8.36 -44.51 8.25
N ARG A 21 8.56 -44.25 6.95
CA ARG A 21 8.59 -45.33 5.94
C ARG A 21 9.98 -45.92 5.69
N GLY A 22 10.13 -47.20 6.00
CA GLY A 22 11.39 -47.92 5.79
C GLY A 22 11.71 -48.09 4.32
N GLY A 23 13.01 -48.04 4.01
CA GLY A 23 13.52 -48.24 2.65
C GLY A 23 14.29 -47.08 2.03
N VAL A 24 13.99 -45.82 2.45
CA VAL A 24 14.65 -44.63 1.91
C VAL A 24 16.19 -44.65 2.17
N GLU A 25 16.64 -45.42 3.19
CA GLU A 25 18.06 -45.63 3.49
C GLU A 25 18.78 -46.43 2.37
N GLU A 26 18.00 -47.10 1.50
CA GLU A 26 18.54 -47.88 0.37
C GLU A 26 18.74 -47.01 -0.89
N GLY A 27 18.38 -45.72 -0.79
CA GLY A 27 18.55 -44.72 -1.85
C GLY A 27 19.96 -44.66 -2.41
N PRO A 28 21.04 -44.48 -1.57
CA PRO A 28 22.41 -44.47 -2.13
C PRO A 28 22.82 -45.76 -2.82
N THR A 29 22.39 -46.93 -2.29
CA THR A 29 22.69 -48.26 -2.85
C THR A 29 22.12 -48.42 -4.27
N VAL A 30 20.83 -48.15 -4.44
CA VAL A 30 20.14 -48.29 -5.73
C VAL A 30 20.64 -47.25 -6.77
N LEU A 31 20.96 -46.00 -6.35
CA LEU A 31 21.50 -45.00 -7.28
C LEU A 31 22.90 -45.38 -7.77
N ARG A 32 23.73 -45.99 -6.88
CA ARG A 32 25.07 -46.50 -7.21
C ARG A 32 24.96 -47.72 -8.14
N LYS A 33 24.05 -48.68 -7.83
CA LYS A 33 23.80 -49.89 -8.63
C LYS A 33 23.43 -49.56 -10.08
N ALA A 34 22.72 -48.42 -10.28
CA ALA A 34 22.27 -47.94 -11.58
C ALA A 34 23.43 -47.39 -12.43
N GLY A 35 24.62 -47.28 -11.83
CA GLY A 35 25.83 -46.83 -12.50
C GLY A 35 26.05 -45.33 -12.53
N LEU A 36 25.51 -44.60 -11.53
CA LEU A 36 25.65 -43.14 -11.44
C LEU A 36 27.12 -42.65 -11.52
N LEU A 37 28.01 -43.26 -10.72
CA LEU A 37 29.44 -42.88 -10.69
C LEU A 37 30.12 -43.03 -12.04
N GLU A 38 29.88 -44.19 -12.69
CA GLU A 38 30.44 -44.55 -13.99
C GLU A 38 29.87 -43.62 -15.06
N LYS A 39 28.55 -43.31 -15.00
CA LYS A 39 27.89 -42.42 -15.97
C LYS A 39 28.41 -40.99 -15.87
N LEU A 40 28.75 -40.52 -14.65
CA LEU A 40 29.31 -39.20 -14.44
C LEU A 40 30.73 -39.12 -15.03
N LYS A 41 31.55 -40.17 -14.82
CA LYS A 41 32.92 -40.24 -15.36
C LYS A 41 32.93 -40.26 -16.90
N GLU A 42 31.91 -40.89 -17.51
CA GLU A 42 31.72 -40.95 -18.97
C GLU A 42 31.32 -39.58 -19.57
N GLN A 43 30.89 -38.67 -18.68
CA GLN A 43 30.41 -37.32 -18.99
C GLN A 43 31.51 -36.27 -18.72
N GLU A 44 32.78 -36.72 -18.67
CA GLU A 44 33.98 -35.90 -18.43
C GLU A 44 34.04 -35.28 -17.01
N CYS A 45 33.47 -35.99 -16.02
CA CYS A 45 33.48 -35.55 -14.63
C CYS A 45 34.66 -36.15 -13.86
N ASP A 46 35.27 -35.35 -12.95
CA ASP A 46 36.31 -35.76 -12.01
C ASP A 46 35.49 -36.14 -10.75
N VAL A 47 35.31 -37.44 -10.53
CA VAL A 47 34.51 -37.99 -9.45
C VAL A 47 35.38 -38.63 -8.37
N LYS A 48 35.18 -38.21 -7.11
CA LYS A 48 35.81 -38.77 -5.92
C LYS A 48 34.65 -39.20 -5.03
N ASP A 49 34.68 -40.46 -4.59
CA ASP A 49 33.64 -41.04 -3.77
C ASP A 49 34.08 -41.09 -2.30
N TYR A 50 33.39 -40.32 -1.46
CA TYR A 50 33.67 -40.24 -0.02
C TYR A 50 32.95 -41.35 0.78
N GLY A 51 32.33 -42.28 0.07
CA GLY A 51 31.64 -43.44 0.63
C GLY A 51 30.29 -43.16 1.24
N ASP A 52 29.69 -44.18 1.89
CA ASP A 52 28.42 -44.06 2.58
C ASP A 52 28.70 -43.83 4.06
N LEU A 53 28.14 -42.73 4.62
CA LEU A 53 28.29 -42.39 6.02
C LEU A 53 27.70 -43.45 6.95
N PRO A 54 28.45 -43.89 7.97
CA PRO A 54 27.89 -44.85 8.93
C PRO A 54 27.03 -44.09 9.95
N PHE A 55 25.75 -44.41 10.02
CA PHE A 55 24.88 -43.74 10.98
C PHE A 55 24.58 -44.68 12.13
N ALA A 56 25.48 -44.66 13.12
CA ALA A 56 25.40 -45.47 14.32
C ALA A 56 24.04 -45.32 15.00
N ASP A 57 23.44 -46.46 15.39
CA ASP A 57 22.14 -46.48 16.05
C ASP A 57 22.17 -45.78 17.39
N ILE A 58 21.13 -44.97 17.64
CA ILE A 58 20.97 -44.25 18.89
C ILE A 58 19.78 -44.86 19.64
N PRO A 59 20.06 -45.79 20.59
CA PRO A 59 18.97 -46.37 21.40
C PRO A 59 18.49 -45.37 22.45
N ASN A 60 17.24 -45.51 22.94
CA ASN A 60 16.57 -44.63 23.92
C ASN A 60 16.37 -43.18 23.39
N ASP A 61 16.31 -43.02 22.06
CA ASP A 61 16.11 -41.71 21.39
C ASP A 61 14.63 -41.33 21.50
N SER A 62 14.25 -40.88 22.71
CA SER A 62 12.90 -40.49 23.10
C SER A 62 12.43 -39.28 22.32
N PRO A 63 11.12 -39.16 22.02
CA PRO A 63 10.68 -38.00 21.20
C PRO A 63 10.70 -36.68 21.95
N PHE A 64 10.92 -35.59 21.20
CA PHE A 64 10.85 -34.24 21.76
C PHE A 64 9.43 -33.83 21.43
N GLN A 65 8.53 -33.85 22.43
CA GLN A 65 7.09 -33.60 22.25
C GLN A 65 6.55 -34.65 21.22
N ILE A 66 6.13 -34.24 20.01
CA ILE A 66 5.64 -35.19 18.99
C ILE A 66 6.75 -35.56 17.96
N VAL A 67 7.89 -34.84 18.02
CA VAL A 67 9.03 -34.97 17.10
C VAL A 67 9.79 -36.30 17.35
N LYS A 68 9.74 -37.20 16.35
CA LYS A 68 10.34 -38.57 16.38
C LYS A 68 11.82 -38.60 16.03
N ASN A 69 12.57 -39.43 16.77
CA ASN A 69 14.03 -39.70 16.64
C ASN A 69 14.85 -38.40 16.54
N PRO A 70 14.69 -37.40 17.44
CA PRO A 70 15.45 -36.13 17.28
C PRO A 70 16.97 -36.27 17.34
N ARG A 71 17.51 -37.11 18.25
CA ARG A 71 18.96 -37.30 18.38
C ARG A 71 19.53 -38.00 17.15
N SER A 72 18.83 -39.01 16.60
CA SER A 72 19.28 -39.73 15.38
C SER A 72 19.35 -38.78 14.16
N VAL A 73 18.28 -37.98 13.94
CA VAL A 73 18.21 -37.00 12.85
C VAL A 73 19.24 -35.88 13.06
N GLY A 74 19.37 -35.39 14.28
CA GLY A 74 20.33 -34.36 14.65
C GLY A 74 21.76 -34.81 14.42
N LYS A 75 22.11 -36.04 14.84
CA LYS A 75 23.45 -36.61 14.67
C LYS A 75 23.80 -36.88 13.22
N ALA A 76 22.85 -37.49 12.45
CA ALA A 76 23.06 -37.79 11.03
C ALA A 76 23.36 -36.52 10.26
N SER A 77 22.60 -35.43 10.55
CA SER A 77 22.81 -34.13 9.90
C SER A 77 24.13 -33.51 10.36
N GLU A 78 24.47 -33.64 11.66
CA GLU A 78 25.75 -33.14 12.20
C GLU A 78 26.95 -33.78 11.49
N GLN A 79 26.91 -35.11 11.28
CA GLN A 79 27.95 -35.89 10.59
C GLN A 79 28.02 -35.44 9.13
N LEU A 80 26.85 -35.33 8.45
CA LEU A 80 26.76 -34.92 7.06
C LEU A 80 27.35 -33.54 6.85
N ALA A 81 27.06 -32.61 7.77
CA ALA A 81 27.59 -31.25 7.72
C ALA A 81 29.11 -31.27 7.70
N GLY A 82 29.73 -32.06 8.60
CA GLY A 82 31.18 -32.22 8.66
C GLY A 82 31.76 -32.76 7.37
N LYS A 83 31.12 -33.79 6.80
CA LYS A 83 31.53 -34.43 5.55
C LYS A 83 31.39 -33.50 4.32
N VAL A 84 30.25 -32.77 4.21
CA VAL A 84 30.01 -31.82 3.11
C VAL A 84 31.05 -30.70 3.15
N ALA A 85 31.33 -30.16 4.36
CA ALA A 85 32.35 -29.10 4.56
C ALA A 85 33.73 -29.59 4.07
N GLU A 86 34.09 -30.88 4.37
CA GLU A 86 35.33 -31.51 3.95
C GLU A 86 35.41 -31.54 2.39
N VAL A 87 34.34 -31.98 1.73
CA VAL A 87 34.21 -32.06 0.26
C VAL A 87 34.35 -30.68 -0.35
N LYS A 88 33.62 -29.68 0.22
CA LYS A 88 33.70 -28.28 -0.23
C LYS A 88 35.10 -27.69 -0.11
N LYS A 89 35.84 -28.00 0.99
CA LYS A 89 37.22 -27.56 1.21
C LYS A 89 38.20 -28.16 0.18
N ASN A 90 37.87 -29.35 -0.35
CA ASN A 90 38.62 -30.06 -1.40
C ASN A 90 38.30 -29.56 -2.85
N GLY A 91 37.57 -28.45 -2.95
CA GLY A 91 37.17 -27.85 -4.22
C GLY A 91 36.26 -28.68 -5.10
N ARG A 92 35.36 -29.45 -4.47
CA ARG A 92 34.43 -30.30 -5.21
C ARG A 92 32.99 -29.90 -4.93
N ILE A 93 32.09 -30.23 -5.87
CA ILE A 93 30.66 -30.01 -5.70
C ILE A 93 30.23 -31.22 -4.87
N SER A 94 29.62 -30.98 -3.73
CA SER A 94 29.12 -32.08 -2.88
C SER A 94 27.83 -32.64 -3.49
N LEU A 95 27.76 -33.97 -3.62
CA LEU A 95 26.63 -34.68 -4.18
C LEU A 95 26.18 -35.67 -3.12
N VAL A 96 25.11 -35.31 -2.42
CA VAL A 96 24.54 -36.13 -1.34
C VAL A 96 23.44 -37.02 -1.90
N LEU A 97 23.65 -38.35 -1.75
CA LEU A 97 22.65 -39.35 -2.14
C LEU A 97 21.88 -39.77 -0.90
N GLY A 98 20.60 -39.41 -0.83
CA GLY A 98 19.78 -39.74 0.32
C GLY A 98 19.00 -41.03 0.17
N GLY A 99 18.26 -41.46 1.19
CA GLY A 99 18.12 -40.78 2.47
C GLY A 99 16.99 -39.74 2.44
N ASP A 100 16.35 -39.50 3.60
CA ASP A 100 15.23 -38.56 3.74
C ASP A 100 15.69 -37.11 3.72
N HIS A 101 14.75 -36.16 3.48
CA HIS A 101 15.08 -34.73 3.35
C HIS A 101 15.53 -34.01 4.64
N SER A 102 15.40 -34.62 5.85
CA SER A 102 15.93 -33.96 7.07
C SER A 102 17.47 -33.76 6.94
N LEU A 103 18.11 -34.56 6.09
CA LEU A 103 19.55 -34.53 5.83
C LEU A 103 20.00 -33.19 5.20
N ALA A 104 19.04 -32.41 4.63
CA ALA A 104 19.32 -31.08 4.08
C ALA A 104 19.83 -30.11 5.14
N ILE A 105 19.45 -30.33 6.44
CA ILE A 105 19.95 -29.55 7.58
C ILE A 105 21.48 -29.65 7.55
N GLY A 106 22.00 -30.87 7.51
CA GLY A 106 23.43 -31.13 7.48
C GLY A 106 24.09 -30.72 6.18
N SER A 107 23.45 -31.07 5.04
CA SER A 107 23.98 -30.73 3.72
C SER A 107 24.17 -29.21 3.51
N ILE A 108 23.12 -28.42 3.74
CA ILE A 108 23.18 -26.94 3.60
C ILE A 108 24.07 -26.31 4.69
N SER A 109 23.95 -26.75 5.98
CA SER A 109 24.80 -26.21 7.06
C SER A 109 26.29 -26.38 6.74
N GLY A 110 26.67 -27.58 6.31
CA GLY A 110 28.05 -27.93 5.94
C GLY A 110 28.55 -27.14 4.75
N HIS A 111 27.69 -26.97 3.74
CA HIS A 111 27.99 -26.21 2.52
C HIS A 111 28.20 -24.71 2.88
N ALA A 112 27.32 -24.16 3.73
CA ALA A 112 27.40 -22.76 4.19
C ALA A 112 28.64 -22.42 5.02
N ARG A 113 29.25 -23.44 5.67
CA ARG A 113 30.49 -23.24 6.45
C ARG A 113 31.66 -22.80 5.54
N VAL A 114 31.68 -23.31 4.31
CA VAL A 114 32.73 -22.99 3.32
C VAL A 114 32.24 -21.85 2.40
N HIS A 115 30.94 -21.84 2.08
CA HIS A 115 30.34 -20.83 1.22
C HIS A 115 29.13 -20.14 1.91
N PRO A 116 29.35 -19.14 2.80
CA PRO A 116 28.23 -18.51 3.49
C PRO A 116 27.26 -17.68 2.62
N ASP A 117 27.70 -17.30 1.42
CA ASP A 117 26.91 -16.51 0.46
C ASP A 117 26.07 -17.40 -0.51
N LEU A 118 25.90 -18.71 -0.20
CA LEU A 118 25.14 -19.61 -1.08
C LEU A 118 23.63 -19.27 -1.16
N GLY A 119 23.06 -19.59 -2.32
CA GLY A 119 21.63 -19.47 -2.60
C GLY A 119 21.07 -20.87 -2.72
N VAL A 120 19.85 -21.10 -2.23
CA VAL A 120 19.23 -22.43 -2.28
C VAL A 120 18.06 -22.49 -3.27
N ILE A 121 18.04 -23.52 -4.14
CA ILE A 121 16.93 -23.88 -5.01
C ILE A 121 16.40 -25.20 -4.40
N TRP A 122 15.14 -25.20 -3.99
CA TRP A 122 14.50 -26.35 -3.32
C TRP A 122 13.41 -26.88 -4.23
N VAL A 123 13.68 -28.02 -4.91
CA VAL A 123 12.74 -28.66 -5.86
C VAL A 123 12.01 -29.77 -5.10
N ASP A 124 10.71 -29.57 -4.92
CA ASP A 124 9.92 -30.43 -4.08
C ASP A 124 8.46 -30.08 -4.26
N ALA A 125 7.57 -31.03 -3.95
CA ALA A 125 6.13 -30.83 -3.89
C ALA A 125 5.84 -30.09 -2.55
N HIS A 126 6.78 -30.18 -1.60
CA HIS A 126 6.68 -29.67 -0.22
C HIS A 126 7.70 -28.59 0.15
N THR A 127 7.29 -27.73 1.12
CA THR A 127 8.05 -26.62 1.66
C THR A 127 9.04 -27.10 2.72
N ASP A 128 8.71 -28.17 3.47
CA ASP A 128 9.57 -28.82 4.49
C ASP A 128 10.02 -27.76 5.53
N ILE A 129 9.13 -26.83 5.81
CA ILE A 129 9.42 -25.67 6.64
C ILE A 129 8.62 -25.66 7.94
N ASN A 130 8.04 -26.81 8.31
CA ASN A 130 7.36 -26.86 9.61
C ASN A 130 8.41 -26.73 10.70
N THR A 131 8.04 -26.15 11.84
CA THR A 131 8.99 -26.06 12.96
C THR A 131 8.65 -27.25 13.86
N PRO A 132 9.49 -27.61 14.85
CA PRO A 132 9.09 -28.68 15.78
C PRO A 132 7.75 -28.45 16.50
N LEU A 133 7.23 -27.20 16.48
CA LEU A 133 5.96 -26.81 17.10
C LEU A 133 4.78 -26.67 16.11
N THR A 134 5.04 -26.44 14.80
CA THR A 134 3.97 -26.33 13.78
C THR A 134 3.61 -27.69 13.17
N THR A 135 4.54 -28.66 13.20
CA THR A 135 4.36 -30.02 12.64
C THR A 135 3.21 -30.76 13.34
N THR A 136 2.53 -31.64 12.61
CA THR A 136 1.43 -32.45 13.15
C THR A 136 1.76 -33.96 13.07
N SER A 137 2.81 -34.32 12.30
CA SER A 137 3.26 -35.70 12.12
C SER A 137 4.50 -35.98 12.99
N GLY A 138 5.27 -34.91 13.26
CA GLY A 138 6.52 -34.96 14.02
C GLY A 138 7.65 -35.64 13.27
N ASN A 139 7.55 -35.66 11.91
CA ASN A 139 8.54 -36.28 11.02
C ASN A 139 9.47 -35.19 10.55
N LEU A 140 10.74 -35.23 11.01
CA LEU A 140 11.76 -34.21 10.78
C LEU A 140 12.13 -33.95 9.31
N HIS A 141 11.82 -34.88 8.38
CA HIS A 141 12.06 -34.66 6.96
C HIS A 141 11.15 -33.52 6.37
N GLY A 142 10.11 -33.12 7.12
CA GLY A 142 9.17 -32.06 6.77
C GLY A 142 9.41 -30.76 7.52
N GLN A 143 10.59 -30.63 8.15
CA GLN A 143 11.02 -29.50 8.97
C GLN A 143 12.46 -28.98 8.69
N PRO A 144 13.29 -29.49 7.73
CA PRO A 144 14.67 -29.00 7.65
C PRO A 144 14.84 -27.49 7.36
N VAL A 145 13.95 -26.87 6.57
CA VAL A 145 14.11 -25.44 6.25
C VAL A 145 13.94 -24.52 7.51
N SER A 146 13.08 -24.93 8.44
CA SER A 146 12.84 -24.19 9.69
C SER A 146 14.12 -24.09 10.53
N PHE A 147 14.97 -25.12 10.52
CA PHE A 147 16.22 -25.14 11.26
C PHE A 147 17.32 -24.30 10.60
N LEU A 148 17.19 -24.10 9.27
CA LEU A 148 18.17 -23.37 8.47
C LEU A 148 17.94 -21.87 8.38
N LEU A 149 16.69 -21.39 8.50
CA LEU A 149 16.36 -19.98 8.31
C LEU A 149 16.71 -19.10 9.50
N LYS A 150 17.46 -17.98 9.24
CA LYS A 150 17.84 -16.99 10.24
C LYS A 150 16.62 -16.30 10.86
N GLU A 151 15.59 -16.02 10.02
CA GLU A 151 14.34 -15.35 10.46
C GLU A 151 13.49 -16.19 11.40
N LEU A 152 13.77 -17.51 11.51
CA LEU A 152 13.01 -18.39 12.39
C LEU A 152 13.74 -18.68 13.70
N LYS A 153 14.85 -17.91 13.97
CA LYS A 153 15.60 -18.00 15.22
C LYS A 153 14.70 -17.42 16.32
N GLY A 154 14.43 -18.21 17.34
CA GLY A 154 13.53 -17.84 18.42
C GLY A 154 12.20 -18.55 18.31
N LYS A 155 11.93 -19.21 17.15
CA LYS A 155 10.72 -19.99 16.87
C LYS A 155 11.02 -21.48 16.95
N ILE A 156 12.31 -21.83 16.94
CA ILE A 156 12.75 -23.23 17.02
C ILE A 156 13.10 -23.52 18.48
N PRO A 157 12.41 -24.49 19.14
CA PRO A 157 12.78 -24.80 20.53
C PRO A 157 14.09 -25.60 20.59
N ASP A 158 14.62 -25.80 21.80
CA ASP A 158 15.86 -26.55 22.00
C ASP A 158 15.56 -28.06 21.87
N VAL A 159 15.69 -28.56 20.63
CA VAL A 159 15.44 -29.96 20.26
C VAL A 159 16.74 -30.77 20.52
N PRO A 160 16.67 -31.89 21.29
CA PRO A 160 17.87 -32.72 21.51
C PRO A 160 18.48 -33.23 20.20
N GLY A 161 19.80 -33.04 20.08
CA GLY A 161 20.58 -33.44 18.92
C GLY A 161 20.83 -32.31 17.94
N PHE A 162 20.22 -31.12 18.16
CA PHE A 162 20.33 -29.98 17.27
C PHE A 162 21.04 -28.74 17.85
N SER A 163 21.74 -28.87 18.99
CA SER A 163 22.46 -27.74 19.61
C SER A 163 23.63 -27.21 18.75
N TRP A 164 24.15 -28.04 17.84
CA TRP A 164 25.23 -27.69 16.90
C TRP A 164 24.75 -26.72 15.79
N VAL A 165 23.43 -26.72 15.48
CA VAL A 165 22.81 -25.94 14.41
C VAL A 165 22.83 -24.43 14.66
N THR A 166 23.32 -23.68 13.67
CA THR A 166 23.29 -22.23 13.62
C THR A 166 22.57 -21.91 12.31
N PRO A 167 21.39 -21.24 12.31
CA PRO A 167 20.73 -20.92 11.03
C PRO A 167 21.68 -20.17 10.09
N CYS A 168 21.85 -20.70 8.88
CA CYS A 168 22.83 -20.19 7.93
C CYS A 168 22.25 -19.51 6.70
N ILE A 169 20.92 -19.56 6.49
CA ILE A 169 20.33 -18.91 5.31
C ILE A 169 19.20 -17.94 5.68
N SER A 170 19.11 -16.84 4.93
CA SER A 170 18.04 -15.85 5.11
C SER A 170 16.90 -16.27 4.18
N ALA A 171 15.67 -15.86 4.54
CA ALA A 171 14.45 -16.12 3.77
C ALA A 171 14.56 -15.71 2.29
N LYS A 172 15.36 -14.64 2.02
CA LYS A 172 15.60 -14.09 0.68
C LYS A 172 16.61 -14.89 -0.14
N ASP A 173 17.27 -15.89 0.47
CA ASP A 173 18.29 -16.71 -0.20
C ASP A 173 17.80 -18.08 -0.65
N ILE A 174 16.49 -18.31 -0.66
CA ILE A 174 15.90 -19.60 -1.04
C ILE A 174 14.77 -19.43 -2.05
N VAL A 175 14.73 -20.32 -3.06
CA VAL A 175 13.64 -20.34 -4.06
C VAL A 175 13.08 -21.77 -4.11
N TYR A 176 11.77 -21.89 -3.95
CA TYR A 176 11.08 -23.16 -4.05
C TYR A 176 10.52 -23.32 -5.47
N ILE A 177 10.54 -24.57 -5.98
CA ILE A 177 9.98 -24.93 -7.29
C ILE A 177 9.22 -26.24 -7.17
N GLY A 178 7.94 -26.26 -7.57
CA GLY A 178 7.13 -27.47 -7.61
C GLY A 178 6.08 -27.65 -6.55
N LEU A 179 5.93 -26.65 -5.62
CA LEU A 179 5.01 -26.71 -4.49
C LEU A 179 3.54 -27.00 -4.87
N ARG A 180 2.92 -28.00 -4.18
CA ARG A 180 1.52 -28.40 -4.41
C ARG A 180 0.85 -29.10 -3.21
N ASP A 181 1.59 -29.26 -2.06
CA ASP A 181 1.13 -29.91 -0.83
C ASP A 181 1.76 -29.19 0.39
N VAL A 182 1.25 -28.00 0.74
CA VAL A 182 1.81 -27.13 1.81
C VAL A 182 0.85 -27.06 3.00
N ASP A 183 1.34 -27.39 4.23
CA ASP A 183 0.53 -27.34 5.45
C ASP A 183 0.13 -25.90 5.80
N PRO A 184 -0.98 -25.67 6.57
CA PRO A 184 -1.36 -24.28 6.90
C PRO A 184 -0.28 -23.45 7.57
N GLY A 185 0.42 -24.03 8.55
CA GLY A 185 1.51 -23.36 9.27
C GLY A 185 2.66 -23.01 8.35
N GLU A 186 2.98 -23.91 7.40
CA GLU A 186 4.02 -23.71 6.38
C GLU A 186 3.64 -22.55 5.45
N HIS A 187 2.35 -22.48 5.03
CA HIS A 187 1.85 -21.42 4.14
C HIS A 187 1.94 -20.06 4.85
N TYR A 188 1.59 -20.02 6.14
CA TYR A 188 1.69 -18.81 6.97
C TYR A 188 3.16 -18.33 7.01
N ILE A 189 4.12 -19.25 7.29
CA ILE A 189 5.56 -18.96 7.34
C ILE A 189 6.02 -18.41 6.00
N LEU A 190 5.67 -19.12 4.92
CA LEU A 190 6.01 -18.78 3.54
C LEU A 190 5.54 -17.36 3.17
N LYS A 191 4.32 -16.99 3.58
CA LYS A 191 3.76 -15.65 3.29
C LYS A 191 4.31 -14.56 4.21
N THR A 192 4.44 -14.82 5.53
CA THR A 192 4.93 -13.83 6.50
C THR A 192 6.44 -13.53 6.36
N LEU A 193 7.23 -14.51 5.91
CA LEU A 193 8.67 -14.28 5.71
C LEU A 193 9.00 -13.74 4.33
N GLY A 194 8.01 -13.73 3.43
CA GLY A 194 8.17 -13.24 2.06
C GLY A 194 9.14 -14.07 1.20
N ILE A 195 9.16 -15.41 1.41
CA ILE A 195 10.00 -16.34 0.65
C ILE A 195 9.52 -16.43 -0.80
N LYS A 196 10.48 -16.41 -1.75
CA LYS A 196 10.20 -16.56 -3.19
C LYS A 196 9.87 -18.04 -3.47
N TYR A 197 8.76 -18.29 -4.19
CA TYR A 197 8.36 -19.65 -4.55
C TYR A 197 7.64 -19.67 -5.90
N PHE A 198 7.74 -20.82 -6.56
CA PHE A 198 7.03 -21.12 -7.79
C PHE A 198 6.29 -22.42 -7.52
N SER A 199 5.04 -22.30 -7.04
CA SER A 199 4.23 -23.49 -6.80
C SER A 199 3.82 -24.00 -8.20
N MET A 200 3.16 -25.17 -8.30
CA MET A 200 2.73 -25.70 -9.61
C MET A 200 1.84 -24.69 -10.34
N THR A 201 1.12 -23.82 -9.58
CA THR A 201 0.26 -22.74 -10.09
C THR A 201 1.09 -21.74 -10.91
N GLU A 202 2.26 -21.28 -10.35
CA GLU A 202 3.17 -20.36 -11.05
C GLU A 202 3.81 -21.07 -12.25
N VAL A 203 4.20 -22.36 -12.10
CA VAL A 203 4.79 -23.15 -13.19
C VAL A 203 3.76 -23.22 -14.36
N ASP A 204 2.46 -23.45 -14.04
CA ASP A 204 1.38 -23.51 -15.06
C ASP A 204 1.18 -22.16 -15.73
N ARG A 205 1.19 -21.07 -14.93
CA ARG A 205 1.02 -19.70 -15.37
C ARG A 205 2.14 -19.22 -16.29
N LEU A 206 3.38 -19.38 -15.84
CA LEU A 206 4.54 -18.85 -16.52
C LEU A 206 5.23 -19.73 -17.53
N GLY A 207 5.23 -21.04 -17.28
CA GLY A 207 6.00 -21.99 -18.07
C GLY A 207 7.35 -22.14 -17.40
N ILE A 208 7.96 -23.32 -17.46
CA ILE A 208 9.25 -23.61 -16.80
C ILE A 208 10.42 -22.68 -17.26
N GLY A 209 10.35 -22.17 -18.51
CA GLY A 209 11.32 -21.24 -19.06
C GLY A 209 11.39 -19.96 -18.25
N LYS A 210 10.24 -19.30 -18.06
CA LYS A 210 10.10 -18.08 -17.26
C LYS A 210 10.42 -18.33 -15.78
N VAL A 211 10.00 -19.50 -15.24
CA VAL A 211 10.27 -19.91 -13.86
C VAL A 211 11.80 -19.90 -13.61
N MET A 212 12.57 -20.55 -14.50
CA MET A 212 14.04 -20.62 -14.38
C MET A 212 14.72 -19.27 -14.55
N GLU A 213 14.24 -18.47 -15.51
CA GLU A 213 14.74 -17.13 -15.80
C GLU A 213 14.61 -16.26 -14.54
N GLU A 214 13.42 -16.29 -13.90
CA GLU A 214 13.11 -15.57 -12.66
C GLU A 214 13.89 -16.09 -11.46
N THR A 215 13.98 -17.42 -11.30
CA THR A 215 14.72 -18.06 -10.20
C THR A 215 16.20 -17.65 -10.20
N LEU A 216 16.88 -17.81 -11.35
CA LEU A 216 18.29 -17.50 -11.49
C LEU A 216 18.55 -15.99 -11.38
N SER A 217 17.65 -15.14 -11.91
CA SER A 217 17.77 -13.67 -11.80
C SER A 217 17.61 -13.24 -10.32
N TYR A 218 16.63 -13.83 -9.61
CA TYR A 218 16.36 -13.52 -8.19
C TYR A 218 17.59 -13.86 -7.31
N LEU A 219 18.26 -14.97 -7.60
CA LEU A 219 19.40 -15.39 -6.79
C LEU A 219 20.73 -14.81 -7.23
N LEU A 220 20.95 -14.64 -8.55
CA LEU A 220 22.24 -14.22 -9.10
C LEU A 220 22.32 -12.78 -9.66
N GLY A 221 21.18 -12.08 -9.73
CA GLY A 221 21.07 -10.72 -10.30
C GLY A 221 22.08 -9.70 -9.83
N ARG A 222 22.34 -9.65 -8.53
CA ARG A 222 23.26 -8.72 -7.85
C ARG A 222 24.72 -9.05 -8.23
N LYS A 223 25.06 -10.35 -8.22
CA LYS A 223 26.37 -10.92 -8.50
C LYS A 223 26.30 -12.45 -8.43
N LYS A 224 27.21 -13.11 -9.14
CA LYS A 224 27.36 -14.57 -9.13
C LYS A 224 27.65 -15.03 -7.70
N ARG A 225 26.99 -16.11 -7.27
CA ARG A 225 27.14 -16.70 -5.92
C ARG A 225 26.89 -18.21 -6.02
N PRO A 226 27.40 -19.04 -5.05
CA PRO A 226 27.23 -20.50 -5.19
C PRO A 226 25.77 -20.96 -5.07
N ILE A 227 25.39 -21.98 -5.84
CA ILE A 227 24.03 -22.52 -5.81
C ILE A 227 24.02 -23.91 -5.15
N HIS A 228 23.07 -24.09 -4.21
CA HIS A 228 22.79 -25.37 -3.61
C HIS A 228 21.42 -25.80 -4.12
N LEU A 229 21.37 -26.92 -4.85
CA LEU A 229 20.10 -27.45 -5.33
C LEU A 229 19.71 -28.63 -4.40
N SER A 230 18.55 -28.54 -3.75
CA SER A 230 18.09 -29.63 -2.87
C SER A 230 16.91 -30.24 -3.59
N PHE A 231 17.18 -31.38 -4.23
CA PHE A 231 16.18 -32.05 -5.06
C PHE A 231 15.48 -33.19 -4.37
N ASP A 232 14.19 -33.01 -4.13
CA ASP A 232 13.32 -34.04 -3.58
C ASP A 232 12.61 -34.64 -4.78
N VAL A 233 12.83 -35.98 -5.02
CA VAL A 233 12.26 -36.67 -6.18
C VAL A 233 10.70 -36.55 -6.27
N ASP A 234 10.03 -36.21 -5.15
CA ASP A 234 8.58 -36.05 -5.16
C ASP A 234 8.16 -34.70 -5.77
N GLY A 235 9.13 -33.86 -6.11
CA GLY A 235 8.92 -32.60 -6.84
C GLY A 235 8.39 -32.93 -8.22
N LEU A 236 8.88 -34.05 -8.80
CA LEU A 236 8.43 -34.58 -10.09
C LEU A 236 7.16 -35.38 -9.87
N ASP A 237 6.31 -35.42 -10.90
CA ASP A 237 5.05 -36.15 -10.89
C ASP A 237 5.25 -37.66 -10.61
N PRO A 238 4.36 -38.30 -9.81
CA PRO A 238 4.49 -39.75 -9.54
C PRO A 238 4.50 -40.67 -10.77
N SER A 239 4.16 -40.16 -11.96
CA SER A 239 4.21 -40.95 -13.20
C SER A 239 5.69 -41.14 -13.62
N PHE A 240 6.62 -40.34 -13.05
CA PHE A 240 8.08 -40.43 -13.27
C PHE A 240 8.86 -40.94 -12.06
N THR A 241 8.45 -40.51 -10.85
CA THR A 241 9.13 -40.89 -9.60
C THR A 241 8.13 -41.51 -8.60
N PRO A 242 7.48 -42.68 -8.93
CA PRO A 242 6.49 -43.26 -7.99
C PRO A 242 7.07 -43.82 -6.68
N ALA A 243 8.31 -44.35 -6.70
CA ALA A 243 8.92 -44.97 -5.53
C ALA A 243 9.48 -43.92 -4.56
N THR A 244 8.55 -43.23 -3.88
CA THR A 244 8.82 -42.14 -2.93
C THR A 244 7.74 -42.15 -1.86
N GLY A 245 8.10 -41.68 -0.68
CA GLY A 245 7.24 -41.63 0.51
C GLY A 245 6.00 -40.80 0.43
N THR A 246 6.09 -39.56 -0.12
CA THR A 246 4.94 -38.66 -0.21
C THR A 246 4.67 -38.21 -1.67
N PRO A 247 4.13 -39.13 -2.51
CA PRO A 247 3.83 -38.74 -3.90
C PRO A 247 2.58 -37.85 -3.97
N VAL A 248 2.62 -36.82 -4.82
CA VAL A 248 1.50 -35.89 -5.03
C VAL A 248 1.31 -35.72 -6.54
N VAL A 249 0.07 -35.95 -7.03
CA VAL A 249 -0.30 -35.79 -8.45
C VAL A 249 -0.14 -34.34 -8.91
N GLY A 250 0.00 -34.14 -10.22
CA GLY A 250 0.17 -32.84 -10.84
C GLY A 250 1.53 -32.23 -10.66
N GLY A 251 2.54 -33.07 -10.59
CA GLY A 251 3.91 -32.61 -10.40
C GLY A 251 4.62 -32.15 -11.65
N LEU A 252 5.88 -31.78 -11.46
CA LEU A 252 6.76 -31.36 -12.55
C LEU A 252 6.96 -32.55 -13.49
N THR A 253 7.00 -32.29 -14.80
CA THR A 253 7.21 -33.35 -15.78
C THR A 253 8.70 -33.74 -15.79
N TYR A 254 9.02 -34.86 -16.45
CA TYR A 254 10.40 -35.36 -16.64
C TYR A 254 11.18 -34.25 -17.36
N ARG A 255 10.54 -33.64 -18.40
CA ARG A 255 11.09 -32.54 -19.20
C ARG A 255 11.38 -31.32 -18.33
N GLU A 256 10.44 -30.90 -17.48
CA GLU A 256 10.63 -29.76 -16.58
C GLU A 256 11.74 -29.99 -15.59
N GLY A 257 11.84 -31.21 -15.07
CA GLY A 257 12.91 -31.61 -14.14
C GLY A 257 14.27 -31.44 -14.79
N LEU A 258 14.41 -31.95 -16.02
CA LEU A 258 15.64 -31.86 -16.83
C LEU A 258 15.93 -30.41 -17.21
N TYR A 259 14.88 -29.61 -17.49
CA TYR A 259 15.06 -28.19 -17.84
C TYR A 259 15.64 -27.39 -16.67
N ILE A 260 15.09 -27.58 -15.46
CA ILE A 260 15.59 -26.90 -14.25
C ILE A 260 17.10 -27.20 -14.08
N THR A 261 17.48 -28.48 -14.17
CA THR A 261 18.85 -28.92 -13.92
C THR A 261 19.81 -28.51 -15.04
N GLU A 262 19.37 -28.54 -16.31
CA GLU A 262 20.16 -28.06 -17.47
C GLU A 262 20.47 -26.57 -17.31
N GLU A 263 19.47 -25.77 -16.88
CA GLU A 263 19.65 -24.32 -16.66
C GLU A 263 20.60 -24.01 -15.50
N ILE A 264 20.53 -24.79 -14.41
CA ILE A 264 21.44 -24.63 -13.27
C ILE A 264 22.86 -24.99 -13.69
N TYR A 265 23.05 -26.11 -14.43
CA TYR A 265 24.39 -26.50 -14.89
C TYR A 265 25.03 -25.36 -15.65
N LYS A 266 24.28 -24.77 -16.60
CA LYS A 266 24.68 -23.67 -17.50
C LYS A 266 25.22 -22.41 -16.80
N THR A 267 24.77 -22.12 -15.55
CA THR A 267 25.29 -20.98 -14.78
C THR A 267 26.75 -21.22 -14.39
N GLY A 268 27.12 -22.48 -14.25
CA GLY A 268 28.44 -22.91 -13.81
C GLY A 268 28.62 -22.67 -12.32
N LEU A 269 27.50 -22.42 -11.59
CA LEU A 269 27.55 -22.06 -10.17
C LEU A 269 27.01 -23.10 -9.21
N LEU A 270 26.64 -24.31 -9.69
CA LEU A 270 26.19 -25.37 -8.79
C LEU A 270 27.38 -25.77 -7.91
N SER A 271 27.21 -25.74 -6.57
CA SER A 271 28.27 -26.06 -5.59
C SER A 271 27.84 -27.20 -4.65
N GLY A 272 26.54 -27.44 -4.58
CA GLY A 272 25.97 -28.46 -3.72
C GLY A 272 24.70 -29.03 -4.32
N LEU A 273 24.54 -30.36 -4.18
CA LEU A 273 23.38 -31.06 -4.71
C LEU A 273 22.94 -32.18 -3.78
N ASP A 274 21.62 -32.25 -3.52
CA ASP A 274 20.97 -33.31 -2.74
C ASP A 274 19.98 -34.03 -3.65
N ILE A 275 20.05 -35.36 -3.71
CA ILE A 275 19.09 -36.20 -4.46
C ILE A 275 18.42 -36.99 -3.37
N MET A 276 17.25 -36.51 -2.97
CA MET A 276 16.53 -37.03 -1.81
C MET A 276 15.22 -37.75 -2.10
N GLU A 277 14.85 -38.62 -1.14
CA GLU A 277 13.56 -39.30 -1.01
C GLU A 277 13.33 -40.44 -1.99
N VAL A 278 14.38 -41.00 -2.56
CA VAL A 278 14.18 -42.19 -3.40
C VAL A 278 13.98 -43.37 -2.43
N ASN A 279 12.78 -44.00 -2.46
CA ASN A 279 12.52 -45.17 -1.60
C ASN A 279 12.25 -46.41 -2.48
N PRO A 280 13.28 -47.24 -2.71
CA PRO A 280 13.12 -48.43 -3.58
C PRO A 280 12.23 -49.56 -3.01
N SER A 281 11.73 -49.42 -1.78
CA SER A 281 10.80 -50.41 -1.24
C SER A 281 9.33 -49.96 -1.44
N LEU A 282 9.15 -48.77 -2.04
CA LEU A 282 7.82 -48.18 -2.25
C LEU A 282 7.30 -48.25 -3.68
N GLY A 283 7.94 -49.04 -4.53
CA GLY A 283 7.43 -49.26 -5.88
C GLY A 283 6.34 -50.33 -5.84
N LYS A 284 5.24 -50.13 -6.59
CA LYS A 284 4.16 -51.13 -6.69
C LYS A 284 4.63 -52.34 -7.50
N THR A 285 5.57 -52.10 -8.43
CA THR A 285 6.18 -53.11 -9.30
C THR A 285 7.67 -52.84 -9.35
N PRO A 286 8.55 -53.82 -9.72
CA PRO A 286 9.97 -53.52 -9.85
C PRO A 286 10.25 -52.42 -10.87
N GLU A 287 9.42 -52.32 -11.94
CA GLU A 287 9.53 -51.29 -12.98
C GLU A 287 9.36 -49.87 -12.41
N GLU A 288 8.44 -49.69 -11.41
CA GLU A 288 8.22 -48.40 -10.76
C GLU A 288 9.50 -47.92 -10.03
N VAL A 289 10.23 -48.86 -9.42
CA VAL A 289 11.50 -48.61 -8.72
C VAL A 289 12.55 -48.19 -9.77
N THR A 290 12.72 -49.00 -10.86
CA THR A 290 13.70 -48.70 -11.90
C THR A 290 13.40 -47.37 -12.58
N ARG A 291 12.12 -47.02 -12.76
CA ARG A 291 11.68 -45.76 -13.36
C ARG A 291 12.12 -44.58 -12.48
N THR A 292 11.90 -44.69 -11.15
CA THR A 292 12.23 -43.66 -10.16
C THR A 292 13.76 -43.44 -10.13
N VAL A 293 14.52 -44.55 -10.04
CA VAL A 293 15.97 -44.55 -10.03
C VAL A 293 16.53 -43.97 -11.31
N ASN A 294 16.01 -44.40 -12.48
CA ASN A 294 16.44 -43.87 -13.78
C ASN A 294 16.16 -42.38 -13.90
N THR A 295 15.00 -41.91 -13.41
CA THR A 295 14.69 -40.48 -13.45
C THR A 295 15.68 -39.70 -12.58
N ALA A 296 15.91 -40.16 -11.34
CA ALA A 296 16.84 -39.55 -10.39
C ALA A 296 18.27 -39.49 -10.95
N VAL A 297 18.70 -40.54 -11.70
CA VAL A 297 20.01 -40.58 -12.35
C VAL A 297 20.07 -39.51 -13.46
N ALA A 298 19.03 -39.45 -14.32
CA ALA A 298 18.89 -38.49 -15.41
C ALA A 298 18.96 -37.05 -14.90
N ILE A 299 18.28 -36.76 -13.78
CA ILE A 299 18.30 -35.43 -13.14
C ILE A 299 19.72 -35.07 -12.75
N THR A 300 20.42 -36.01 -12.04
CA THR A 300 21.80 -35.83 -11.56
C THR A 300 22.75 -35.57 -12.71
N LEU A 301 22.66 -36.36 -13.81
CA LEU A 301 23.53 -36.19 -14.97
C LEU A 301 23.39 -34.81 -15.64
N ALA A 302 22.16 -34.27 -15.68
CA ALA A 302 21.89 -32.93 -16.24
C ALA A 302 22.53 -31.85 -15.37
N CYS A 303 22.61 -32.08 -14.03
CA CYS A 303 23.26 -31.12 -13.10
C CYS A 303 24.74 -30.98 -13.42
N PHE A 304 25.34 -32.02 -14.04
CA PHE A 304 26.76 -32.05 -14.34
C PHE A 304 27.10 -32.04 -15.84
N GLY A 305 26.19 -31.49 -16.64
CA GLY A 305 26.47 -31.23 -18.06
C GLY A 305 25.77 -31.98 -19.15
N LEU A 306 25.11 -33.12 -18.83
CA LEU A 306 24.40 -33.90 -19.85
C LEU A 306 23.24 -33.08 -20.42
N ALA A 307 23.28 -32.80 -21.72
CA ALA A 307 22.30 -31.97 -22.38
C ALA A 307 21.49 -32.73 -23.43
N ARG A 308 20.19 -32.45 -23.50
CA ARG A 308 19.30 -33.07 -24.49
C ARG A 308 19.67 -32.72 -25.94
N GLU A 309 20.23 -31.52 -26.21
CA GLU A 309 20.69 -31.13 -27.56
C GLU A 309 21.91 -31.94 -28.02
N GLY A 310 22.60 -32.58 -27.06
CA GLY A 310 23.79 -33.38 -27.29
C GLY A 310 24.99 -32.78 -26.60
N ASN A 311 26.09 -33.54 -26.59
CA ASN A 311 27.37 -33.16 -26.00
C ASN A 311 28.49 -33.74 -26.86
N HIS A 312 29.63 -33.05 -26.96
CA HIS A 312 30.80 -33.53 -27.68
C HIS A 312 32.10 -33.04 -27.00
N LYS A 313 33.20 -33.81 -27.17
CA LYS A 313 34.53 -33.47 -26.63
C LYS A 313 35.14 -32.36 -27.51
N PRO A 314 36.06 -31.51 -26.99
CA PRO A 314 36.64 -30.45 -27.86
C PRO A 314 37.71 -30.97 -28.84
N ILE A 315 37.26 -31.78 -29.83
CA ILE A 315 38.04 -32.40 -30.89
C ILE A 315 37.29 -32.28 -32.22
N ASP A 316 37.99 -32.46 -33.36
CA ASP A 316 37.37 -32.42 -34.67
C ASP A 316 36.85 -33.81 -35.00
N TYR A 317 35.51 -33.96 -34.98
CA TYR A 317 34.85 -35.23 -35.26
C TYR A 317 34.81 -35.54 -36.76
N LEU A 318 34.94 -34.48 -37.62
CA LEU A 318 34.94 -34.66 -39.08
C LEU A 318 36.33 -35.03 -39.66
N ASN A 319 37.35 -35.15 -38.78
CA ASN A 319 38.71 -35.52 -39.17
C ASN A 319 39.22 -36.67 -38.32
N ALA B 3 -17.46 -16.85 3.69
CA ALA B 3 -17.36 -15.89 2.59
C ALA B 3 -18.27 -16.31 1.42
N LYS B 4 -18.71 -15.34 0.60
CA LYS B 4 -19.60 -15.54 -0.56
C LYS B 4 -19.06 -16.58 -1.54
N SER B 5 -17.75 -16.52 -1.84
CA SER B 5 -17.06 -17.46 -2.73
C SER B 5 -16.94 -18.89 -2.15
N ARG B 6 -17.27 -19.06 -0.84
CA ARG B 6 -17.24 -20.36 -0.17
C ARG B 6 -18.61 -20.74 0.44
N THR B 7 -19.70 -20.08 0.00
CA THR B 7 -21.07 -20.37 0.45
C THR B 7 -21.75 -21.14 -0.71
N ILE B 8 -22.01 -22.44 -0.47
CA ILE B 8 -22.46 -23.40 -1.50
C ILE B 8 -23.78 -24.09 -1.21
N GLY B 9 -24.57 -24.28 -2.29
CA GLY B 9 -25.81 -25.03 -2.30
C GLY B 9 -25.65 -26.18 -3.29
N ILE B 10 -25.55 -27.43 -2.76
CA ILE B 10 -25.35 -28.66 -3.51
C ILE B 10 -26.66 -29.16 -4.08
N ILE B 11 -26.69 -29.41 -5.39
CA ILE B 11 -27.85 -29.99 -6.05
C ILE B 11 -27.41 -31.24 -6.80
N GLY B 12 -27.98 -32.37 -6.42
CA GLY B 12 -27.75 -33.62 -7.13
C GLY B 12 -28.74 -33.69 -8.27
N ALA B 13 -28.24 -33.97 -9.48
CA ALA B 13 -29.10 -34.08 -10.66
C ALA B 13 -28.82 -35.42 -11.33
N PRO B 14 -29.35 -36.53 -10.74
CA PRO B 14 -29.06 -37.87 -11.31
C PRO B 14 -29.88 -38.15 -12.55
N PHE B 15 -29.45 -37.58 -13.68
CA PHE B 15 -30.18 -37.69 -14.93
C PHE B 15 -29.28 -38.19 -16.05
N SER B 16 -29.79 -39.14 -16.84
CA SER B 16 -28.99 -39.75 -17.92
C SER B 16 -29.61 -39.72 -19.31
N LYS B 17 -30.90 -39.38 -19.41
CA LYS B 17 -31.63 -39.46 -20.68
C LYS B 17 -31.23 -38.40 -21.76
N GLY B 18 -30.25 -37.56 -21.49
CA GLY B 18 -29.75 -36.66 -22.52
C GLY B 18 -28.73 -37.35 -23.41
N GLN B 19 -28.33 -38.59 -23.05
CA GLN B 19 -27.35 -39.39 -23.80
C GLN B 19 -27.70 -40.91 -23.74
N PRO B 20 -27.11 -41.81 -24.57
CA PRO B 20 -27.55 -43.21 -24.54
C PRO B 20 -26.91 -44.14 -23.50
N ARG B 21 -25.79 -43.75 -22.88
CA ARG B 21 -25.05 -44.63 -21.96
C ARG B 21 -25.53 -44.56 -20.51
N GLY B 22 -26.02 -45.70 -20.00
CA GLY B 22 -26.46 -45.83 -18.62
C GLY B 22 -25.31 -45.71 -17.63
N GLY B 23 -25.60 -45.12 -16.47
CA GLY B 23 -24.64 -44.93 -15.39
C GLY B 23 -24.33 -43.51 -14.95
N VAL B 24 -24.44 -42.53 -15.86
CA VAL B 24 -24.14 -41.12 -15.58
C VAL B 24 -25.05 -40.55 -14.47
N GLU B 25 -26.23 -41.18 -14.24
CA GLU B 25 -27.17 -40.80 -13.19
C GLU B 25 -26.58 -41.15 -11.79
N GLU B 26 -25.54 -41.99 -11.73
CA GLU B 26 -24.86 -42.34 -10.49
C GLU B 26 -23.74 -41.35 -10.11
N GLY B 27 -23.52 -40.34 -10.96
CA GLY B 27 -22.54 -39.27 -10.75
C GLY B 27 -22.68 -38.58 -9.40
N PRO B 28 -23.90 -38.08 -9.00
CA PRO B 28 -24.02 -37.44 -7.68
C PRO B 28 -23.70 -38.38 -6.50
N THR B 29 -24.09 -39.68 -6.60
CA THR B 29 -23.86 -40.71 -5.58
C THR B 29 -22.34 -40.90 -5.32
N VAL B 30 -21.57 -41.15 -6.39
CA VAL B 30 -20.15 -41.44 -6.32
C VAL B 30 -19.33 -40.19 -5.88
N LEU B 31 -19.73 -38.95 -6.31
CA LEU B 31 -19.06 -37.73 -5.87
C LEU B 31 -19.27 -37.48 -4.36
N ARG B 32 -20.49 -37.80 -3.86
CA ARG B 32 -20.83 -37.68 -2.43
C ARG B 32 -20.04 -38.72 -1.62
N LYS B 33 -20.02 -39.99 -2.10
CA LYS B 33 -19.32 -41.12 -1.46
C LYS B 33 -17.82 -40.84 -1.28
N ALA B 34 -17.23 -40.06 -2.23
CA ALA B 34 -15.81 -39.67 -2.18
C ALA B 34 -15.50 -38.63 -1.10
N GLY B 35 -16.55 -38.10 -0.46
CA GLY B 35 -16.42 -37.14 0.64
C GLY B 35 -16.34 -35.69 0.25
N LEU B 36 -16.95 -35.32 -0.90
CA LEU B 36 -16.95 -33.96 -1.41
C LEU B 36 -17.48 -32.94 -0.39
N LEU B 37 -18.63 -33.23 0.25
CA LEU B 37 -19.26 -32.33 1.22
C LEU B 37 -18.36 -32.08 2.42
N GLU B 38 -17.78 -33.14 2.98
CA GLU B 38 -16.86 -33.10 4.13
C GLU B 38 -15.57 -32.33 3.77
N LYS B 39 -15.02 -32.60 2.56
CA LYS B 39 -13.81 -31.94 2.07
C LYS B 39 -14.02 -30.42 1.89
N LEU B 40 -15.22 -30.01 1.44
CA LEU B 40 -15.56 -28.61 1.25
C LEU B 40 -15.67 -27.90 2.60
N LYS B 41 -16.28 -28.57 3.61
CA LYS B 41 -16.42 -28.02 4.97
C LYS B 41 -15.06 -27.84 5.66
N GLU B 42 -14.10 -28.74 5.35
CA GLU B 42 -12.72 -28.69 5.87
C GLU B 42 -11.91 -27.52 5.26
N GLN B 43 -12.43 -26.97 4.18
CA GLN B 43 -11.86 -25.89 3.38
C GLN B 43 -12.55 -24.53 3.72
N GLU B 44 -13.19 -24.45 4.90
CA GLU B 44 -13.89 -23.27 5.42
C GLU B 44 -15.12 -22.86 4.57
N CYS B 45 -15.81 -23.86 3.97
CA CYS B 45 -17.02 -23.64 3.19
C CYS B 45 -18.28 -23.82 4.05
N ASP B 46 -19.31 -23.01 3.75
CA ASP B 46 -20.64 -23.09 4.34
C ASP B 46 -21.42 -23.89 3.29
N VAL B 47 -21.62 -25.20 3.57
CA VAL B 47 -22.26 -26.14 2.65
C VAL B 47 -23.67 -26.53 3.09
N LYS B 48 -24.65 -26.37 2.18
CA LYS B 48 -26.05 -26.77 2.39
C LYS B 48 -26.35 -27.70 1.22
N ASP B 49 -26.86 -28.90 1.55
CA ASP B 49 -27.17 -29.91 0.58
C ASP B 49 -28.67 -29.94 0.31
N TYR B 50 -29.06 -29.60 -0.92
CA TYR B 50 -30.47 -29.55 -1.36
C TYR B 50 -30.99 -30.92 -1.82
N GLY B 51 -30.16 -31.94 -1.66
CA GLY B 51 -30.47 -33.33 -2.03
C GLY B 51 -30.44 -33.61 -3.51
N ASP B 52 -30.88 -34.81 -3.90
CA ASP B 52 -30.92 -35.25 -5.28
C ASP B 52 -32.33 -35.07 -5.82
N LEU B 53 -32.47 -34.33 -6.93
CA LEU B 53 -33.75 -34.08 -7.56
C LEU B 53 -34.41 -35.37 -8.05
N PRO B 54 -35.72 -35.54 -7.71
CA PRO B 54 -36.44 -36.72 -8.22
C PRO B 54 -36.86 -36.41 -9.66
N PHE B 55 -36.39 -37.23 -10.58
CA PHE B 55 -36.76 -37.04 -11.98
C PHE B 55 -37.72 -38.16 -12.30
N ALA B 56 -38.99 -37.95 -11.93
CA ALA B 56 -40.10 -38.89 -12.15
C ALA B 56 -40.11 -39.30 -13.61
N ASP B 57 -40.23 -40.62 -13.84
CA ASP B 57 -40.18 -41.19 -15.18
C ASP B 57 -41.25 -40.63 -16.12
N ILE B 58 -40.87 -40.37 -17.37
CA ILE B 58 -41.79 -39.92 -18.41
C ILE B 58 -41.93 -41.06 -19.44
N PRO B 59 -42.94 -41.93 -19.29
CA PRO B 59 -43.13 -43.01 -20.27
C PRO B 59 -43.76 -42.46 -21.55
N ASN B 60 -43.62 -43.19 -22.69
CA ASN B 60 -44.15 -42.79 -24.02
C ASN B 60 -43.50 -41.50 -24.59
N ASP B 61 -42.32 -41.13 -24.08
CA ASP B 61 -41.52 -39.99 -24.52
C ASP B 61 -40.85 -40.30 -25.89
N SER B 62 -41.67 -40.27 -26.92
CA SER B 62 -41.30 -40.54 -28.31
C SER B 62 -40.31 -39.47 -28.84
N PRO B 63 -39.41 -39.80 -29.77
CA PRO B 63 -38.48 -38.78 -30.25
C PRO B 63 -39.07 -37.66 -31.11
N PHE B 64 -38.46 -36.46 -31.04
CA PHE B 64 -38.82 -35.33 -31.89
C PHE B 64 -37.83 -35.45 -33.03
N GLN B 65 -38.31 -35.92 -34.21
CA GLN B 65 -37.45 -36.21 -35.38
C GLN B 65 -36.40 -37.27 -34.93
N ILE B 66 -35.10 -36.92 -34.86
CA ILE B 66 -34.05 -37.85 -34.42
C ILE B 66 -33.67 -37.60 -32.93
N VAL B 67 -34.18 -36.50 -32.35
CA VAL B 67 -33.90 -36.07 -30.97
C VAL B 67 -34.57 -37.02 -29.92
N LYS B 68 -33.75 -37.74 -29.12
CA LYS B 68 -34.21 -38.73 -28.14
C LYS B 68 -34.56 -38.14 -26.79
N ASN B 69 -35.62 -38.73 -26.16
CA ASN B 69 -36.22 -38.40 -24.85
C ASN B 69 -36.41 -36.89 -24.66
N PRO B 70 -37.03 -36.14 -25.60
CA PRO B 70 -37.12 -34.67 -25.44
C PRO B 70 -37.88 -34.20 -24.21
N ARG B 71 -39.02 -34.86 -23.85
CA ARG B 71 -39.83 -34.46 -22.70
C ARG B 71 -39.10 -34.70 -21.40
N SER B 72 -38.37 -35.84 -21.29
CA SER B 72 -37.57 -36.17 -20.09
C SER B 72 -36.45 -35.12 -19.86
N VAL B 73 -35.68 -34.83 -20.91
CA VAL B 73 -34.59 -33.84 -20.87
C VAL B 73 -35.15 -32.44 -20.58
N GLY B 74 -36.24 -32.07 -21.27
CA GLY B 74 -36.91 -30.78 -21.08
C GLY B 74 -37.40 -30.58 -19.66
N LYS B 75 -38.08 -31.60 -19.10
CA LYS B 75 -38.61 -31.54 -17.74
C LYS B 75 -37.52 -31.52 -16.68
N ALA B 76 -36.48 -32.38 -16.81
CA ALA B 76 -35.35 -32.44 -15.87
C ALA B 76 -34.67 -31.06 -15.79
N SER B 77 -34.44 -30.41 -16.95
CA SER B 77 -33.86 -29.09 -17.01
C SER B 77 -34.81 -28.04 -16.44
N GLU B 78 -36.13 -28.14 -16.70
CA GLU B 78 -37.12 -27.22 -16.14
C GLU B 78 -37.11 -27.27 -14.61
N GLN B 79 -37.10 -28.48 -14.02
CA GLN B 79 -37.04 -28.70 -12.56
C GLN B 79 -35.71 -28.16 -11.99
N LEU B 80 -34.58 -28.46 -12.68
CA LEU B 80 -33.26 -28.01 -12.24
C LEU B 80 -33.19 -26.49 -12.22
N ALA B 81 -33.77 -25.84 -13.24
CA ALA B 81 -33.83 -24.39 -13.33
C ALA B 81 -34.50 -23.81 -12.08
N GLY B 82 -35.65 -24.36 -11.69
CA GLY B 82 -36.37 -23.95 -10.48
C GLY B 82 -35.54 -24.12 -9.22
N LYS B 83 -34.85 -25.27 -9.08
CA LYS B 83 -34.00 -25.57 -7.93
C LYS B 83 -32.76 -24.66 -7.85
N VAL B 84 -32.07 -24.41 -8.99
CA VAL B 84 -30.89 -23.54 -9.07
C VAL B 84 -31.30 -22.11 -8.69
N ALA B 85 -32.46 -21.63 -9.22
CA ALA B 85 -33.00 -20.29 -8.92
C ALA B 85 -33.24 -20.15 -7.39
N GLU B 86 -33.79 -21.19 -6.73
CA GLU B 86 -34.04 -21.27 -5.29
C GLU B 86 -32.71 -21.12 -4.51
N VAL B 87 -31.66 -21.89 -4.91
CA VAL B 87 -30.32 -21.86 -4.32
C VAL B 87 -29.72 -20.46 -4.47
N LYS B 88 -29.79 -19.88 -5.69
CA LYS B 88 -29.32 -18.53 -5.99
C LYS B 88 -30.00 -17.46 -5.15
N LYS B 89 -31.34 -17.57 -4.94
CA LYS B 89 -32.12 -16.65 -4.09
C LYS B 89 -31.71 -16.73 -2.61
N ASN B 90 -31.20 -17.89 -2.17
CA ASN B 90 -30.68 -18.16 -0.82
C ASN B 90 -29.22 -17.67 -0.60
N GLY B 91 -28.68 -16.92 -1.58
CA GLY B 91 -27.33 -16.38 -1.55
C GLY B 91 -26.22 -17.41 -1.53
N ARG B 92 -26.42 -18.52 -2.27
CA ARG B 92 -25.40 -19.58 -2.33
C ARG B 92 -24.94 -19.81 -3.77
N ILE B 93 -23.72 -20.34 -3.95
CA ILE B 93 -23.21 -20.71 -5.25
C ILE B 93 -23.84 -22.08 -5.51
N SER B 94 -24.57 -22.22 -6.63
CA SER B 94 -25.19 -23.50 -6.96
C SER B 94 -24.12 -24.45 -7.50
N LEU B 95 -24.07 -25.66 -6.96
CA LEU B 95 -23.14 -26.71 -7.36
C LEU B 95 -23.98 -27.89 -7.82
N VAL B 96 -24.11 -28.04 -9.13
CA VAL B 96 -24.87 -29.11 -9.77
C VAL B 96 -23.97 -30.31 -10.03
N LEU B 97 -24.33 -31.45 -9.42
CA LEU B 97 -23.61 -32.70 -9.61
C LEU B 97 -24.43 -33.51 -10.61
N GLY B 98 -23.94 -33.60 -11.83
CA GLY B 98 -24.57 -34.36 -12.89
C GLY B 98 -24.23 -35.83 -12.78
N GLY B 99 -24.85 -36.70 -13.58
CA GLY B 99 -25.81 -36.35 -14.63
C GLY B 99 -25.14 -35.93 -15.93
N ASP B 100 -25.85 -36.13 -17.07
CA ASP B 100 -25.29 -35.69 -18.36
C ASP B 100 -25.35 -34.16 -18.51
N HIS B 101 -24.61 -33.61 -19.47
CA HIS B 101 -24.47 -32.18 -19.71
C HIS B 101 -25.73 -31.49 -20.28
N SER B 102 -26.81 -32.23 -20.59
CA SER B 102 -28.06 -31.62 -21.09
C SER B 102 -28.67 -30.75 -20.01
N LEU B 103 -28.36 -31.11 -18.76
CA LEU B 103 -28.80 -30.42 -17.55
C LEU B 103 -28.31 -28.95 -17.46
N ALA B 104 -27.28 -28.56 -18.26
CA ALA B 104 -26.78 -27.18 -18.35
C ALA B 104 -27.91 -26.24 -18.79
N ILE B 105 -28.85 -26.71 -19.64
CA ILE B 105 -30.02 -25.91 -20.07
C ILE B 105 -30.70 -25.38 -18.81
N GLY B 106 -31.04 -26.27 -17.88
CA GLY B 106 -31.70 -25.92 -16.63
C GLY B 106 -30.82 -25.17 -15.66
N SER B 107 -29.56 -25.61 -15.51
CA SER B 107 -28.59 -24.96 -14.63
C SER B 107 -28.36 -23.50 -14.99
N ILE B 108 -28.01 -23.20 -16.26
CA ILE B 108 -27.76 -21.82 -16.71
C ILE B 108 -29.09 -20.99 -16.76
N SER B 109 -30.20 -21.58 -17.27
CA SER B 109 -31.50 -20.87 -17.30
C SER B 109 -31.93 -20.43 -15.90
N GLY B 110 -31.81 -21.32 -14.91
CA GLY B 110 -32.14 -21.07 -13.50
C GLY B 110 -31.25 -20.04 -12.85
N HIS B 111 -29.95 -20.12 -13.15
CA HIS B 111 -28.95 -19.19 -12.65
C HIS B 111 -29.22 -17.77 -13.23
N ALA B 112 -29.49 -17.70 -14.57
CA ALA B 112 -29.81 -16.46 -15.27
C ALA B 112 -31.10 -15.76 -14.78
N ARG B 113 -32.04 -16.49 -14.16
CA ARG B 113 -33.28 -15.91 -13.62
C ARG B 113 -32.98 -14.96 -12.48
N VAL B 114 -31.96 -15.29 -11.66
CA VAL B 114 -31.55 -14.49 -10.52
C VAL B 114 -30.43 -13.52 -10.94
N HIS B 115 -29.53 -13.98 -11.82
CA HIS B 115 -28.41 -13.18 -12.33
C HIS B 115 -28.39 -13.12 -13.88
N PRO B 116 -29.20 -12.22 -14.50
CA PRO B 116 -29.25 -12.18 -15.98
C PRO B 116 -27.97 -11.70 -16.69
N ASP B 117 -27.05 -11.06 -15.96
CA ASP B 117 -25.78 -10.53 -16.46
C ASP B 117 -24.62 -11.58 -16.37
N LEU B 118 -24.92 -12.85 -16.08
CA LEU B 118 -23.88 -13.88 -15.96
C LEU B 118 -23.08 -14.15 -17.27
N GLY B 119 -21.82 -14.56 -17.07
CA GLY B 119 -20.90 -14.99 -18.13
C GLY B 119 -20.67 -16.47 -17.95
N VAL B 120 -20.51 -17.22 -19.07
CA VAL B 120 -20.30 -18.66 -18.99
C VAL B 120 -18.88 -19.03 -19.44
N ILE B 121 -18.22 -19.91 -18.66
CA ILE B 121 -16.96 -20.55 -18.99
C ILE B 121 -17.36 -22.03 -19.17
N TRP B 122 -17.15 -22.56 -20.39
CA TRP B 122 -17.52 -23.92 -20.76
C TRP B 122 -16.28 -24.77 -21.00
N VAL B 123 -15.94 -25.63 -20.01
CA VAL B 123 -14.74 -26.49 -20.07
C VAL B 123 -15.15 -27.86 -20.56
N ASP B 124 -14.63 -28.24 -21.76
CA ASP B 124 -15.15 -29.43 -22.42
C ASP B 124 -14.36 -29.77 -23.66
N ALA B 125 -14.36 -31.05 -24.05
CA ALA B 125 -13.74 -31.47 -25.32
C ALA B 125 -14.64 -31.04 -26.48
N HIS B 126 -15.93 -30.82 -26.20
CA HIS B 126 -16.97 -30.50 -27.20
C HIS B 126 -17.68 -29.19 -26.98
N THR B 127 -18.24 -28.60 -28.05
CA THR B 127 -19.00 -27.35 -28.01
C THR B 127 -20.46 -27.53 -27.47
N ASP B 128 -21.08 -28.72 -27.63
CA ASP B 128 -22.48 -29.01 -27.22
C ASP B 128 -23.48 -27.97 -27.79
N ILE B 129 -23.19 -27.45 -28.97
CA ILE B 129 -23.94 -26.35 -29.60
C ILE B 129 -24.72 -26.80 -30.82
N ASN B 130 -24.84 -28.13 -31.02
CA ASN B 130 -25.70 -28.61 -32.10
C ASN B 130 -27.11 -28.17 -31.78
N THR B 131 -27.91 -27.84 -32.81
CA THR B 131 -29.32 -27.49 -32.66
C THR B 131 -30.09 -28.83 -32.84
N PRO B 132 -31.40 -28.97 -32.49
CA PRO B 132 -32.13 -30.21 -32.80
C PRO B 132 -32.14 -30.58 -34.29
N LEU B 133 -31.76 -29.64 -35.19
CA LEU B 133 -31.71 -29.82 -36.65
C LEU B 133 -30.30 -30.09 -37.21
N THR B 134 -29.22 -29.62 -36.55
CA THR B 134 -27.86 -29.95 -37.05
C THR B 134 -27.39 -31.28 -36.47
N THR B 135 -27.87 -31.65 -35.27
CA THR B 135 -27.50 -32.90 -34.59
C THR B 135 -27.65 -34.14 -35.51
N THR B 136 -26.68 -35.07 -35.43
CA THR B 136 -26.74 -36.31 -36.20
C THR B 136 -26.99 -37.51 -35.29
N SER B 137 -26.75 -37.34 -33.98
CA SER B 137 -26.93 -38.40 -32.98
C SER B 137 -28.30 -38.33 -32.35
N GLY B 138 -28.87 -37.12 -32.29
CA GLY B 138 -30.15 -36.86 -31.64
C GLY B 138 -30.05 -36.87 -30.11
N ASN B 139 -28.79 -36.87 -29.56
CA ASN B 139 -28.54 -36.85 -28.12
C ASN B 139 -28.50 -35.44 -27.62
N LEU B 140 -29.45 -35.10 -26.72
CA LEU B 140 -29.63 -33.75 -26.22
C LEU B 140 -28.46 -33.22 -25.43
N HIS B 141 -27.55 -34.09 -24.91
CA HIS B 141 -26.35 -33.60 -24.18
C HIS B 141 -25.35 -32.86 -25.10
N GLY B 142 -25.49 -33.03 -26.42
CA GLY B 142 -24.65 -32.37 -27.41
C GLY B 142 -25.30 -31.11 -27.97
N GLN B 143 -26.40 -30.66 -27.34
CA GLN B 143 -27.21 -29.52 -27.76
C GLN B 143 -27.51 -28.44 -26.69
N PRO B 144 -27.09 -28.52 -25.38
CA PRO B 144 -27.51 -27.49 -24.42
C PRO B 144 -27.27 -26.03 -24.81
N VAL B 145 -26.10 -25.74 -25.41
CA VAL B 145 -25.73 -24.38 -25.77
C VAL B 145 -26.67 -23.78 -26.84
N SER B 146 -27.12 -24.58 -27.84
CA SER B 146 -28.01 -24.05 -28.88
C SER B 146 -29.28 -23.43 -28.29
N PHE B 147 -29.88 -24.09 -27.26
CA PHE B 147 -31.09 -23.68 -26.54
C PHE B 147 -30.89 -22.41 -25.70
N LEU B 148 -29.63 -22.15 -25.27
CA LEU B 148 -29.34 -21.01 -24.40
C LEU B 148 -28.98 -19.71 -25.12
N LEU B 149 -28.46 -19.80 -26.38
CA LEU B 149 -28.01 -18.62 -27.12
C LEU B 149 -29.10 -17.80 -27.76
N LYS B 150 -29.09 -16.47 -27.52
CA LYS B 150 -30.05 -15.52 -28.09
C LYS B 150 -29.96 -15.46 -29.63
N GLU B 151 -28.74 -15.54 -30.16
CA GLU B 151 -28.47 -15.47 -31.61
C GLU B 151 -29.01 -16.68 -32.39
N LEU B 152 -29.34 -17.79 -31.69
CA LEU B 152 -29.88 -18.98 -32.32
C LEU B 152 -31.42 -19.08 -32.23
N LYS B 153 -32.07 -17.98 -31.80
CA LYS B 153 -33.53 -17.90 -31.72
C LYS B 153 -34.03 -17.85 -33.15
N GLY B 154 -34.89 -18.80 -33.48
CA GLY B 154 -35.42 -18.95 -34.84
C GLY B 154 -34.80 -20.13 -35.56
N LYS B 155 -33.73 -20.71 -34.96
CA LYS B 155 -33.00 -21.86 -35.49
C LYS B 155 -33.34 -23.11 -34.66
N ILE B 156 -33.98 -22.90 -33.51
CA ILE B 156 -34.39 -23.99 -32.62
C ILE B 156 -35.87 -24.28 -32.90
N PRO B 157 -36.23 -25.52 -33.34
CA PRO B 157 -37.66 -25.80 -33.58
C PRO B 157 -38.40 -26.02 -32.25
N ASP B 158 -39.73 -26.12 -32.31
CA ASP B 158 -40.56 -26.33 -31.12
C ASP B 158 -40.47 -27.80 -30.68
N VAL B 159 -39.49 -28.08 -29.82
CA VAL B 159 -39.19 -29.42 -29.30
C VAL B 159 -40.07 -29.68 -28.06
N PRO B 160 -40.84 -30.80 -28.03
CA PRO B 160 -41.66 -31.11 -26.84
C PRO B 160 -40.85 -31.18 -25.55
N GLY B 161 -41.33 -30.46 -24.53
CA GLY B 161 -40.68 -30.36 -23.23
C GLY B 161 -39.87 -29.10 -23.03
N PHE B 162 -39.65 -28.31 -24.10
CA PHE B 162 -38.79 -27.11 -24.07
C PHE B 162 -39.50 -25.75 -24.29
N SER B 163 -40.84 -25.70 -24.18
CA SER B 163 -41.59 -24.43 -24.36
C SER B 163 -41.31 -23.39 -23.27
N TRP B 164 -40.81 -23.85 -22.11
CA TRP B 164 -40.43 -22.97 -20.99
C TRP B 164 -39.13 -22.17 -21.25
N VAL B 165 -38.27 -22.68 -22.17
CA VAL B 165 -36.95 -22.11 -22.49
C VAL B 165 -37.03 -20.77 -23.24
N THR B 166 -36.33 -19.76 -22.70
CA THR B 166 -36.13 -18.46 -23.30
C THR B 166 -34.60 -18.30 -23.33
N PRO B 167 -33.97 -18.14 -24.52
CA PRO B 167 -32.51 -17.99 -24.57
C PRO B 167 -32.06 -16.84 -23.69
N CYS B 168 -31.15 -17.13 -22.75
CA CYS B 168 -30.71 -16.17 -21.72
C CYS B 168 -29.29 -15.64 -21.90
N ILE B 169 -28.49 -16.20 -22.83
CA ILE B 169 -27.10 -15.75 -23.01
C ILE B 169 -26.81 -15.36 -24.46
N SER B 170 -26.00 -14.31 -24.64
CA SER B 170 -25.56 -13.85 -25.97
C SER B 170 -24.26 -14.58 -26.28
N ALA B 171 -23.94 -14.73 -27.58
CA ALA B 171 -22.74 -15.39 -28.07
C ALA B 171 -21.46 -14.83 -27.47
N LYS B 172 -21.47 -13.53 -27.14
CA LYS B 172 -20.34 -12.78 -26.55
C LYS B 172 -20.17 -13.03 -25.04
N ASP B 173 -21.13 -13.73 -24.41
CA ASP B 173 -21.10 -14.00 -22.96
C ASP B 173 -20.63 -15.41 -22.60
N ILE B 174 -20.02 -16.14 -23.55
CA ILE B 174 -19.57 -17.52 -23.34
C ILE B 174 -18.14 -17.71 -23.86
N VAL B 175 -17.32 -18.44 -23.09
CA VAL B 175 -15.96 -18.78 -23.49
C VAL B 175 -15.78 -20.29 -23.34
N TYR B 176 -15.35 -20.95 -24.41
CA TYR B 176 -15.05 -22.38 -24.42
C TYR B 176 -13.58 -22.59 -24.17
N ILE B 177 -13.24 -23.63 -23.40
CA ILE B 177 -11.86 -24.03 -23.10
C ILE B 177 -11.73 -25.55 -23.21
N GLY B 178 -10.85 -26.03 -24.06
CA GLY B 178 -10.56 -27.46 -24.14
C GLY B 178 -11.04 -28.20 -25.36
N LEU B 179 -11.67 -27.48 -26.29
CA LEU B 179 -12.27 -28.07 -27.49
C LEU B 179 -11.29 -28.85 -28.34
N ARG B 180 -11.72 -30.02 -28.81
CA ARG B 180 -10.91 -30.90 -29.64
C ARG B 180 -11.73 -31.92 -30.46
N ASP B 181 -13.09 -31.90 -30.36
CA ASP B 181 -14.01 -32.82 -31.05
C ASP B 181 -15.33 -32.08 -31.38
N VAL B 182 -15.28 -31.30 -32.48
CA VAL B 182 -16.36 -30.43 -32.93
C VAL B 182 -16.98 -30.88 -34.23
N ASP B 183 -18.31 -31.07 -34.25
CA ASP B 183 -19.06 -31.48 -35.45
C ASP B 183 -19.03 -30.35 -36.52
N PRO B 184 -19.17 -30.66 -37.83
CA PRO B 184 -19.17 -29.60 -38.86
C PRO B 184 -20.15 -28.46 -38.63
N GLY B 185 -21.40 -28.81 -38.30
CA GLY B 185 -22.47 -27.85 -38.02
C GLY B 185 -22.14 -26.96 -36.85
N GLU B 186 -21.49 -27.56 -35.84
CA GLU B 186 -21.10 -26.85 -34.64
C GLU B 186 -20.00 -25.84 -34.95
N HIS B 187 -18.98 -26.28 -35.75
CA HIS B 187 -17.87 -25.42 -36.15
C HIS B 187 -18.37 -24.21 -36.95
N TYR B 188 -19.36 -24.43 -37.83
CA TYR B 188 -20.01 -23.37 -38.61
C TYR B 188 -20.66 -22.36 -37.62
N ILE B 189 -21.45 -22.84 -36.65
CA ILE B 189 -22.13 -22.00 -35.65
C ILE B 189 -21.10 -21.19 -34.87
N LEU B 190 -20.07 -21.89 -34.35
CA LEU B 190 -18.97 -21.31 -33.57
C LEU B 190 -18.28 -20.16 -34.33
N LYS B 191 -17.99 -20.35 -35.62
CA LYS B 191 -17.33 -19.33 -36.43
C LYS B 191 -18.27 -18.20 -36.88
N THR B 192 -19.51 -18.53 -37.29
CA THR B 192 -20.47 -17.50 -37.77
C THR B 192 -21.00 -16.60 -36.66
N LEU B 193 -21.12 -17.11 -35.43
CA LEU B 193 -21.59 -16.30 -34.31
C LEU B 193 -20.45 -15.53 -33.61
N GLY B 194 -19.22 -15.85 -33.97
CA GLY B 194 -18.01 -15.23 -33.43
C GLY B 194 -17.79 -15.50 -31.96
N ILE B 195 -18.18 -16.70 -31.48
CA ILE B 195 -18.01 -17.11 -30.07
C ILE B 195 -16.51 -17.22 -29.76
N LYS B 196 -16.10 -16.71 -28.58
CA LYS B 196 -14.73 -16.79 -28.11
C LYS B 196 -14.48 -18.23 -27.65
N TYR B 197 -13.39 -18.84 -28.10
CA TYR B 197 -13.02 -20.21 -27.75
C TYR B 197 -11.52 -20.38 -27.70
N PHE B 198 -11.09 -21.32 -26.88
CA PHE B 198 -9.71 -21.73 -26.75
C PHE B 198 -9.73 -23.25 -26.91
N SER B 199 -9.59 -23.72 -28.17
CA SER B 199 -9.52 -25.14 -28.44
C SER B 199 -8.14 -25.58 -27.92
N MET B 200 -7.85 -26.92 -27.91
CA MET B 200 -6.54 -27.42 -27.49
C MET B 200 -5.40 -26.74 -28.25
N THR B 201 -5.65 -26.34 -29.53
CA THR B 201 -4.71 -25.61 -30.40
C THR B 201 -4.29 -24.28 -29.76
N GLU B 202 -5.27 -23.47 -29.27
CA GLU B 202 -4.98 -22.19 -28.62
C GLU B 202 -4.29 -22.44 -27.26
N VAL B 203 -4.71 -23.48 -26.52
CA VAL B 203 -4.09 -23.84 -25.23
C VAL B 203 -2.60 -24.18 -25.48
N ASP B 204 -2.30 -24.94 -26.57
CA ASP B 204 -0.92 -25.29 -26.94
C ASP B 204 -0.11 -24.07 -27.34
N ARG B 205 -0.72 -23.16 -28.13
CA ARG B 205 -0.11 -21.93 -28.62
C ARG B 205 0.22 -20.97 -27.49
N LEU B 206 -0.78 -20.65 -26.66
CA LEU B 206 -0.67 -19.63 -25.64
C LEU B 206 -0.17 -20.06 -24.29
N GLY B 207 -0.53 -21.26 -23.87
CA GLY B 207 -0.27 -21.74 -22.51
C GLY B 207 -1.51 -21.41 -21.70
N ILE B 208 -1.84 -22.25 -20.70
CA ILE B 208 -3.03 -22.05 -19.87
C ILE B 208 -3.06 -20.67 -19.12
N GLY B 209 -1.88 -20.10 -18.81
CA GLY B 209 -1.75 -18.80 -18.17
C GLY B 209 -2.39 -17.69 -19.01
N LYS B 210 -1.99 -17.60 -20.29
CA LYS B 210 -2.51 -16.61 -21.24
C LYS B 210 -3.98 -16.89 -21.55
N VAL B 211 -4.38 -18.18 -21.66
CA VAL B 211 -5.77 -18.60 -21.90
C VAL B 211 -6.69 -18.04 -20.80
N MET B 212 -6.32 -18.22 -19.53
CA MET B 212 -7.11 -17.72 -18.40
C MET B 212 -7.15 -16.20 -18.32
N GLU B 213 -5.99 -15.55 -18.54
CA GLU B 213 -5.86 -14.09 -18.57
C GLU B 213 -6.84 -13.50 -19.63
N GLU B 214 -6.85 -14.09 -20.83
CA GLU B 214 -7.73 -13.68 -21.94
C GLU B 214 -9.18 -13.96 -21.65
N THR B 215 -9.51 -15.17 -21.10
CA THR B 215 -10.88 -15.58 -20.75
C THR B 215 -11.49 -14.62 -19.74
N LEU B 216 -10.79 -14.36 -18.61
CA LEU B 216 -11.32 -13.49 -17.56
C LEU B 216 -11.39 -12.05 -18.00
N SER B 217 -10.43 -11.58 -18.83
CA SER B 217 -10.46 -10.20 -19.34
C SER B 217 -11.64 -10.03 -20.31
N TYR B 218 -11.84 -11.01 -21.19
CA TYR B 218 -12.93 -11.00 -22.18
C TYR B 218 -14.31 -10.94 -21.51
N LEU B 219 -14.49 -11.68 -20.40
CA LEU B 219 -15.79 -11.70 -19.69
C LEU B 219 -15.96 -10.62 -18.67
N LEU B 220 -14.90 -10.22 -17.97
CA LEU B 220 -14.98 -9.26 -16.85
C LEU B 220 -14.39 -7.86 -17.10
N GLY B 221 -13.70 -7.67 -18.21
CA GLY B 221 -13.08 -6.39 -18.59
C GLY B 221 -13.95 -5.14 -18.56
N ARG B 222 -15.21 -5.26 -19.06
CA ARG B 222 -16.23 -4.21 -19.10
C ARG B 222 -16.65 -3.83 -17.67
N LYS B 223 -16.94 -4.86 -16.84
CA LYS B 223 -17.33 -4.77 -15.43
C LYS B 223 -17.47 -6.15 -14.82
N LYS B 224 -17.29 -6.25 -13.48
CA LYS B 224 -17.45 -7.49 -12.71
C LYS B 224 -18.89 -7.97 -12.89
N ARG B 225 -19.04 -9.27 -13.13
CA ARG B 225 -20.33 -9.92 -13.36
C ARG B 225 -20.25 -11.37 -12.86
N PRO B 226 -21.39 -12.04 -12.55
CA PRO B 226 -21.32 -13.43 -12.05
C PRO B 226 -20.81 -14.43 -13.09
N ILE B 227 -20.05 -15.43 -12.63
CA ILE B 227 -19.48 -16.45 -13.49
C ILE B 227 -20.16 -17.79 -13.27
N HIS B 228 -20.57 -18.43 -14.37
CA HIS B 228 -21.09 -19.77 -14.36
C HIS B 228 -20.06 -20.65 -15.07
N LEU B 229 -19.49 -21.61 -14.34
CA LEU B 229 -18.53 -22.54 -14.91
C LEU B 229 -19.26 -23.85 -15.17
N SER B 230 -19.31 -24.33 -16.43
CA SER B 230 -19.95 -25.60 -16.75
C SER B 230 -18.82 -26.53 -17.14
N PHE B 231 -18.51 -27.43 -16.21
CA PHE B 231 -17.38 -28.32 -16.37
C PHE B 231 -17.80 -29.73 -16.80
N ASP B 232 -17.49 -30.08 -18.05
CA ASP B 232 -17.68 -31.45 -18.54
C ASP B 232 -16.35 -32.14 -18.22
N VAL B 233 -16.35 -33.27 -17.47
CA VAL B 233 -15.09 -33.96 -17.09
C VAL B 233 -14.27 -34.47 -18.29
N ASP B 234 -14.93 -34.65 -19.44
CA ASP B 234 -14.23 -35.08 -20.66
C ASP B 234 -13.36 -33.95 -21.27
N GLY B 235 -13.45 -32.74 -20.69
CA GLY B 235 -12.59 -31.62 -21.06
C GLY B 235 -11.14 -31.95 -20.70
N LEU B 236 -10.95 -32.68 -19.58
CA LEU B 236 -9.63 -33.17 -19.14
C LEU B 236 -9.31 -34.43 -19.94
N ASP B 237 -8.01 -34.72 -20.10
CA ASP B 237 -7.49 -35.87 -20.80
C ASP B 237 -7.98 -37.18 -20.16
N PRO B 238 -8.31 -38.22 -20.98
CA PRO B 238 -8.78 -39.49 -20.41
C PRO B 238 -7.79 -40.20 -19.46
N SER B 239 -6.52 -39.73 -19.38
CA SER B 239 -5.54 -40.29 -18.45
C SER B 239 -5.89 -39.85 -17.01
N PHE B 240 -6.76 -38.81 -16.86
CA PHE B 240 -7.23 -38.28 -15.59
C PHE B 240 -8.72 -38.55 -15.34
N THR B 241 -9.57 -38.44 -16.38
CA THR B 241 -11.01 -38.66 -16.26
C THR B 241 -11.50 -39.74 -17.27
N PRO B 242 -11.02 -41.02 -17.15
CA PRO B 242 -11.46 -42.04 -18.13
C PRO B 242 -12.93 -42.45 -18.05
N ALA B 243 -13.54 -42.45 -16.85
CA ALA B 243 -14.93 -42.87 -16.64
C ALA B 243 -15.93 -41.79 -17.08
N THR B 244 -16.05 -41.62 -18.39
CA THR B 244 -16.89 -40.64 -19.05
C THR B 244 -17.35 -41.16 -20.42
N GLY B 245 -18.54 -40.73 -20.85
CA GLY B 245 -19.19 -41.13 -22.10
C GLY B 245 -18.41 -40.92 -23.39
N THR B 246 -17.87 -39.71 -23.63
CA THR B 246 -17.14 -39.44 -24.87
C THR B 246 -15.70 -38.96 -24.59
N PRO B 247 -14.78 -39.87 -24.20
CA PRO B 247 -13.39 -39.44 -23.94
C PRO B 247 -12.66 -39.11 -25.24
N VAL B 248 -11.83 -38.08 -25.24
CA VAL B 248 -11.05 -37.64 -26.41
C VAL B 248 -9.61 -37.40 -25.94
N VAL B 249 -8.64 -38.06 -26.60
CA VAL B 249 -7.21 -37.92 -26.32
C VAL B 249 -6.70 -36.48 -26.58
N GLY B 250 -5.59 -36.13 -25.93
CA GLY B 250 -4.98 -34.80 -26.08
C GLY B 250 -5.71 -33.72 -25.31
N GLY B 251 -6.31 -34.08 -24.19
CA GLY B 251 -7.08 -33.14 -23.37
C GLY B 251 -6.26 -32.29 -22.43
N LEU B 252 -6.99 -31.47 -21.66
CA LEU B 252 -6.37 -30.63 -20.65
C LEU B 252 -5.74 -31.53 -19.58
N THR B 253 -4.56 -31.14 -19.08
CA THR B 253 -3.89 -31.89 -18.02
C THR B 253 -4.58 -31.64 -16.68
N TYR B 254 -4.23 -32.45 -15.67
CA TYR B 254 -4.74 -32.32 -14.29
C TYR B 254 -4.36 -30.92 -13.80
N ARG B 255 -3.09 -30.50 -14.06
CA ARG B 255 -2.56 -29.17 -13.71
C ARG B 255 -3.35 -28.05 -14.39
N GLU B 256 -3.61 -28.16 -15.69
CA GLU B 256 -4.41 -27.14 -16.42
C GLU B 256 -5.82 -27.02 -15.88
N GLY B 257 -6.43 -28.16 -15.55
CA GLY B 257 -7.78 -28.20 -14.95
C GLY B 257 -7.81 -27.41 -13.65
N LEU B 258 -6.82 -27.66 -12.77
CA LEU B 258 -6.64 -26.98 -11.48
C LEU B 258 -6.31 -25.51 -11.67
N TYR B 259 -5.51 -25.16 -12.71
CA TYR B 259 -5.17 -23.77 -13.00
C TYR B 259 -6.40 -22.94 -13.39
N ILE B 260 -7.26 -23.48 -14.28
CA ILE B 260 -8.50 -22.82 -14.71
C ILE B 260 -9.38 -22.48 -13.48
N THR B 261 -9.58 -23.47 -12.62
CA THR B 261 -10.48 -23.38 -11.45
C THR B 261 -9.87 -22.49 -10.35
N GLU B 262 -8.53 -22.56 -10.13
CA GLU B 262 -7.84 -21.68 -9.18
C GLU B 262 -8.02 -20.21 -9.60
N GLU B 263 -7.87 -19.91 -10.90
CA GLU B 263 -8.02 -18.56 -11.44
C GLU B 263 -9.46 -18.03 -11.33
N ILE B 264 -10.44 -18.89 -11.56
CA ILE B 264 -11.87 -18.53 -11.41
C ILE B 264 -12.20 -18.26 -9.95
N TYR B 265 -11.72 -19.12 -9.01
CA TYR B 265 -11.95 -18.90 -7.58
C TYR B 265 -11.48 -17.50 -7.19
N LYS B 266 -10.25 -17.15 -7.59
CA LYS B 266 -9.55 -15.89 -7.30
C LYS B 266 -10.30 -14.62 -7.71
N THR B 267 -11.20 -14.69 -8.73
CA THR B 267 -12.00 -13.54 -9.15
C THR B 267 -13.02 -13.19 -8.08
N GLY B 268 -13.43 -14.21 -7.30
CA GLY B 268 -14.45 -14.10 -6.27
C GLY B 268 -15.83 -13.97 -6.89
N LEU B 269 -15.95 -14.29 -8.18
CA LEU B 269 -17.20 -14.11 -8.94
C LEU B 269 -17.89 -15.40 -9.39
N LEU B 270 -17.36 -16.58 -8.97
CA LEU B 270 -18.06 -17.83 -9.30
C LEU B 270 -19.42 -17.82 -8.58
N SER B 271 -20.51 -18.04 -9.32
CA SER B 271 -21.89 -18.03 -8.79
C SER B 271 -22.61 -19.33 -9.10
N GLY B 272 -22.11 -20.07 -10.08
CA GLY B 272 -22.70 -21.33 -10.52
C GLY B 272 -21.63 -22.27 -11.03
N LEU B 273 -21.77 -23.56 -10.71
CA LEU B 273 -20.84 -24.60 -11.13
C LEU B 273 -21.58 -25.90 -11.46
N ASP B 274 -21.21 -26.52 -12.60
CA ASP B 274 -21.71 -27.80 -13.07
C ASP B 274 -20.53 -28.74 -13.17
N ILE B 275 -20.64 -29.95 -12.58
CA ILE B 275 -19.62 -31.01 -12.64
C ILE B 275 -20.35 -32.11 -13.34
N MET B 276 -20.09 -32.22 -14.64
CA MET B 276 -20.85 -33.08 -15.53
C MET B 276 -20.10 -34.22 -16.16
N GLU B 277 -20.90 -35.21 -16.60
CA GLU B 277 -20.55 -36.39 -17.39
C GLU B 277 -19.67 -37.42 -16.65
N VAL B 278 -19.69 -37.44 -15.31
CA VAL B 278 -18.97 -38.49 -14.57
C VAL B 278 -19.85 -39.76 -14.68
N ASN B 279 -19.35 -40.81 -15.36
CA ASN B 279 -20.10 -42.05 -15.49
C ASN B 279 -19.31 -43.19 -14.83
N PRO B 280 -19.67 -43.52 -13.56
CA PRO B 280 -18.95 -44.60 -12.83
C PRO B 280 -19.14 -46.02 -13.36
N SER B 281 -20.00 -46.23 -14.37
CA SER B 281 -20.15 -47.56 -14.97
C SER B 281 -19.26 -47.69 -16.23
N LEU B 282 -18.54 -46.59 -16.60
CA LEU B 282 -17.68 -46.56 -17.78
C LEU B 282 -16.16 -46.69 -17.51
N GLY B 283 -15.79 -47.09 -16.31
CA GLY B 283 -14.38 -47.35 -16.04
C GLY B 283 -14.01 -48.75 -16.54
N LYS B 284 -12.80 -48.91 -17.14
CA LYS B 284 -12.31 -50.24 -17.58
C LYS B 284 -11.92 -51.09 -16.37
N THR B 285 -11.55 -50.42 -15.27
CA THR B 285 -11.17 -51.02 -13.99
C THR B 285 -11.80 -50.19 -12.89
N PRO B 286 -11.97 -50.72 -11.64
CA PRO B 286 -12.47 -49.87 -10.53
C PRO B 286 -11.59 -48.66 -10.26
N GLU B 287 -10.25 -48.79 -10.49
CA GLU B 287 -9.30 -47.70 -10.30
C GLU B 287 -9.56 -46.52 -11.27
N GLU B 288 -9.99 -46.80 -12.52
CA GLU B 288 -10.33 -45.76 -13.51
C GLU B 288 -11.51 -44.90 -13.00
N VAL B 289 -12.49 -45.54 -12.32
CA VAL B 289 -13.66 -44.88 -11.73
C VAL B 289 -13.19 -43.98 -10.57
N THR B 290 -12.39 -44.52 -9.62
CA THR B 290 -11.88 -43.75 -8.48
C THR B 290 -11.01 -42.59 -8.94
N ARG B 291 -10.21 -42.79 -10.00
CA ARG B 291 -9.35 -41.74 -10.58
C ARG B 291 -10.20 -40.57 -11.13
N THR B 292 -11.29 -40.89 -11.85
CA THR B 292 -12.22 -39.92 -12.45
C THR B 292 -12.90 -39.10 -11.37
N VAL B 293 -13.43 -39.81 -10.35
CA VAL B 293 -14.12 -39.21 -9.21
C VAL B 293 -13.16 -38.32 -8.43
N ASN B 294 -11.94 -38.80 -8.13
CA ASN B 294 -10.92 -38.02 -7.40
C ASN B 294 -10.52 -36.78 -8.16
N THR B 295 -10.37 -36.85 -9.48
CA THR B 295 -10.04 -35.68 -10.30
C THR B 295 -11.20 -34.66 -10.26
N ALA B 296 -12.45 -35.14 -10.44
CA ALA B 296 -13.64 -34.29 -10.39
C ALA B 296 -13.79 -33.58 -9.02
N VAL B 297 -13.43 -34.29 -7.91
CA VAL B 297 -13.45 -33.74 -6.55
C VAL B 297 -12.40 -32.63 -6.43
N ALA B 298 -11.18 -32.90 -6.92
CA ALA B 298 -10.05 -31.96 -6.90
C ALA B 298 -10.37 -30.67 -7.66
N ILE B 299 -11.02 -30.79 -8.84
CA ILE B 299 -11.45 -29.65 -9.66
C ILE B 299 -12.42 -28.79 -8.84
N THR B 300 -13.44 -29.44 -8.24
CA THR B 300 -14.48 -28.80 -7.41
C THR B 300 -13.86 -28.06 -6.23
N LEU B 301 -12.92 -28.68 -5.48
CA LEU B 301 -12.28 -28.04 -4.33
C LEU B 301 -11.51 -26.77 -4.71
N ALA B 302 -10.87 -26.77 -5.89
CA ALA B 302 -10.15 -25.59 -6.39
C ALA B 302 -11.11 -24.44 -6.71
N CYS B 303 -12.35 -24.75 -7.16
CA CYS B 303 -13.39 -23.76 -7.43
C CYS B 303 -13.78 -23.01 -6.17
N PHE B 304 -13.59 -23.65 -5.00
CA PHE B 304 -13.98 -23.07 -3.72
C PHE B 304 -12.82 -22.73 -2.78
N GLY B 305 -11.64 -22.50 -3.36
CA GLY B 305 -10.50 -21.98 -2.62
C GLY B 305 -9.25 -22.80 -2.39
N LEU B 306 -9.32 -24.11 -2.61
CA LEU B 306 -8.15 -24.97 -2.39
C LEU B 306 -7.05 -24.60 -3.37
N ALA B 307 -5.91 -24.12 -2.84
CA ALA B 307 -4.79 -23.67 -3.66
C ALA B 307 -3.56 -24.53 -3.50
N ARG B 308 -2.85 -24.81 -4.62
CA ARG B 308 -1.64 -25.61 -4.59
C ARG B 308 -0.50 -24.96 -3.79
N GLU B 309 -0.44 -23.61 -3.73
CA GLU B 309 0.58 -22.92 -2.92
C GLU B 309 0.37 -23.10 -1.42
N GLY B 310 -0.85 -23.50 -1.04
CA GLY B 310 -1.26 -23.70 0.33
C GLY B 310 -2.37 -22.75 0.71
N ASN B 311 -2.90 -22.96 1.92
CA ASN B 311 -3.99 -22.18 2.51
C ASN B 311 -3.75 -22.12 4.00
N HIS B 312 -4.11 -21.01 4.64
CA HIS B 312 -4.03 -20.85 6.09
C HIS B 312 -5.13 -19.93 6.62
N LYS B 313 -5.56 -20.17 7.87
CA LYS B 313 -6.60 -19.38 8.55
C LYS B 313 -5.97 -18.06 9.02
N PRO B 314 -6.73 -16.94 9.19
CA PRO B 314 -6.09 -15.70 9.67
C PRO B 314 -5.80 -15.70 11.19
N ILE B 315 -4.80 -16.53 11.59
CA ILE B 315 -4.32 -16.71 12.97
C ILE B 315 -2.78 -16.80 12.94
N ASP B 316 -2.13 -16.60 14.11
CA ASP B 316 -0.69 -16.73 14.25
C ASP B 316 -0.36 -18.19 14.49
N TYR B 317 0.21 -18.85 13.47
CA TYR B 317 0.60 -20.27 13.54
C TYR B 317 1.90 -20.48 14.32
N LEU B 318 2.72 -19.42 14.48
CA LEU B 318 3.97 -19.51 15.24
C LEU B 318 3.75 -19.32 16.78
N ASN B 319 2.50 -19.09 17.21
CA ASN B 319 2.14 -18.92 18.61
C ASN B 319 0.98 -19.84 18.99
N ALA C 3 -27.95 10.69 29.71
CA ALA C 3 -28.08 10.94 28.27
C ALA C 3 -27.04 10.14 27.48
N LYS C 4 -27.36 9.77 26.21
CA LYS C 4 -26.47 8.99 25.33
C LYS C 4 -25.07 9.63 25.17
N SER C 5 -25.03 10.96 24.97
CA SER C 5 -23.79 11.72 24.84
C SER C 5 -22.95 11.79 26.15
N ARG C 6 -23.54 11.34 27.27
CA ARG C 6 -22.87 11.31 28.58
C ARG C 6 -22.85 9.90 29.20
N THR C 7 -23.06 8.85 28.39
CA THR C 7 -23.03 7.45 28.83
C THR C 7 -21.71 6.86 28.30
N ILE C 8 -20.78 6.58 29.22
CA ILE C 8 -19.40 6.20 28.92
C ILE C 8 -18.94 4.84 29.46
N GLY C 9 -18.11 4.19 28.67
CA GLY C 9 -17.42 2.95 28.99
C GLY C 9 -15.92 3.20 28.91
N ILE C 10 -15.25 3.27 30.09
CA ILE C 10 -13.80 3.54 30.23
C ILE C 10 -12.98 2.29 29.99
N ILE C 11 -11.97 2.38 29.10
CA ILE C 11 -11.03 1.30 28.83
C ILE C 11 -9.60 1.83 28.98
N GLY C 12 -8.86 1.27 29.93
CA GLY C 12 -7.45 1.58 30.11
C GLY C 12 -6.64 0.69 29.18
N ALA C 13 -5.74 1.27 28.40
CA ALA C 13 -4.91 0.50 27.47
C ALA C 13 -3.40 0.83 27.74
N PRO C 14 -2.83 0.30 28.84
CA PRO C 14 -1.42 0.62 29.17
C PRO C 14 -0.41 -0.12 28.27
N PHE C 15 -0.26 0.37 27.03
CA PHE C 15 0.60 -0.26 26.03
C PHE C 15 1.59 0.75 25.44
N SER C 16 2.87 0.34 25.29
CA SER C 16 3.92 1.21 24.81
C SER C 16 4.75 0.69 23.64
N LYS C 17 4.60 -0.62 23.28
CA LYS C 17 5.42 -1.28 22.26
C LYS C 17 5.15 -0.82 20.79
N GLY C 18 4.29 0.17 20.61
CA GLY C 18 4.06 0.79 19.30
C GLY C 18 5.07 1.91 19.03
N GLN C 19 5.87 2.25 20.04
CA GLN C 19 6.93 3.26 19.93
C GLN C 19 8.16 2.92 20.84
N PRO C 20 9.34 3.59 20.70
CA PRO C 20 10.50 3.20 21.50
C PRO C 20 10.66 3.82 22.89
N ARG C 21 9.87 4.87 23.21
CA ARG C 21 10.02 5.56 24.50
C ARG C 21 9.18 4.95 25.64
N GLY C 22 9.85 4.50 26.69
CA GLY C 22 9.15 3.94 27.85
C GLY C 22 8.39 5.02 28.62
N GLY C 23 7.27 4.62 29.20
CA GLY C 23 6.46 5.51 30.03
C GLY C 23 5.02 5.75 29.58
N VAL C 24 4.75 5.68 28.27
CA VAL C 24 3.42 5.94 27.71
C VAL C 24 2.38 4.91 28.23
N GLU C 25 2.84 3.74 28.71
CA GLU C 25 1.98 2.72 29.33
C GLU C 25 1.41 3.22 30.68
N GLU C 26 2.00 4.28 31.26
CA GLU C 26 1.53 4.87 32.52
C GLU C 26 0.44 5.93 32.30
N GLY C 27 0.08 6.20 31.04
CA GLY C 27 -0.97 7.13 30.64
C GLY C 27 -2.30 6.87 31.33
N PRO C 28 -2.88 5.61 31.32
CA PRO C 28 -4.15 5.39 32.04
C PRO C 28 -4.07 5.63 33.54
N THR C 29 -2.93 5.26 34.17
CA THR C 29 -2.68 5.43 35.61
C THR C 29 -2.75 6.91 36.02
N VAL C 30 -1.97 7.77 35.33
CA VAL C 30 -1.87 9.20 35.63
C VAL C 30 -3.20 9.95 35.31
N LEU C 31 -3.93 9.56 34.23
CA LEU C 31 -5.23 10.18 33.93
C LEU C 31 -6.28 9.83 35.01
N ARG C 32 -6.23 8.58 35.55
CA ARG C 32 -7.12 8.11 36.62
C ARG C 32 -6.77 8.82 37.94
N LYS C 33 -5.45 8.93 38.27
CA LYS C 33 -4.93 9.61 39.47
C LYS C 33 -5.39 11.06 39.56
N ALA C 34 -5.56 11.72 38.38
CA ALA C 34 -6.01 13.11 38.26
C ALA C 34 -7.51 13.27 38.54
N GLY C 35 -8.22 12.16 38.74
CA GLY C 35 -9.65 12.15 39.07
C GLY C 35 -10.60 12.24 37.89
N LEU C 36 -10.18 11.74 36.70
CA LEU C 36 -11.00 11.75 35.48
C LEU C 36 -12.39 11.14 35.67
N LEU C 37 -12.46 9.92 36.26
CA LEU C 37 -13.73 9.23 36.47
C LEU C 37 -14.70 10.01 37.37
N GLU C 38 -14.19 10.54 38.48
CA GLU C 38 -14.93 11.35 39.45
C GLU C 38 -15.40 12.67 38.80
N LYS C 39 -14.52 13.31 38.00
CA LYS C 39 -14.85 14.56 37.30
C LYS C 39 -15.96 14.36 36.26
N LEU C 40 -15.97 13.19 35.59
CA LEU C 40 -17.00 12.87 34.61
C LEU C 40 -18.35 12.66 35.30
N LYS C 41 -18.35 11.95 36.45
CA LYS C 41 -19.56 11.68 37.25
C LYS C 41 -20.18 12.96 37.79
N GLU C 42 -19.33 13.97 38.13
CA GLU C 42 -19.75 15.28 38.63
C GLU C 42 -20.39 16.13 37.51
N GLN C 43 -20.21 15.71 36.27
CA GLN C 43 -20.65 16.35 35.03
C GLN C 43 -21.90 15.66 34.48
N GLU C 44 -22.62 14.89 35.35
CA GLU C 44 -23.85 14.14 35.04
C GLU C 44 -23.62 13.00 34.02
N CYS C 45 -22.44 12.36 34.07
CA CYS C 45 -22.10 11.24 33.21
C CYS C 45 -22.37 9.91 33.92
N ASP C 46 -22.88 8.93 33.16
CA ASP C 46 -23.10 7.55 33.60
C ASP C 46 -21.79 6.86 33.15
N VAL C 47 -20.89 6.61 34.11
CA VAL C 47 -19.57 6.05 33.87
C VAL C 47 -19.47 4.61 34.37
N LYS C 48 -19.06 3.70 33.49
CA LYS C 48 -18.76 2.30 33.78
C LYS C 48 -17.31 2.08 33.39
N ASP C 49 -16.51 1.59 34.32
CA ASP C 49 -15.10 1.36 34.13
C ASP C 49 -14.81 -0.11 33.82
N TYR C 50 -14.34 -0.39 32.59
CA TYR C 50 -14.04 -1.74 32.13
C TYR C 50 -12.60 -2.18 32.49
N GLY C 51 -11.92 -1.35 33.30
CA GLY C 51 -10.59 -1.59 33.84
C GLY C 51 -9.47 -1.39 32.85
N ASP C 52 -8.23 -1.74 33.27
CA ASP C 52 -7.04 -1.66 32.43
C ASP C 52 -6.79 -3.04 31.82
N LEU C 53 -6.70 -3.09 30.48
CA LEU C 53 -6.45 -4.33 29.77
C LEU C 53 -5.08 -4.94 30.12
N PRO C 54 -5.04 -6.25 30.42
CA PRO C 54 -3.74 -6.89 30.66
C PRO C 54 -3.10 -7.25 29.31
N PHE C 55 -1.92 -6.70 29.04
CA PHE C 55 -1.24 -6.99 27.79
C PHE C 55 -0.08 -7.91 28.06
N ALA C 56 -0.38 -9.23 28.08
CA ALA C 56 0.60 -10.29 28.34
C ALA C 56 1.80 -10.16 27.40
N ASP C 57 3.00 -10.28 27.98
CA ASP C 57 4.26 -10.16 27.25
C ASP C 57 4.41 -11.24 26.19
N ILE C 58 4.89 -10.83 25.01
CA ILE C 58 5.14 -11.72 23.89
C ILE C 58 6.66 -11.80 23.68
N PRO C 59 7.31 -12.85 24.25
CA PRO C 59 8.76 -13.02 24.04
C PRO C 59 9.02 -13.56 22.63
N ASN C 60 10.25 -13.36 22.09
CA ASN C 60 10.67 -13.76 20.73
C ASN C 60 9.89 -13.03 19.61
N ASP C 61 9.33 -11.83 19.92
CA ASP C 61 8.56 -11.02 18.97
C ASP C 61 9.52 -10.29 18.04
N SER C 62 10.08 -11.08 17.08
CA SER C 62 11.06 -10.65 16.09
C SER C 62 10.46 -9.61 15.14
N PRO C 63 11.25 -8.64 14.64
CA PRO C 63 10.66 -7.61 13.76
C PRO C 63 10.25 -8.11 12.37
N PHE C 64 9.24 -7.49 11.79
CA PHE C 64 8.82 -7.79 10.43
C PHE C 64 9.55 -6.72 9.63
N GLN C 65 10.65 -7.11 8.94
CA GLN C 65 11.54 -6.19 8.21
C GLN C 65 12.09 -5.14 9.26
N ILE C 66 11.72 -3.86 9.17
CA ILE C 66 12.17 -2.84 10.14
C ILE C 66 11.10 -2.57 11.25
N VAL C 67 9.88 -3.13 11.05
CA VAL C 67 8.71 -2.95 11.93
C VAL C 67 8.91 -3.69 13.27
N LYS C 68 8.96 -2.91 14.38
CA LYS C 68 9.24 -3.39 15.74
C LYS C 68 8.01 -3.91 16.49
N ASN C 69 8.20 -5.02 17.24
CA ASN C 69 7.20 -5.70 18.08
C ASN C 69 5.85 -5.90 17.34
N PRO C 70 5.81 -6.46 16.10
CA PRO C 70 4.51 -6.58 15.41
C PRO C 70 3.45 -7.43 16.12
N ARG C 71 3.85 -8.57 16.71
CA ARG C 71 2.90 -9.45 17.40
C ARG C 71 2.32 -8.79 18.64
N SER C 72 3.15 -8.08 19.42
CA SER C 72 2.72 -7.35 20.64
C SER C 72 1.69 -6.26 20.29
N VAL C 73 2.00 -5.43 19.27
CA VAL C 73 1.12 -4.36 18.79
C VAL C 73 -0.18 -4.93 18.18
N GLY C 74 -0.04 -5.98 17.38
CA GLY C 74 -1.16 -6.66 16.75
C GLY C 74 -2.11 -7.27 17.78
N LYS C 75 -1.56 -7.93 18.81
CA LYS C 75 -2.36 -8.56 19.88
C LYS C 75 -3.05 -7.54 20.78
N ALA C 76 -2.32 -6.47 21.19
CA ALA C 76 -2.88 -5.41 22.03
C ALA C 76 -4.08 -4.76 21.32
N SER C 77 -3.95 -4.46 20.00
CA SER C 77 -5.05 -3.91 19.21
C SER C 77 -6.18 -4.91 19.06
N GLU C 78 -5.87 -6.21 18.87
CA GLU C 78 -6.88 -7.26 18.74
C GLU C 78 -7.74 -7.34 20.00
N GLN C 79 -7.10 -7.31 21.19
CA GLN C 79 -7.76 -7.32 22.50
C GLN C 79 -8.62 -6.05 22.66
N LEU C 80 -8.05 -4.87 22.34
CA LEU C 80 -8.76 -3.59 22.45
C LEU C 80 -10.00 -3.56 21.57
N ALA C 81 -9.90 -4.11 20.35
CA ALA C 81 -11.01 -4.18 19.42
C ALA C 81 -12.19 -4.95 20.04
N GLY C 82 -11.90 -6.12 20.63
CA GLY C 82 -12.89 -6.93 21.33
C GLY C 82 -13.55 -6.20 22.47
N LYS C 83 -12.75 -5.50 23.28
CA LYS C 83 -13.23 -4.73 24.43
C LYS C 83 -14.09 -3.50 24.02
N VAL C 84 -13.66 -2.73 22.98
CA VAL C 84 -14.40 -1.57 22.46
C VAL C 84 -15.74 -2.02 21.91
N ALA C 85 -15.76 -3.14 21.16
CA ALA C 85 -16.99 -3.73 20.59
C ALA C 85 -17.99 -4.08 21.71
N GLU C 86 -17.48 -4.64 22.83
CA GLU C 86 -18.26 -5.00 24.01
C GLU C 86 -18.92 -3.74 24.61
N VAL C 87 -18.14 -2.66 24.79
CA VAL C 87 -18.59 -1.36 25.33
C VAL C 87 -19.65 -0.76 24.40
N LYS C 88 -19.38 -0.75 23.08
CA LYS C 88 -20.33 -0.26 22.07
C LYS C 88 -21.67 -1.04 22.08
N LYS C 89 -21.62 -2.38 22.25
CA LYS C 89 -22.81 -3.24 22.35
C LYS C 89 -23.66 -2.93 23.59
N ASN C 90 -23.02 -2.43 24.65
CA ASN C 90 -23.64 -2.01 25.91
C ASN C 90 -24.24 -0.57 25.86
N GLY C 91 -24.29 0.03 24.66
CA GLY C 91 -24.82 1.38 24.44
C GLY C 91 -24.05 2.50 25.12
N ARG C 92 -22.72 2.38 25.18
CA ARG C 92 -21.88 3.38 25.83
C ARG C 92 -20.86 3.93 24.83
N ILE C 93 -20.39 5.16 25.06
CA ILE C 93 -19.34 5.78 24.27
C ILE C 93 -18.05 5.18 24.82
N SER C 94 -17.24 4.53 23.96
CA SER C 94 -15.98 3.95 24.42
C SER C 94 -14.94 5.06 24.59
N LEU C 95 -14.26 5.06 25.75
CA LEU C 95 -13.24 6.03 26.10
C LEU C 95 -11.96 5.25 26.38
N VAL C 96 -11.04 5.28 25.41
CA VAL C 96 -9.77 4.56 25.50
C VAL C 96 -8.70 5.48 26.04
N LEU C 97 -8.10 5.09 27.18
CA LEU C 97 -7.00 5.83 27.79
C LEU C 97 -5.69 5.13 27.38
N GLY C 98 -4.92 5.77 26.50
CA GLY C 98 -3.64 5.22 26.05
C GLY C 98 -2.50 5.61 26.96
N GLY C 99 -1.29 5.10 26.73
CA GLY C 99 -0.93 4.19 25.66
C GLY C 99 -0.61 4.90 24.36
N ASP C 100 0.18 4.23 23.50
CA ASP C 100 0.56 4.78 22.21
C ASP C 100 -0.61 4.70 21.21
N HIS C 101 -0.50 5.43 20.07
CA HIS C 101 -1.55 5.55 19.06
C HIS C 101 -1.67 4.35 18.09
N SER C 102 -0.77 3.34 18.13
CA SER C 102 -0.93 2.09 17.37
C SER C 102 -2.24 1.39 17.82
N LEU C 103 -2.64 1.64 19.07
CA LEU C 103 -3.86 1.14 19.70
C LEU C 103 -5.15 1.59 18.99
N ALA C 104 -5.10 2.67 18.19
CA ALA C 104 -6.23 3.17 17.39
C ALA C 104 -6.68 2.13 16.35
N ILE C 105 -5.79 1.20 15.91
CA ILE C 105 -6.14 0.07 15.02
C ILE C 105 -7.26 -0.72 15.71
N GLY C 106 -7.04 -1.08 16.98
CA GLY C 106 -8.03 -1.82 17.75
C GLY C 106 -9.25 -1.00 18.12
N SER C 107 -9.03 0.26 18.55
CA SER C 107 -10.12 1.15 18.92
C SER C 107 -11.14 1.38 17.80
N ILE C 108 -10.66 1.82 16.62
CA ILE C 108 -11.54 2.08 15.46
C ILE C 108 -12.10 0.75 14.90
N SER C 109 -11.28 -0.32 14.77
CA SER C 109 -11.75 -1.63 14.28
C SER C 109 -12.92 -2.14 15.12
N GLY C 110 -12.76 -2.10 16.44
CA GLY C 110 -13.77 -2.54 17.40
C GLY C 110 -15.05 -1.71 17.34
N HIS C 111 -14.89 -0.40 17.21
CA HIS C 111 -16.00 0.56 17.11
C HIS C 111 -16.77 0.31 15.81
N ALA C 112 -16.05 0.13 14.69
CA ALA C 112 -16.64 -0.15 13.37
C ALA C 112 -17.44 -1.46 13.29
N ARG C 113 -17.12 -2.44 14.15
CA ARG C 113 -17.84 -3.73 14.18
C ARG C 113 -19.32 -3.53 14.57
N VAL C 114 -19.58 -2.56 15.46
CA VAL C 114 -20.92 -2.23 15.95
C VAL C 114 -21.50 -1.08 15.13
N HIS C 115 -20.65 -0.12 14.71
CA HIS C 115 -21.07 1.04 13.91
C HIS C 115 -20.23 1.17 12.62
N PRO C 116 -20.56 0.41 11.55
CA PRO C 116 -19.74 0.47 10.32
C PRO C 116 -19.81 1.78 9.55
N ASP C 117 -20.81 2.63 9.83
CA ASP C 117 -21.03 3.94 9.20
C ASP C 117 -20.31 5.10 9.94
N LEU C 118 -19.40 4.80 10.91
CA LEU C 118 -18.71 5.84 11.66
C LEU C 118 -17.76 6.73 10.80
N GLY C 119 -17.61 7.96 11.24
CA GLY C 119 -16.70 8.94 10.66
C GLY C 119 -15.60 9.18 11.67
N VAL C 120 -14.35 9.38 11.21
CA VAL C 120 -13.21 9.59 12.12
C VAL C 120 -12.69 11.02 12.04
N ILE C 121 -12.48 11.65 13.21
CA ILE C 121 -11.80 12.94 13.39
C ILE C 121 -10.50 12.58 14.07
N TRP C 122 -9.34 12.84 13.41
CA TRP C 122 -8.00 12.49 13.90
C TRP C 122 -7.26 13.78 14.29
N VAL C 123 -7.13 14.06 15.58
CA VAL C 123 -6.46 15.26 16.08
C VAL C 123 -5.01 14.87 16.46
N ASP C 124 -4.04 15.38 15.70
CA ASP C 124 -2.65 15.00 15.80
C ASP C 124 -1.75 15.97 15.05
N ALA C 125 -0.44 15.95 15.36
CA ALA C 125 0.58 16.72 14.66
C ALA C 125 1.01 15.90 13.43
N HIS C 126 0.68 14.61 13.44
CA HIS C 126 1.06 13.61 12.46
C HIS C 126 -0.09 12.91 11.80
N THR C 127 0.14 12.37 10.60
CA THR C 127 -0.92 11.62 9.92
C THR C 127 -1.04 10.18 10.42
N ASP C 128 0.09 9.54 10.85
CA ASP C 128 0.12 8.14 11.32
C ASP C 128 -0.43 7.19 10.24
N ILE C 129 -0.17 7.52 8.96
CA ILE C 129 -0.66 6.81 7.77
C ILE C 129 0.47 6.08 7.02
N ASN C 130 1.67 5.93 7.64
CA ASN C 130 2.76 5.18 6.99
C ASN C 130 2.36 3.72 6.94
N THR C 131 2.83 2.96 5.95
CA THR C 131 2.50 1.52 5.93
C THR C 131 3.71 0.77 6.51
N PRO C 132 3.66 -0.56 6.69
CA PRO C 132 4.89 -1.26 7.10
C PRO C 132 6.03 -1.16 6.10
N LEU C 133 5.75 -0.69 4.87
CA LEU C 133 6.75 -0.53 3.80
C LEU C 133 7.23 0.92 3.60
N THR C 134 6.38 1.95 3.87
CA THR C 134 6.79 3.37 3.73
C THR C 134 7.59 3.87 4.97
N THR C 135 7.28 3.33 6.17
CA THR C 135 7.95 3.68 7.44
C THR C 135 9.48 3.62 7.39
N THR C 136 10.13 4.56 8.08
CA THR C 136 11.58 4.57 8.17
C THR C 136 12.02 4.29 9.61
N SER C 137 11.08 4.42 10.56
CA SER C 137 11.33 4.20 11.98
C SER C 137 10.96 2.75 12.41
N GLY C 138 9.92 2.19 11.78
CA GLY C 138 9.40 0.87 12.11
C GLY C 138 8.53 0.92 13.35
N ASN C 139 8.14 2.12 13.80
CA ASN C 139 7.33 2.28 15.00
C ASN C 139 5.88 2.33 14.59
N LEU C 140 5.14 1.30 15.00
CA LEU C 140 3.74 1.09 14.63
C LEU C 140 2.76 2.21 15.11
N HIS C 141 3.09 3.02 16.14
CA HIS C 141 2.20 4.15 16.54
C HIS C 141 1.99 5.23 15.38
N GLY C 142 2.86 5.20 14.36
CA GLY C 142 2.81 6.09 13.19
C GLY C 142 2.31 5.40 11.92
N GLN C 143 1.74 4.20 12.07
CA GLN C 143 1.19 3.39 11.00
C GLN C 143 -0.33 3.00 11.14
N PRO C 144 -1.08 3.30 12.25
CA PRO C 144 -2.44 2.74 12.39
C PRO C 144 -3.45 3.07 11.32
N VAL C 145 -3.36 4.27 10.71
CA VAL C 145 -4.34 4.64 9.68
C VAL C 145 -4.18 3.78 8.41
N SER C 146 -2.93 3.40 8.04
CA SER C 146 -2.71 2.54 6.87
C SER C 146 -3.42 1.18 6.97
N PHE C 147 -3.51 0.63 8.18
CA PHE C 147 -4.15 -0.66 8.46
C PHE C 147 -5.67 -0.55 8.43
N LEU C 148 -6.21 0.65 8.68
CA LEU C 148 -7.66 0.88 8.74
C LEU C 148 -8.31 1.25 7.42
N LEU C 149 -7.56 1.85 6.47
CA LEU C 149 -8.11 2.32 5.20
C LEU C 149 -8.34 1.24 4.18
N LYS C 150 -9.57 1.20 3.61
CA LYS C 150 -9.98 0.24 2.57
C LYS C 150 -9.16 0.42 1.30
N GLU C 151 -8.86 1.67 0.94
CA GLU C 151 -8.09 2.03 -0.28
C GLU C 151 -6.64 1.56 -0.23
N LEU C 152 -6.12 1.21 0.96
CA LEU C 152 -4.74 0.75 1.09
C LEU C 152 -4.63 -0.79 1.17
N LYS C 153 -5.74 -1.50 0.92
CA LYS C 153 -5.79 -2.96 0.89
C LYS C 153 -5.00 -3.38 -0.36
N GLY C 154 -3.97 -4.20 -0.16
CA GLY C 154 -3.09 -4.63 -1.22
C GLY C 154 -1.74 -3.93 -1.15
N LYS C 155 -1.64 -2.89 -0.31
CA LYS C 155 -0.42 -2.11 -0.08
C LYS C 155 0.17 -2.47 1.29
N ILE C 156 -0.63 -3.15 2.12
CA ILE C 156 -0.20 -3.56 3.46
C ILE C 156 0.27 -5.03 3.36
N PRO C 157 1.53 -5.34 3.68
CA PRO C 157 1.96 -6.75 3.62
C PRO C 157 1.41 -7.56 4.80
N ASP C 158 1.58 -8.88 4.78
CA ASP C 158 1.11 -9.77 5.84
C ASP C 158 2.06 -9.66 7.03
N VAL C 159 1.75 -8.71 7.95
CA VAL C 159 2.53 -8.43 9.15
C VAL C 159 2.08 -9.38 10.27
N PRO C 160 3.02 -10.13 10.92
CA PRO C 160 2.60 -11.04 12.00
C PRO C 160 1.88 -10.31 13.13
N GLY C 161 0.73 -10.86 13.52
CA GLY C 161 -0.11 -10.30 14.58
C GLY C 161 -1.29 -9.49 14.05
N PHE C 162 -1.34 -9.23 12.73
CA PHE C 162 -2.38 -8.40 12.12
C PHE C 162 -3.33 -9.12 11.13
N SER C 163 -3.36 -10.47 11.13
CA SER C 163 -4.24 -11.24 10.23
C SER C 163 -5.75 -11.04 10.55
N TRP C 164 -6.06 -10.64 11.80
CA TRP C 164 -7.42 -10.36 12.25
C TRP C 164 -8.00 -9.07 11.65
N VAL C 165 -7.13 -8.13 11.22
CA VAL C 165 -7.50 -6.80 10.68
C VAL C 165 -8.20 -6.88 9.33
N THR C 166 -9.34 -6.20 9.24
CA THR C 166 -10.10 -6.01 8.01
C THR C 166 -10.25 -4.49 7.92
N PRO C 167 -9.70 -3.81 6.87
CA PRO C 167 -9.86 -2.34 6.77
C PRO C 167 -11.34 -1.97 6.85
N CYS C 168 -11.68 -1.07 7.79
CA CYS C 168 -13.06 -0.71 8.08
C CYS C 168 -13.46 0.71 7.68
N ILE C 169 -12.52 1.56 7.26
CA ILE C 169 -12.85 2.94 6.90
C ILE C 169 -12.36 3.30 5.51
N SER C 170 -13.15 4.08 4.79
CA SER C 170 -12.80 4.60 3.48
C SER C 170 -12.08 5.93 3.69
N ALA C 171 -11.23 6.33 2.74
CA ALA C 171 -10.45 7.58 2.77
C ALA C 171 -11.35 8.81 2.97
N LYS C 172 -12.62 8.75 2.49
CA LYS C 172 -13.62 9.81 2.59
C LYS C 172 -14.28 9.90 3.96
N ASP C 173 -14.01 8.92 4.84
CA ASP C 173 -14.62 8.88 6.17
C ASP C 173 -13.72 9.37 7.30
N ILE C 174 -12.61 10.05 6.96
CA ILE C 174 -11.64 10.53 7.95
C ILE C 174 -11.26 11.99 7.72
N VAL C 175 -11.17 12.78 8.80
CA VAL C 175 -10.74 14.16 8.73
C VAL C 175 -9.61 14.35 9.74
N TYR C 176 -8.46 14.87 9.28
CA TYR C 176 -7.33 15.19 10.13
C TYR C 176 -7.40 16.65 10.53
N ILE C 177 -7.01 16.95 11.80
CA ILE C 177 -6.92 18.31 12.33
C ILE C 177 -5.62 18.48 13.11
N GLY C 178 -4.84 19.51 12.76
CA GLY C 178 -3.60 19.85 13.46
C GLY C 178 -2.27 19.43 12.88
N LEU C 179 -2.25 18.83 11.65
CA LEU C 179 -1.05 18.30 10.98
C LEU C 179 0.07 19.30 10.81
N ARG C 180 1.29 18.88 11.14
CA ARG C 180 2.46 19.76 10.99
C ARG C 180 3.79 19.00 10.84
N ASP C 181 3.74 17.64 10.80
CA ASP C 181 4.95 16.83 10.71
C ASP C 181 4.61 15.55 9.96
N VAL C 182 4.52 15.65 8.63
CA VAL C 182 4.06 14.56 7.74
C VAL C 182 5.20 14.04 6.89
N ASP C 183 5.41 12.71 6.86
CA ASP C 183 6.50 12.09 6.07
C ASP C 183 6.24 12.18 4.58
N PRO C 184 7.29 12.20 3.70
CA PRO C 184 7.03 12.24 2.25
C PRO C 184 6.03 11.17 1.76
N GLY C 185 6.23 9.93 2.19
CA GLY C 185 5.34 8.81 1.88
C GLY C 185 3.92 9.04 2.36
N GLU C 186 3.76 9.63 3.58
CA GLU C 186 2.48 9.97 4.17
C GLU C 186 1.77 11.03 3.35
N HIS C 187 2.51 12.08 2.93
CA HIS C 187 1.99 13.19 2.12
C HIS C 187 1.52 12.67 0.75
N TYR C 188 2.29 11.76 0.13
CA TYR C 188 1.93 11.11 -1.13
C TYR C 188 0.57 10.37 -0.95
N ILE C 189 0.43 9.55 0.12
CA ILE C 189 -0.79 8.79 0.44
C ILE C 189 -1.96 9.75 0.62
N LEU C 190 -1.77 10.79 1.45
CA LEU C 190 -2.74 11.83 1.77
C LEU C 190 -3.26 12.52 0.50
N LYS C 191 -2.37 12.85 -0.45
CA LYS C 191 -2.74 13.51 -1.70
C LYS C 191 -3.36 12.56 -2.74
N THR C 192 -2.78 11.36 -2.92
CA THR C 192 -3.29 10.38 -3.90
C THR C 192 -4.63 9.75 -3.50
N LEU C 193 -4.93 9.63 -2.19
CA LEU C 193 -6.21 9.08 -1.74
C LEU C 193 -7.30 10.15 -1.60
N GLY C 194 -6.91 11.42 -1.66
CA GLY C 194 -7.82 12.56 -1.55
C GLY C 194 -8.48 12.68 -0.18
N ILE C 195 -7.71 12.39 0.89
CA ILE C 195 -8.17 12.49 2.28
C ILE C 195 -8.36 13.96 2.67
N LYS C 196 -9.48 14.28 3.33
CA LYS C 196 -9.77 15.62 3.85
C LYS C 196 -8.86 15.89 5.08
N TYR C 197 -8.18 17.04 5.09
CA TYR C 197 -7.29 17.39 6.21
C TYR C 197 -7.26 18.90 6.44
N PHE C 198 -6.98 19.28 7.68
CA PHE C 198 -6.79 20.65 8.09
C PHE C 198 -5.44 20.65 8.81
N SER C 199 -4.35 20.90 8.04
CA SER C 199 -3.02 21.00 8.64
C SER C 199 -3.02 22.34 9.41
N MET C 200 -1.94 22.65 10.17
CA MET C 200 -1.89 23.93 10.90
C MET C 200 -2.06 25.11 9.95
N THR C 201 -1.64 24.95 8.67
CA THR C 201 -1.76 25.94 7.60
C THR C 201 -3.24 26.29 7.35
N GLU C 202 -4.12 25.29 7.24
CA GLU C 202 -5.57 25.51 7.06
C GLU C 202 -6.18 26.10 8.35
N VAL C 203 -5.73 25.64 9.54
CA VAL C 203 -6.20 26.19 10.82
C VAL C 203 -5.86 27.69 10.89
N ASP C 204 -4.65 28.08 10.46
CA ASP C 204 -4.19 29.48 10.42
C ASP C 204 -5.02 30.30 9.44
N ARG C 205 -5.27 29.74 8.24
CA ARG C 205 -6.04 30.35 7.17
C ARG C 205 -7.49 30.59 7.54
N LEU C 206 -8.17 29.54 8.00
CA LEU C 206 -9.60 29.55 8.25
C LEU C 206 -10.05 29.97 9.64
N GLY C 207 -9.27 29.63 10.65
CA GLY C 207 -9.66 29.79 12.05
C GLY C 207 -10.34 28.49 12.47
N ILE C 208 -10.24 28.12 13.75
CA ILE C 208 -10.81 26.87 14.25
C ILE C 208 -12.35 26.77 14.08
N GLY C 209 -13.04 27.92 14.06
CA GLY C 209 -14.48 27.99 13.85
C GLY C 209 -14.88 27.40 12.50
N LYS C 210 -14.26 27.91 11.42
CA LYS C 210 -14.48 27.43 10.05
C LYS C 210 -14.01 25.98 9.87
N VAL C 211 -12.87 25.60 10.51
CA VAL C 211 -12.32 24.24 10.48
C VAL C 211 -13.38 23.25 10.98
N MET C 212 -13.98 23.54 12.15
CA MET C 212 -15.01 22.69 12.75
C MET C 212 -16.29 22.63 11.92
N GLU C 213 -16.74 23.78 11.42
CA GLU C 213 -17.93 23.90 10.56
C GLU C 213 -17.77 23.00 9.33
N GLU C 214 -16.60 23.07 8.67
CA GLU C 214 -16.24 22.26 7.50
C GLU C 214 -16.09 20.77 7.83
N THR C 215 -15.41 20.42 8.95
CA THR C 215 -15.21 19.05 9.40
C THR C 215 -16.56 18.34 9.63
N LEU C 216 -17.43 18.94 10.44
CA LEU C 216 -18.74 18.37 10.78
C LEU C 216 -19.66 18.33 9.56
N SER C 217 -19.62 19.35 8.67
CA SER C 217 -20.42 19.35 7.43
C SER C 217 -19.95 18.22 6.48
N TYR C 218 -18.63 18.05 6.34
CA TYR C 218 -18.04 17.01 5.47
C TYR C 218 -18.43 15.62 5.92
N LEU C 219 -18.45 15.38 7.24
CA LEU C 219 -18.80 14.05 7.75
C LEU C 219 -20.32 13.82 7.94
N LEU C 220 -21.08 14.86 8.35
CA LEU C 220 -22.49 14.72 8.70
C LEU C 220 -23.51 15.32 7.73
N GLY C 221 -23.05 16.08 6.73
CA GLY C 221 -23.91 16.78 5.76
C GLY C 221 -25.00 15.99 5.07
N ARG C 222 -24.68 14.74 4.66
CA ARG C 222 -25.58 13.80 3.99
C ARG C 222 -26.66 13.30 4.97
N LYS C 223 -26.24 12.95 6.20
CA LYS C 223 -27.06 12.43 7.30
C LYS C 223 -26.18 12.23 8.56
N LYS C 224 -26.84 12.26 9.73
CA LYS C 224 -26.20 12.02 11.03
C LYS C 224 -25.62 10.61 11.04
N ARG C 225 -24.39 10.47 11.54
CA ARG C 225 -23.65 9.20 11.65
C ARG C 225 -22.73 9.23 12.88
N PRO C 226 -22.30 8.08 13.45
CA PRO C 226 -21.46 8.14 14.66
C PRO C 226 -20.07 8.74 14.42
N ILE C 227 -19.54 9.46 15.41
CA ILE C 227 -18.22 10.09 15.33
C ILE C 227 -17.22 9.40 16.26
N HIS C 228 -16.03 9.10 15.72
CA HIS C 228 -14.92 8.57 16.49
C HIS C 228 -13.86 9.65 16.48
N LEU C 229 -13.52 10.16 17.66
CA LEU C 229 -12.48 11.16 17.78
C LEU C 229 -11.23 10.46 18.31
N SER C 230 -10.14 10.48 17.53
CA SER C 230 -8.87 9.92 17.95
C SER C 230 -7.96 11.10 18.28
N PHE C 231 -7.77 11.30 19.58
CA PHE C 231 -7.01 12.46 20.05
C PHE C 231 -5.60 12.09 20.49
N ASP C 232 -4.62 12.55 19.72
CA ASP C 232 -3.22 12.41 20.10
C ASP C 232 -2.90 13.73 20.78
N VAL C 233 -2.41 13.68 22.04
CA VAL C 233 -2.10 14.90 22.81
C VAL C 233 -1.02 15.79 22.13
N ASP C 234 -0.21 15.23 21.20
CA ASP C 234 0.82 15.98 20.47
C ASP C 234 0.20 16.87 19.37
N GLY C 235 -1.12 16.77 19.15
CA GLY C 235 -1.86 17.65 18.24
C GLY C 235 -1.89 19.07 18.83
N LEU C 236 -1.91 19.15 20.17
CA LEU C 236 -1.82 20.43 20.91
C LEU C 236 -0.38 20.82 21.02
N ASP C 237 -0.12 22.13 21.07
CA ASP C 237 1.22 22.69 21.19
C ASP C 237 1.96 22.18 22.45
N PRO C 238 3.28 21.88 22.37
CA PRO C 238 4.02 21.43 23.57
C PRO C 238 4.01 22.37 24.77
N SER C 239 3.53 23.61 24.62
CA SER C 239 3.39 24.55 25.75
C SER C 239 2.21 24.10 26.64
N PHE C 240 1.33 23.22 26.12
CA PHE C 240 0.17 22.64 26.85
C PHE C 240 0.33 21.16 27.16
N THR C 241 0.90 20.39 26.21
CA THR C 241 1.08 18.95 26.38
C THR C 241 2.58 18.56 26.17
N PRO C 242 3.52 19.05 27.01
CA PRO C 242 4.94 18.71 26.79
C PRO C 242 5.32 17.24 27.05
N ALA C 243 4.64 16.56 27.97
CA ALA C 243 4.95 15.18 28.32
C ALA C 243 4.37 14.18 27.29
N THR C 244 5.01 14.15 26.11
CA THR C 244 4.62 13.34 24.95
C THR C 244 5.87 12.99 24.14
N GLY C 245 5.81 11.84 23.47
CA GLY C 245 6.91 11.28 22.69
C GLY C 245 7.45 12.11 21.54
N THR C 246 6.56 12.66 20.70
CA THR C 246 6.97 13.41 19.51
C THR C 246 6.38 14.84 19.53
N PRO C 247 6.89 15.74 20.42
CA PRO C 247 6.35 17.12 20.46
C PRO C 247 6.81 17.95 19.27
N VAL C 248 5.91 18.79 18.75
CA VAL C 248 6.18 19.62 17.58
C VAL C 248 5.61 20.97 17.89
N VAL C 249 6.47 21.99 17.74
CA VAL C 249 6.12 23.40 17.94
C VAL C 249 5.06 23.86 16.90
N GLY C 250 4.35 24.93 17.22
CA GLY C 250 3.31 25.50 16.36
C GLY C 250 2.00 24.72 16.36
N GLY C 251 1.69 24.08 17.49
CA GLY C 251 0.47 23.27 17.58
C GLY C 251 -0.80 24.01 17.88
N LEU C 252 -1.89 23.25 17.98
CA LEU C 252 -3.20 23.75 18.37
C LEU C 252 -3.12 24.30 19.78
N THR C 253 -3.80 25.41 20.05
CA THR C 253 -3.82 26.02 21.38
C THR C 253 -4.76 25.24 22.29
N TYR C 254 -4.68 25.50 23.59
CA TYR C 254 -5.56 24.91 24.62
C TYR C 254 -7.01 25.26 24.25
N ARG C 255 -7.25 26.53 23.85
CA ARG C 255 -8.55 27.04 23.42
C ARG C 255 -9.07 26.28 22.18
N GLU C 256 -8.24 26.13 21.15
CA GLU C 256 -8.61 25.38 19.92
C GLU C 256 -8.95 23.93 20.24
N GLY C 257 -8.16 23.29 21.11
CA GLY C 257 -8.40 21.91 21.54
C GLY C 257 -9.76 21.78 22.17
N LEU C 258 -10.10 22.69 23.11
CA LEU C 258 -11.41 22.76 23.79
C LEU C 258 -12.53 23.08 22.82
N TYR C 259 -12.27 23.95 21.82
CA TYR C 259 -13.28 24.29 20.82
C TYR C 259 -13.66 23.08 19.95
N ILE C 260 -12.66 22.30 19.47
CA ILE C 260 -12.90 21.10 18.68
C ILE C 260 -13.83 20.15 19.46
N THR C 261 -13.49 19.87 20.73
CA THR C 261 -14.20 18.90 21.56
C THR C 261 -15.58 19.42 22.00
N GLU C 262 -15.72 20.74 22.28
CA GLU C 262 -17.03 21.35 22.59
C GLU C 262 -17.99 21.21 21.38
N GLU C 263 -17.49 21.44 20.16
CA GLU C 263 -18.28 21.34 18.92
C GLU C 263 -18.70 19.90 18.64
N ILE C 264 -17.80 18.92 18.91
CA ILE C 264 -18.11 17.50 18.71
C ILE C 264 -19.18 17.09 19.75
N TYR C 265 -19.03 17.50 21.04
CA TYR C 265 -20.03 17.16 22.05
C TYR C 265 -21.41 17.59 21.59
N LYS C 266 -21.53 18.86 21.14
CA LYS C 266 -22.75 19.53 20.69
C LYS C 266 -23.52 18.79 19.60
N THR C 267 -22.83 18.00 18.75
CA THR C 267 -23.51 17.24 17.68
C THR C 267 -24.35 16.11 18.29
N GLY C 268 -23.92 15.63 19.46
CA GLY C 268 -24.54 14.53 20.18
C GLY C 268 -24.22 13.21 19.52
N LEU C 269 -23.21 13.21 18.63
CA LEU C 269 -22.86 12.03 17.84
C LEU C 269 -21.52 11.38 18.17
N LEU C 270 -20.79 11.87 19.19
CA LEU C 270 -19.55 11.21 19.63
C LEU C 270 -19.91 9.81 20.13
N SER C 271 -19.28 8.75 19.57
CA SER C 271 -19.52 7.35 19.93
C SER C 271 -18.26 6.65 20.39
N GLY C 272 -17.11 7.22 20.05
CA GLY C 272 -15.80 6.69 20.40
C GLY C 272 -14.80 7.79 20.60
N LEU C 273 -13.92 7.62 21.62
CA LEU C 273 -12.88 8.59 21.94
C LEU C 273 -11.59 7.90 22.39
N ASP C 274 -10.44 8.35 21.84
CA ASP C 274 -9.08 7.90 22.20
C ASP C 274 -8.33 9.10 22.73
N ILE C 275 -7.68 8.96 23.92
CA ILE C 275 -6.86 9.99 24.53
C ILE C 275 -5.49 9.33 24.56
N MET C 276 -4.68 9.66 23.53
CA MET C 276 -3.41 8.98 23.31
C MET C 276 -2.15 9.78 23.45
N GLU C 277 -1.03 9.01 23.68
CA GLU C 277 0.36 9.46 23.72
C GLU C 277 0.75 10.31 24.93
N VAL C 278 -0.01 10.24 26.05
CA VAL C 278 0.40 10.95 27.26
C VAL C 278 1.55 10.10 27.85
N ASN C 279 2.76 10.69 27.96
CA ASN C 279 3.90 9.97 28.53
C ASN C 279 4.41 10.72 29.78
N PRO C 280 3.96 10.28 30.97
CA PRO C 280 4.37 10.95 32.23
C PRO C 280 5.85 10.82 32.63
N SER C 281 6.64 10.04 31.88
CA SER C 281 8.07 9.95 32.17
C SER C 281 8.87 10.94 31.27
N LEU C 282 8.14 11.68 30.38
CA LEU C 282 8.78 12.61 29.44
C LEU C 282 8.63 14.10 29.80
N GLY C 283 8.22 14.38 31.02
CA GLY C 283 8.19 15.77 31.48
C GLY C 283 9.58 16.19 31.93
N LYS C 284 10.03 17.43 31.58
CA LYS C 284 11.34 17.95 32.02
C LYS C 284 11.29 18.28 33.53
N THR C 285 10.09 18.58 34.04
CA THR C 285 9.81 18.89 35.44
C THR C 285 8.51 18.14 35.82
N PRO C 286 8.21 17.91 37.13
CA PRO C 286 6.92 17.31 37.49
C PRO C 286 5.72 18.17 37.03
N GLU C 287 5.88 19.51 36.98
CA GLU C 287 4.84 20.45 36.54
C GLU C 287 4.47 20.22 35.07
N GLU C 288 5.45 19.87 34.21
CA GLU C 288 5.21 19.58 32.78
C GLU C 288 4.28 18.35 32.63
N VAL C 289 4.45 17.34 33.50
CA VAL C 289 3.62 16.15 33.55
C VAL C 289 2.19 16.52 34.00
N THR C 290 2.04 17.27 35.13
CA THR C 290 0.73 17.69 35.63
C THR C 290 0.00 18.58 34.62
N ARG C 291 0.74 19.44 33.88
CA ARG C 291 0.18 20.30 32.85
C ARG C 291 -0.42 19.47 31.70
N THR C 292 0.34 18.44 31.24
CA THR C 292 -0.06 17.54 30.15
C THR C 292 -1.32 16.77 30.57
N VAL C 293 -1.30 16.19 31.77
CA VAL C 293 -2.40 15.41 32.34
C VAL C 293 -3.63 16.29 32.50
N ASN C 294 -3.49 17.50 33.06
CA ASN C 294 -4.59 18.44 33.23
C ASN C 294 -5.20 18.84 31.92
N THR C 295 -4.36 19.08 30.88
CA THR C 295 -4.86 19.43 29.54
C THR C 295 -5.66 18.27 28.96
N ALA C 296 -5.11 17.05 29.02
CA ALA C 296 -5.75 15.82 28.54
C ALA C 296 -7.10 15.55 29.24
N VAL C 297 -7.17 15.81 30.55
CA VAL C 297 -8.41 15.69 31.34
C VAL C 297 -9.44 16.74 30.85
N ALA C 298 -9.02 18.01 30.69
CA ALA C 298 -9.86 19.11 30.22
C ALA C 298 -10.47 18.80 28.84
N ILE C 299 -9.65 18.25 27.92
CA ILE C 299 -10.10 17.85 26.57
C ILE C 299 -11.20 16.80 26.71
N THR C 300 -10.97 15.75 27.54
CA THR C 300 -11.91 14.65 27.79
C THR C 300 -13.24 15.15 28.35
N LEU C 301 -13.20 16.03 29.36
CA LEU C 301 -14.40 16.61 29.97
C LEU C 301 -15.25 17.40 28.98
N ALA C 302 -14.62 18.13 28.03
CA ALA C 302 -15.33 18.88 27.00
C ALA C 302 -16.04 17.94 26.03
N CYS C 303 -15.47 16.74 25.79
CA CYS C 303 -16.08 15.73 24.92
C CYS C 303 -17.40 15.26 25.49
N PHE C 304 -17.54 15.34 26.83
CA PHE C 304 -18.74 14.86 27.52
C PHE C 304 -19.59 15.97 28.17
N GLY C 305 -19.52 17.18 27.62
CA GLY C 305 -20.42 18.27 27.99
C GLY C 305 -19.92 19.49 28.73
N LEU C 306 -18.71 19.43 29.31
CA LEU C 306 -18.19 20.57 30.05
C LEU C 306 -17.98 21.74 29.09
N ALA C 307 -18.69 22.85 29.33
CA ALA C 307 -18.65 24.02 28.44
C ALA C 307 -18.06 25.24 29.10
N ARG C 308 -17.26 26.02 28.35
CA ARG C 308 -16.64 27.23 28.89
C ARG C 308 -17.66 28.32 29.27
N GLU C 309 -18.81 28.39 28.57
CA GLU C 309 -19.87 29.37 28.91
C GLU C 309 -20.55 29.03 30.25
N GLY C 310 -20.39 27.77 30.70
CA GLY C 310 -20.96 27.26 31.93
C GLY C 310 -21.91 26.13 31.66
N ASN C 311 -22.36 25.48 32.74
CA ASN C 311 -23.30 24.36 32.70
C ASN C 311 -24.24 24.52 33.88
N HIS C 312 -25.47 24.01 33.74
CA HIS C 312 -26.43 23.95 34.85
C HIS C 312 -27.37 22.75 34.71
N LYS C 313 -27.84 22.21 35.84
CA LYS C 313 -28.79 21.08 35.88
C LYS C 313 -30.19 21.62 35.52
N PRO C 314 -31.13 20.81 34.97
CA PRO C 314 -32.47 21.37 34.66
C PRO C 314 -33.37 21.51 35.90
N ILE C 315 -33.02 22.51 36.75
CA ILE C 315 -33.68 22.93 37.99
C ILE C 315 -33.70 24.46 38.08
N ASP C 316 -34.58 25.03 38.90
CA ASP C 316 -34.66 26.48 39.09
C ASP C 316 -33.67 26.88 40.17
N TYR C 317 -32.57 27.53 39.76
CA TYR C 317 -31.52 27.98 40.67
C TYR C 317 -31.92 29.25 41.43
N LEU C 318 -32.88 30.04 40.89
CA LEU C 318 -33.37 31.27 41.53
C LEU C 318 -34.47 31.01 42.59
N ASN C 319 -34.85 29.73 42.80
CA ASN C 319 -35.85 29.33 43.79
C ASN C 319 -35.30 28.24 44.70
N ALA D 3 14.29 24.08 -9.28
CA ALA D 3 13.23 25.06 -9.60
C ALA D 3 13.65 26.46 -9.16
N LYS D 4 13.17 27.49 -9.87
CA LYS D 4 13.46 28.92 -9.61
C LYS D 4 13.20 29.32 -8.15
N SER D 5 12.03 28.90 -7.61
CA SER D 5 11.63 29.19 -6.23
C SER D 5 12.51 28.46 -5.17
N ARG D 6 13.36 27.52 -5.62
CA ARG D 6 14.27 26.77 -4.75
C ARG D 6 15.74 26.90 -5.16
N THR D 7 16.08 27.91 -5.99
CA THR D 7 17.45 28.20 -6.41
C THR D 7 17.91 29.43 -5.62
N ILE D 8 18.87 29.23 -4.70
CA ILE D 8 19.29 30.23 -3.70
C ILE D 8 20.78 30.59 -3.73
N GLY D 9 21.04 31.87 -3.48
CA GLY D 9 22.36 32.45 -3.33
C GLY D 9 22.46 33.06 -1.95
N ILE D 10 23.24 32.42 -1.06
CA ILE D 10 23.43 32.82 0.35
C ILE D 10 24.48 33.92 0.45
N ILE D 11 24.12 35.03 1.13
CA ILE D 11 25.03 36.12 1.38
C ILE D 11 25.03 36.40 2.88
N GLY D 12 26.20 36.23 3.50
CA GLY D 12 26.39 36.56 4.89
C GLY D 12 26.73 38.03 4.98
N ALA D 13 26.01 38.77 5.82
CA ALA D 13 26.26 40.19 5.99
C ALA D 13 26.48 40.49 7.48
N PRO D 14 27.69 40.13 8.03
CA PRO D 14 27.94 40.32 9.47
C PRO D 14 28.21 41.76 9.82
N PHE D 15 27.14 42.56 9.89
CA PHE D 15 27.24 44.00 10.15
C PHE D 15 26.35 44.42 11.32
N SER D 16 26.89 45.24 12.22
CA SER D 16 26.18 45.68 13.42
C SER D 16 26.09 47.18 13.65
N LYS D 17 26.85 47.97 12.90
CA LYS D 17 26.95 49.42 13.10
C LYS D 17 25.69 50.23 12.71
N GLY D 18 24.60 49.55 12.32
CA GLY D 18 23.34 50.24 12.11
C GLY D 18 22.58 50.45 13.41
N GLN D 19 23.08 49.86 14.52
CA GLN D 19 22.47 49.91 15.87
C GLN D 19 23.55 49.83 16.98
N PRO D 20 23.25 50.16 18.26
CA PRO D 20 24.34 50.17 19.27
C PRO D 20 24.68 48.87 19.97
N ARG D 21 23.86 47.81 19.82
CA ARG D 21 24.09 46.55 20.52
C ARG D 21 25.00 45.57 19.77
N GLY D 22 26.14 45.26 20.37
CA GLY D 22 27.09 44.29 19.81
C GLY D 22 26.50 42.88 19.81
N GLY D 23 26.88 42.12 18.79
CA GLY D 23 26.47 40.74 18.63
C GLY D 23 25.70 40.35 17.38
N VAL D 24 24.92 41.30 16.81
CA VAL D 24 24.08 41.05 15.64
C VAL D 24 24.93 40.64 14.41
N GLU D 25 26.23 40.99 14.41
CA GLU D 25 27.18 40.62 13.36
C GLU D 25 27.46 39.10 13.38
N GLU D 26 27.11 38.41 14.49
CA GLU D 26 27.29 36.95 14.63
C GLU D 26 26.08 36.17 14.08
N GLY D 27 25.05 36.89 13.61
CA GLY D 27 23.85 36.33 13.00
C GLY D 27 24.13 35.34 11.88
N PRO D 28 24.96 35.68 10.85
CA PRO D 28 25.25 34.70 9.79
C PRO D 28 25.95 33.43 10.29
N THR D 29 26.87 33.58 11.27
CA THR D 29 27.63 32.48 11.88
C THR D 29 26.70 31.45 12.55
N VAL D 30 25.82 31.92 13.45
CA VAL D 30 24.91 31.09 14.22
C VAL D 30 23.82 30.44 13.32
N LEU D 31 23.32 31.15 12.27
CA LEU D 31 22.35 30.55 11.34
C LEU D 31 22.97 29.41 10.50
N ARG D 32 24.28 29.57 10.12
CA ARG D 32 25.04 28.56 9.39
C ARG D 32 25.30 27.35 10.31
N LYS D 33 25.75 27.61 11.57
CA LYS D 33 26.04 26.58 12.59
C LYS D 33 24.82 25.69 12.88
N ALA D 34 23.60 26.27 12.78
CA ALA D 34 22.33 25.57 12.98
C ALA D 34 21.99 24.60 11.82
N GLY D 35 22.78 24.65 10.75
CA GLY D 35 22.62 23.75 9.60
C GLY D 35 21.64 24.20 8.53
N LEU D 36 21.47 25.53 8.39
CA LEU D 36 20.56 26.13 7.39
C LEU D 36 20.84 25.64 5.97
N LEU D 37 22.11 25.66 5.55
CA LEU D 37 22.51 25.26 4.20
C LEU D 37 22.15 23.80 3.91
N GLU D 38 22.48 22.88 4.84
CA GLU D 38 22.21 21.45 4.77
C GLU D 38 20.70 21.19 4.75
N LYS D 39 19.93 21.90 5.61
CA LYS D 39 18.48 21.76 5.70
C LYS D 39 17.77 22.20 4.39
N LEU D 40 18.32 23.24 3.72
CA LEU D 40 17.78 23.73 2.46
C LEU D 40 18.03 22.70 1.35
N LYS D 41 19.23 22.09 1.32
CA LYS D 41 19.60 21.08 0.32
C LYS D 41 18.74 19.82 0.46
N GLU D 42 18.34 19.47 1.70
CA GLU D 42 17.47 18.33 2.02
C GLU D 42 16.02 18.57 1.55
N GLN D 43 15.69 19.84 1.26
CA GLN D 43 14.40 20.35 0.83
C GLN D 43 14.36 20.57 -0.70
N GLU D 44 15.27 19.91 -1.44
CA GLU D 44 15.41 19.98 -2.91
C GLU D 44 15.80 21.37 -3.43
N CYS D 45 16.60 22.11 -2.64
CA CYS D 45 17.10 23.43 -3.01
C CYS D 45 18.49 23.35 -3.63
N ASP D 46 18.74 24.20 -4.64
CA ASP D 46 20.04 24.37 -5.28
C ASP D 46 20.62 25.58 -4.52
N VAL D 47 21.55 25.31 -3.60
CA VAL D 47 22.17 26.30 -2.73
C VAL D 47 23.64 26.59 -3.11
N LYS D 48 23.94 27.88 -3.32
CA LYS D 48 25.29 28.38 -3.59
C LYS D 48 25.56 29.41 -2.51
N ASP D 49 26.68 29.25 -1.81
CA ASP D 49 27.05 30.13 -0.72
C ASP D 49 28.13 31.11 -1.19
N TYR D 50 27.78 32.41 -1.20
CA TYR D 50 28.66 33.50 -1.65
C TYR D 50 29.60 33.99 -0.54
N GLY D 51 29.53 33.33 0.62
CA GLY D 51 30.33 33.64 1.79
C GLY D 51 29.87 34.86 2.57
N ASP D 52 30.67 35.26 3.56
CA ASP D 52 30.38 36.42 4.38
C ASP D 52 31.15 37.62 3.86
N LEU D 53 30.43 38.71 3.58
CA LEU D 53 31.02 39.95 3.10
C LEU D 53 32.01 40.55 4.10
N PRO D 54 33.22 40.93 3.63
CA PRO D 54 34.17 41.58 4.53
C PRO D 54 33.75 43.07 4.62
N PHE D 55 33.43 43.51 5.81
CA PHE D 55 33.06 44.92 5.97
C PHE D 55 34.23 45.54 6.68
N ALA D 56 35.27 45.92 5.89
CA ALA D 56 36.51 46.54 6.39
C ALA D 56 36.13 47.75 7.21
N ASP D 57 36.75 47.84 8.38
CA ASP D 57 36.46 48.87 9.36
C ASP D 57 36.68 50.28 8.82
N ILE D 58 35.76 51.20 9.14
CA ILE D 58 35.89 52.61 8.77
C ILE D 58 36.13 53.39 10.09
N PRO D 59 37.40 53.64 10.46
CA PRO D 59 37.65 54.43 11.67
C PRO D 59 37.41 55.92 11.38
N ASN D 60 37.18 56.74 12.42
CA ASN D 60 36.91 58.19 12.31
C ASN D 60 35.58 58.52 11.57
N ASP D 61 34.65 57.55 11.57
CA ASP D 61 33.31 57.66 11.00
C ASP D 61 32.42 58.47 11.97
N SER D 62 32.63 59.77 11.97
CA SER D 62 31.95 60.75 12.82
C SER D 62 30.45 60.80 12.50
N PRO D 63 29.57 61.10 13.48
CA PRO D 63 28.14 61.12 13.17
C PRO D 63 27.67 62.29 12.31
N PHE D 64 26.63 62.05 11.49
CA PHE D 64 25.99 63.08 10.70
C PHE D 64 24.84 63.50 11.60
N GLN D 65 24.97 64.68 12.24
CA GLN D 65 24.00 65.19 13.24
C GLN D 65 23.92 64.13 14.39
N ILE D 66 22.78 63.46 14.58
CA ILE D 66 22.63 62.41 15.60
C ILE D 66 22.77 60.99 15.00
N VAL D 67 22.87 60.89 13.66
CA VAL D 67 22.97 59.65 12.91
C VAL D 67 24.36 59.01 13.08
N LYS D 68 24.39 57.81 13.66
CA LYS D 68 25.63 57.09 14.02
C LYS D 68 26.16 56.20 12.93
N ASN D 69 27.51 56.18 12.80
CA ASN D 69 28.31 55.42 11.83
C ASN D 69 27.76 55.52 10.40
N PRO D 70 27.49 56.74 9.85
CA PRO D 70 26.86 56.80 8.51
C PRO D 70 27.68 56.20 7.38
N ARG D 71 29.00 56.41 7.36
CA ARG D 71 29.89 55.87 6.32
C ARG D 71 29.98 54.37 6.36
N SER D 72 30.04 53.76 7.56
CA SER D 72 30.08 52.30 7.76
C SER D 72 28.79 51.65 7.25
N VAL D 73 27.63 52.19 7.64
CA VAL D 73 26.30 51.72 7.22
C VAL D 73 26.10 51.91 5.73
N GLY D 74 26.47 53.10 5.21
CA GLY D 74 26.38 53.42 3.79
C GLY D 74 27.22 52.49 2.94
N LYS D 75 28.47 52.24 3.34
CA LYS D 75 29.40 51.37 2.61
C LYS D 75 28.97 49.91 2.64
N ALA D 76 28.56 49.39 3.83
CA ALA D 76 28.10 48.01 3.99
C ALA D 76 26.90 47.75 3.07
N SER D 77 25.94 48.71 3.01
CA SER D 77 24.78 48.58 2.13
C SER D 77 25.20 48.70 0.65
N GLU D 78 26.17 49.61 0.33
CA GLU D 78 26.67 49.75 -1.04
C GLU D 78 27.29 48.44 -1.54
N GLN D 79 28.10 47.78 -0.71
CA GLN D 79 28.74 46.48 -1.00
C GLN D 79 27.68 45.39 -1.13
N LEU D 80 26.71 45.35 -0.19
CA LEU D 80 25.63 44.36 -0.22
C LEU D 80 24.81 44.47 -1.49
N ALA D 81 24.52 45.72 -1.93
CA ALA D 81 23.79 45.99 -3.16
C ALA D 81 24.49 45.34 -4.35
N GLY D 82 25.81 45.54 -4.46
CA GLY D 82 26.63 44.94 -5.51
C GLY D 82 26.59 43.43 -5.50
N LYS D 83 26.70 42.82 -4.31
CA LYS D 83 26.65 41.37 -4.11
C LYS D 83 25.27 40.77 -4.44
N VAL D 84 24.17 41.42 -3.98
CA VAL D 84 22.79 40.97 -4.24
C VAL D 84 22.51 41.02 -5.76
N ALA D 85 22.95 42.10 -6.43
CA ALA D 85 22.80 42.28 -7.89
C ALA D 85 23.51 41.12 -8.64
N GLU D 86 24.72 40.73 -8.17
CA GLU D 86 25.52 39.62 -8.71
C GLU D 86 24.74 38.29 -8.60
N VAL D 87 24.17 38.01 -7.40
CA VAL D 87 23.36 36.82 -7.09
C VAL D 87 22.12 36.80 -7.99
N LYS D 88 21.41 37.95 -8.11
CA LYS D 88 20.23 38.09 -8.96
C LYS D 88 20.53 37.84 -10.44
N LYS D 89 21.69 38.33 -10.93
CA LYS D 89 22.15 38.12 -12.31
C LYS D 89 22.45 36.63 -12.59
N ASN D 90 22.84 35.87 -11.55
CA ASN D 90 23.12 34.43 -11.59
C ASN D 90 21.85 33.54 -11.51
N GLY D 91 20.67 34.17 -11.61
CA GLY D 91 19.38 33.50 -11.57
C GLY D 91 19.04 32.84 -10.25
N ARG D 92 19.48 33.43 -9.13
CA ARG D 92 19.23 32.87 -7.79
C ARG D 92 18.45 33.83 -6.93
N ILE D 93 17.72 33.30 -5.93
CA ILE D 93 17.00 34.10 -4.95
C ILE D 93 18.08 34.50 -3.96
N SER D 94 18.26 35.80 -3.75
CA SER D 94 19.26 36.26 -2.78
C SER D 94 18.74 36.07 -1.36
N LEU D 95 19.56 35.46 -0.51
CA LEU D 95 19.23 35.18 0.88
C LEU D 95 20.29 35.86 1.72
N VAL D 96 19.94 37.01 2.29
CA VAL D 96 20.82 37.82 3.10
C VAL D 96 20.65 37.44 4.57
N LEU D 97 21.76 37.00 5.18
CA LEU D 97 21.78 36.65 6.58
C LEU D 97 22.40 37.82 7.32
N GLY D 98 21.55 38.50 8.08
CA GLY D 98 21.93 39.66 8.87
C GLY D 98 22.49 39.27 10.24
N GLY D 99 23.05 40.22 10.96
CA GLY D 99 23.18 41.63 10.60
C GLY D 99 21.97 42.47 10.95
N ASP D 100 22.18 43.77 11.22
CA ASP D 100 21.07 44.66 11.55
C ASP D 100 20.28 45.05 10.26
N HIS D 101 19.06 45.56 10.46
CA HIS D 101 18.14 45.89 9.39
C HIS D 101 18.53 47.07 8.47
N SER D 102 19.62 47.80 8.76
CA SER D 102 20.04 48.92 7.89
C SER D 102 20.57 48.37 6.55
N LEU D 103 20.94 47.08 6.56
CA LEU D 103 21.43 46.39 5.38
C LEU D 103 20.32 46.21 4.29
N ALA D 104 19.03 46.38 4.66
CA ALA D 104 17.88 46.34 3.72
C ALA D 104 18.02 47.39 2.62
N ILE D 105 18.69 48.52 2.94
CA ILE D 105 19.00 49.58 1.96
C ILE D 105 19.76 48.92 0.81
N GLY D 106 20.83 48.19 1.13
CA GLY D 106 21.65 47.51 0.11
C GLY D 106 20.98 46.32 -0.52
N SER D 107 20.30 45.50 0.31
CA SER D 107 19.58 44.33 -0.19
C SER D 107 18.50 44.69 -1.21
N ILE D 108 17.58 45.61 -0.88
CA ILE D 108 16.49 46.03 -1.79
C ILE D 108 17.06 46.84 -2.98
N SER D 109 18.02 47.77 -2.75
CA SER D 109 18.63 48.55 -3.85
C SER D 109 19.27 47.64 -4.90
N GLY D 110 20.04 46.64 -4.44
CA GLY D 110 20.72 45.66 -5.29
C GLY D 110 19.77 44.75 -6.04
N HIS D 111 18.71 44.33 -5.35
CA HIS D 111 17.65 43.50 -5.93
C HIS D 111 16.89 44.30 -7.03
N ALA D 112 16.56 45.58 -6.73
CA ALA D 112 15.87 46.48 -7.66
C ALA D 112 16.68 46.81 -8.94
N ARG D 113 18.02 46.68 -8.89
CA ARG D 113 18.87 46.94 -10.06
C ARG D 113 18.61 45.91 -11.17
N VAL D 114 18.32 44.65 -10.77
CA VAL D 114 18.04 43.55 -11.69
C VAL D 114 16.52 43.46 -11.92
N HIS D 115 15.72 43.70 -10.87
CA HIS D 115 14.26 43.65 -10.91
C HIS D 115 13.61 44.97 -10.42
N PRO D 116 13.51 46.01 -11.29
CA PRO D 116 12.95 47.30 -10.83
C PRO D 116 11.45 47.30 -10.49
N ASP D 117 10.71 46.27 -10.94
CA ASP D 117 9.28 46.10 -10.70
C ASP D 117 8.94 45.31 -9.40
N LEU D 118 9.94 45.09 -8.51
CA LEU D 118 9.72 44.33 -7.28
C LEU D 118 8.74 44.99 -6.29
N GLY D 119 8.05 44.13 -5.53
CA GLY D 119 7.15 44.48 -4.44
C GLY D 119 7.82 44.05 -3.14
N VAL D 120 7.65 44.84 -2.07
CA VAL D 120 8.26 44.52 -0.77
C VAL D 120 7.21 44.12 0.27
N ILE D 121 7.46 43.01 0.98
CA ILE D 121 6.71 42.58 2.16
C ILE D 121 7.69 42.76 3.32
N TRP D 122 7.32 43.63 4.24
CA TRP D 122 8.15 43.99 5.37
C TRP D 122 7.54 43.44 6.65
N VAL D 123 8.17 42.37 7.21
CA VAL D 123 7.70 41.69 8.44
C VAL D 123 8.53 42.18 9.62
N ASP D 124 7.84 42.87 10.57
CA ASP D 124 8.51 43.57 11.67
C ASP D 124 7.53 44.13 12.67
N ALA D 125 8.00 44.32 13.93
CA ALA D 125 7.29 45.05 14.97
C ALA D 125 7.32 46.55 14.63
N HIS D 126 8.28 46.96 13.82
CA HIS D 126 8.59 48.35 13.47
C HIS D 126 8.51 48.69 12.00
N THR D 127 8.29 49.99 11.69
CA THR D 127 8.23 50.50 10.31
C THR D 127 9.62 50.73 9.72
N ASP D 128 10.61 51.16 10.52
CA ASP D 128 12.00 51.46 10.05
C ASP D 128 12.01 52.54 8.94
N ILE D 129 11.16 53.54 9.11
CA ILE D 129 10.93 54.61 8.15
C ILE D 129 11.28 56.00 8.72
N ASN D 130 12.01 56.04 9.81
CA ASN D 130 12.46 57.32 10.28
C ASN D 130 13.41 57.84 9.22
N THR D 131 13.38 59.14 8.93
CA THR D 131 14.31 59.75 8.00
C THR D 131 15.54 60.14 8.87
N PRO D 132 16.70 60.55 8.32
CA PRO D 132 17.78 61.03 9.20
C PRO D 132 17.43 62.28 10.02
N LEU D 133 16.26 62.93 9.75
CA LEU D 133 15.79 64.13 10.45
C LEU D 133 14.62 63.85 11.42
N THR D 134 13.90 62.73 11.25
CA THR D 134 12.82 62.40 12.20
C THR D 134 13.33 61.47 13.30
N THR D 135 14.43 60.75 13.05
CA THR D 135 14.98 59.85 14.05
C THR D 135 15.32 60.57 15.37
N THR D 136 15.18 59.85 16.50
CA THR D 136 15.52 60.37 17.83
C THR D 136 16.71 59.58 18.42
N SER D 137 16.98 58.39 17.89
CA SER D 137 18.08 57.54 18.35
C SER D 137 19.33 57.74 17.49
N GLY D 138 19.10 58.00 16.18
CA GLY D 138 20.13 58.14 15.16
C GLY D 138 20.72 56.81 14.72
N ASN D 139 20.03 55.71 15.01
CA ASN D 139 20.44 54.36 14.65
C ASN D 139 19.86 54.07 13.29
N LEU D 140 20.74 53.74 12.33
CA LEU D 140 20.34 53.59 10.94
C LEU D 140 19.43 52.37 10.67
N HIS D 141 19.39 51.35 11.58
CA HIS D 141 18.51 50.19 11.43
C HIS D 141 17.01 50.54 11.51
N GLY D 142 16.67 51.76 11.98
CA GLY D 142 15.30 52.27 12.05
C GLY D 142 14.95 53.29 10.98
N GLN D 143 15.80 53.45 9.95
CA GLN D 143 15.64 54.41 8.86
C GLN D 143 15.70 53.79 7.43
N PRO D 144 15.94 52.46 7.22
CA PRO D 144 16.11 51.94 5.85
C PRO D 144 15.04 52.27 4.85
N VAL D 145 13.78 52.10 5.23
CA VAL D 145 12.65 52.32 4.32
C VAL D 145 12.63 53.78 3.80
N SER D 146 12.96 54.77 4.66
CA SER D 146 13.01 56.19 4.28
C SER D 146 14.02 56.48 3.12
N PHE D 147 15.13 55.72 3.05
CA PHE D 147 16.12 55.84 1.97
C PHE D 147 15.64 55.17 0.66
N LEU D 148 14.74 54.21 0.76
CA LEU D 148 14.27 53.45 -0.40
C LEU D 148 13.03 54.03 -1.10
N LEU D 149 12.19 54.81 -0.37
CA LEU D 149 10.95 55.37 -0.94
C LEU D 149 11.14 56.58 -1.84
N LYS D 150 10.56 56.51 -3.05
CA LYS D 150 10.57 57.60 -4.04
C LYS D 150 9.87 58.86 -3.52
N GLU D 151 8.74 58.69 -2.81
CA GLU D 151 7.96 59.80 -2.25
C GLU D 151 8.67 60.60 -1.16
N LEU D 152 9.75 60.05 -0.57
CA LEU D 152 10.52 60.73 0.46
C LEU D 152 11.78 61.44 -0.07
N LYS D 153 11.90 61.53 -1.41
CA LYS D 153 12.99 62.23 -2.09
C LYS D 153 12.80 63.72 -1.82
N GLY D 154 13.82 64.33 -1.24
CA GLY D 154 13.78 65.74 -0.83
C GLY D 154 13.61 65.91 0.66
N LYS D 155 13.35 64.79 1.36
CA LYS D 155 13.18 64.73 2.82
C LYS D 155 14.41 64.06 3.43
N ILE D 156 15.23 63.39 2.60
CA ILE D 156 16.44 62.72 3.05
C ILE D 156 17.63 63.68 2.83
N PRO D 157 18.36 64.09 3.90
CA PRO D 157 19.51 64.99 3.68
C PRO D 157 20.70 64.21 3.11
N ASP D 158 21.76 64.92 2.68
CA ASP D 158 22.95 64.32 2.10
C ASP D 158 23.80 63.70 3.23
N VAL D 159 23.50 62.43 3.56
CA VAL D 159 24.19 61.68 4.62
C VAL D 159 25.49 61.07 4.05
N PRO D 160 26.67 61.29 4.68
CA PRO D 160 27.92 60.69 4.17
C PRO D 160 27.85 59.17 4.10
N GLY D 161 28.23 58.63 2.95
CA GLY D 161 28.20 57.20 2.65
C GLY D 161 26.98 56.76 1.85
N PHE D 162 25.98 57.66 1.65
CA PHE D 162 24.73 57.33 0.96
C PHE D 162 24.50 58.04 -0.39
N SER D 163 25.56 58.63 -1.00
CA SER D 163 25.41 59.32 -2.32
C SER D 163 25.04 58.35 -3.47
N TRP D 164 25.36 57.06 -3.30
CA TRP D 164 25.06 56.01 -4.28
C TRP D 164 23.57 55.65 -4.34
N VAL D 165 22.81 55.94 -3.25
CA VAL D 165 21.38 55.59 -3.11
C VAL D 165 20.46 56.42 -4.01
N THR D 166 19.64 55.73 -4.79
CA THR D 166 18.57 56.28 -5.62
C THR D 166 17.32 55.54 -5.13
N PRO D 167 16.29 56.26 -4.60
CA PRO D 167 15.08 55.56 -4.13
C PRO D 167 14.50 54.72 -5.25
N CYS D 168 14.29 53.42 -4.95
CA CYS D 168 13.87 52.43 -5.95
C CYS D 168 12.45 51.90 -5.78
N ILE D 169 11.75 52.25 -4.69
CA ILE D 169 10.38 51.76 -4.46
C ILE D 169 9.39 52.87 -4.17
N SER D 170 8.17 52.74 -4.70
CA SER D 170 7.09 53.69 -4.45
C SER D 170 6.34 53.20 -3.21
N ALA D 171 5.66 54.14 -2.51
CA ALA D 171 4.90 53.87 -1.30
C ALA D 171 3.85 52.77 -1.50
N LYS D 172 3.32 52.65 -2.74
CA LYS D 172 2.32 51.66 -3.14
C LYS D 172 2.91 50.25 -3.39
N ASP D 173 4.25 50.12 -3.40
CA ASP D 173 4.93 48.85 -3.65
C ASP D 173 5.43 48.13 -2.40
N ILE D 174 4.98 48.55 -1.21
CA ILE D 174 5.41 47.97 0.07
C ILE D 174 4.22 47.64 0.98
N VAL D 175 4.28 46.49 1.65
CA VAL D 175 3.26 46.08 2.62
C VAL D 175 3.97 45.70 3.92
N TYR D 176 3.56 46.30 5.04
CA TYR D 176 4.06 46.00 6.37
C TYR D 176 3.14 44.99 7.03
N ILE D 177 3.74 44.02 7.76
CA ILE D 177 3.00 43.03 8.56
C ILE D 177 3.66 42.89 9.94
N GLY D 178 2.89 43.07 11.01
CA GLY D 178 3.37 42.88 12.39
C GLY D 178 3.64 44.11 13.23
N LEU D 179 3.30 45.30 12.71
CA LEU D 179 3.57 46.56 13.40
C LEU D 179 2.94 46.63 14.77
N ARG D 180 3.71 47.12 15.75
CA ARG D 180 3.23 47.33 17.11
C ARG D 180 4.12 48.32 17.90
N ASP D 181 5.21 48.87 17.30
CA ASP D 181 6.13 49.83 17.95
C ASP D 181 6.58 50.88 16.93
N VAL D 182 5.71 51.85 16.71
CA VAL D 182 5.83 52.87 15.67
C VAL D 182 5.97 54.26 16.26
N ASP D 183 7.05 54.97 15.88
CA ASP D 183 7.36 56.36 16.31
C ASP D 183 6.36 57.41 15.76
N PRO D 184 6.19 58.59 16.41
CA PRO D 184 5.26 59.61 15.85
C PRO D 184 5.63 60.15 14.47
N GLY D 185 6.93 60.33 14.21
CA GLY D 185 7.41 60.75 12.90
C GLY D 185 7.03 59.70 11.86
N GLU D 186 7.26 58.41 12.23
CA GLU D 186 6.96 57.23 11.43
C GLU D 186 5.46 57.07 11.13
N HIS D 187 4.60 57.18 12.15
CA HIS D 187 3.16 57.06 11.99
C HIS D 187 2.63 58.13 11.02
N TYR D 188 3.14 59.38 11.15
CA TYR D 188 2.82 60.49 10.25
C TYR D 188 3.18 60.11 8.80
N ILE D 189 4.43 59.63 8.57
CA ILE D 189 4.90 59.21 7.24
C ILE D 189 4.01 58.12 6.68
N LEU D 190 3.76 57.08 7.50
CA LEU D 190 2.93 55.92 7.14
C LEU D 190 1.53 56.35 6.68
N LYS D 191 0.91 57.29 7.40
CA LYS D 191 -0.43 57.77 7.08
C LYS D 191 -0.46 58.75 5.91
N THR D 192 0.47 59.71 5.86
CA THR D 192 0.50 60.72 4.77
C THR D 192 0.87 60.13 3.41
N LEU D 193 1.71 59.07 3.38
CA LEU D 193 2.09 58.45 2.10
C LEU D 193 1.09 57.39 1.64
N GLY D 194 0.18 57.01 2.54
CA GLY D 194 -0.87 56.02 2.28
C GLY D 194 -0.32 54.61 2.08
N ILE D 195 0.77 54.26 2.78
CA ILE D 195 1.38 52.92 2.71
C ILE D 195 0.44 51.88 3.29
N LYS D 196 0.30 50.73 2.58
CA LYS D 196 -0.52 49.61 3.01
C LYS D 196 0.21 48.91 4.19
N TYR D 197 -0.52 48.64 5.29
CA TYR D 197 0.04 48.01 6.47
C TYR D 197 -0.98 47.18 7.19
N PHE D 198 -0.49 46.15 7.89
CA PHE D 198 -1.27 45.29 8.73
C PHE D 198 -0.55 45.26 10.06
N SER D 199 -0.91 46.21 10.94
CA SER D 199 -0.32 46.23 12.28
C SER D 199 -0.93 45.02 13.03
N MET D 200 -0.49 44.77 14.28
CA MET D 200 -1.05 43.65 15.06
C MET D 200 -2.57 43.81 15.22
N THR D 201 -3.08 45.06 15.20
CA THR D 201 -4.51 45.42 15.27
C THR D 201 -5.27 44.80 14.08
N GLU D 202 -4.76 44.98 12.85
CA GLU D 202 -5.37 44.40 11.63
C GLU D 202 -5.24 42.88 11.64
N VAL D 203 -4.08 42.33 12.11
CA VAL D 203 -3.87 40.88 12.23
C VAL D 203 -4.95 40.30 13.21
N ASP D 204 -5.20 40.99 14.32
CA ASP D 204 -6.21 40.56 15.30
C ASP D 204 -7.64 40.64 14.72
N ARG D 205 -7.95 41.72 13.99
CA ARG D 205 -9.24 41.95 13.34
C ARG D 205 -9.53 40.96 12.25
N LEU D 206 -8.60 40.77 11.32
CA LEU D 206 -8.81 39.97 10.12
C LEU D 206 -8.44 38.52 10.20
N GLY D 207 -7.38 38.21 10.94
CA GLY D 207 -6.80 36.88 10.98
C GLY D 207 -5.69 36.85 9.93
N ILE D 208 -4.63 36.06 10.16
CA ILE D 208 -3.49 36.00 9.24
C ILE D 208 -3.87 35.55 7.80
N GLY D 209 -4.95 34.75 7.67
CA GLY D 209 -5.45 34.27 6.38
C GLY D 209 -5.85 35.42 5.47
N LYS D 210 -6.71 36.32 5.99
CA LYS D 210 -7.21 37.48 5.29
C LYS D 210 -6.06 38.47 5.04
N VAL D 211 -5.14 38.64 6.03
CA VAL D 211 -3.96 39.51 5.94
C VAL D 211 -3.13 39.10 4.69
N MET D 212 -2.81 37.82 4.55
CA MET D 212 -2.03 37.31 3.42
C MET D 212 -2.75 37.45 2.08
N GLU D 213 -4.05 37.11 2.06
CA GLU D 213 -4.92 37.23 0.88
C GLU D 213 -4.89 38.68 0.36
N GLU D 214 -5.08 39.66 1.28
CA GLU D 214 -5.05 41.08 0.98
C GLU D 214 -3.67 41.57 0.54
N THR D 215 -2.58 41.15 1.25
CA THR D 215 -1.20 41.50 0.94
C THR D 215 -0.83 41.08 -0.48
N LEU D 216 -1.02 39.78 -0.81
CA LEU D 216 -0.67 39.26 -2.13
C LEU D 216 -1.54 39.83 -3.25
N SER D 217 -2.82 40.11 -2.97
CA SER D 217 -3.71 40.73 -3.96
C SER D 217 -3.25 42.17 -4.23
N TYR D 218 -2.96 42.91 -3.17
CA TYR D 218 -2.51 44.30 -3.26
C TYR D 218 -1.24 44.46 -4.10
N LEU D 219 -0.29 43.53 -3.93
CA LEU D 219 0.98 43.59 -4.66
C LEU D 219 0.95 42.93 -6.03
N LEU D 220 0.22 41.81 -6.19
CA LEU D 220 0.23 41.03 -7.42
C LEU D 220 -1.03 41.11 -8.30
N GLY D 221 -2.11 41.72 -7.80
CA GLY D 221 -3.39 41.86 -8.49
C GLY D 221 -3.35 42.41 -9.91
N ARG D 222 -2.55 43.48 -10.14
CA ARG D 222 -2.35 44.13 -11.44
C ARG D 222 -1.65 43.18 -12.41
N LYS D 223 -0.55 42.54 -11.94
CA LYS D 223 0.25 41.55 -12.66
C LYS D 223 1.31 40.93 -11.75
N LYS D 224 1.75 39.69 -12.08
CA LYS D 224 2.81 38.97 -11.34
C LYS D 224 4.08 39.81 -11.43
N ARG D 225 4.78 39.93 -10.30
CA ARG D 225 6.01 40.72 -10.18
C ARG D 225 6.90 40.10 -9.09
N PRO D 226 8.24 40.34 -9.08
CA PRO D 226 9.09 39.74 -8.04
C PRO D 226 8.81 40.22 -6.63
N ILE D 227 8.92 39.32 -5.64
CA ILE D 227 8.68 39.65 -4.25
C ILE D 227 9.97 39.67 -3.46
N HIS D 228 10.17 40.75 -2.68
CA HIS D 228 11.26 40.86 -1.74
C HIS D 228 10.65 40.81 -0.34
N LEU D 229 11.00 39.80 0.44
CA LEU D 229 10.54 39.68 1.81
C LEU D 229 11.66 40.11 2.72
N SER D 230 11.43 41.15 3.51
CA SER D 230 12.43 41.66 4.45
C SER D 230 11.94 41.30 5.86
N PHE D 231 12.55 40.23 6.41
CA PHE D 231 12.10 39.67 7.70
C PHE D 231 12.97 40.06 8.87
N ASP D 232 12.44 40.89 9.76
CA ASP D 232 13.11 41.25 11.03
C ASP D 232 12.54 40.23 12.01
N VAL D 233 13.40 39.46 12.68
CA VAL D 233 12.94 38.43 13.63
C VAL D 233 12.08 38.98 14.80
N ASP D 234 12.19 40.31 15.15
CA ASP D 234 11.34 40.94 16.16
C ASP D 234 9.89 41.17 15.66
N GLY D 235 9.58 40.77 14.42
CA GLY D 235 8.21 40.76 13.90
C GLY D 235 7.42 39.71 14.68
N LEU D 236 8.11 38.59 15.00
CA LEU D 236 7.55 37.50 15.81
C LEU D 236 7.65 37.86 17.27
N ASP D 237 6.74 37.30 18.07
CA ASP D 237 6.66 37.50 19.51
C ASP D 237 7.95 37.07 20.22
N PRO D 238 8.42 37.82 21.25
CA PRO D 238 9.65 37.43 21.96
C PRO D 238 9.63 36.05 22.61
N SER D 239 8.45 35.38 22.70
CA SER D 239 8.35 34.02 23.22
C SER D 239 8.97 33.04 22.20
N PHE D 240 9.14 33.47 20.93
CA PHE D 240 9.75 32.69 19.84
C PHE D 240 11.13 33.20 19.42
N THR D 241 11.30 34.54 19.37
CA THR D 241 12.56 35.16 18.95
C THR D 241 13.09 36.14 20.01
N PRO D 242 13.43 35.66 21.25
CA PRO D 242 13.91 36.60 22.29
C PRO D 242 15.28 37.24 22.04
N ALA D 243 16.20 36.54 21.37
CA ALA D 243 17.57 37.04 21.11
C ALA D 243 17.61 38.05 19.97
N THR D 244 17.09 39.25 20.25
CA THR D 244 16.96 40.36 19.32
C THR D 244 17.04 41.68 20.07
N GLY D 245 17.54 42.71 19.39
CA GLY D 245 17.77 44.05 19.92
C GLY D 245 16.57 44.79 20.45
N THR D 246 15.44 44.80 19.72
CA THR D 246 14.22 45.52 20.13
C THR D 246 13.00 44.56 20.19
N PRO D 247 12.92 43.70 21.24
CA PRO D 247 11.75 42.80 21.36
C PRO D 247 10.50 43.55 21.82
N VAL D 248 9.34 43.24 21.21
CA VAL D 248 8.06 43.87 21.57
C VAL D 248 7.02 42.75 21.79
N VAL D 249 6.36 42.76 22.97
CA VAL D 249 5.32 41.78 23.31
C VAL D 249 4.09 41.92 22.38
N GLY D 250 3.32 40.85 22.26
CA GLY D 250 2.13 40.84 21.41
C GLY D 250 2.43 40.66 19.95
N GLY D 251 3.55 40.00 19.63
CA GLY D 251 3.95 39.78 18.26
C GLY D 251 3.25 38.66 17.52
N LEU D 252 3.67 38.48 16.28
CA LEU D 252 3.18 37.39 15.43
C LEU D 252 3.58 36.05 16.08
N THR D 253 2.70 35.05 16.01
CA THR D 253 3.00 33.74 16.57
C THR D 253 3.94 32.99 15.61
N TYR D 254 4.48 31.84 16.07
CA TYR D 254 5.34 30.96 15.28
C TYR D 254 4.51 30.50 14.05
N ARG D 255 3.25 30.13 14.29
CA ARG D 255 2.30 29.69 13.26
C ARG D 255 2.04 30.79 12.24
N GLU D 256 1.77 32.03 12.68
CA GLU D 256 1.55 33.17 11.76
C GLU D 256 2.79 33.46 10.92
N GLY D 257 3.98 33.38 11.52
CA GLY D 257 5.24 33.56 10.82
C GLY D 257 5.39 32.54 9.71
N LEU D 258 5.12 31.24 10.00
CA LEU D 258 5.14 30.15 9.02
C LEU D 258 4.05 30.32 7.96
N TYR D 259 2.87 30.83 8.35
CA TYR D 259 1.78 31.05 7.40
C TYR D 259 2.13 32.10 6.36
N ILE D 260 2.71 33.24 6.80
CA ILE D 260 3.14 34.33 5.90
C ILE D 260 4.13 33.79 4.85
N THR D 261 5.15 33.06 5.31
CA THR D 261 6.22 32.54 4.46
C THR D 261 5.74 31.40 3.56
N GLU D 262 4.84 30.51 4.05
CA GLU D 262 4.25 29.46 3.22
C GLU D 262 3.45 30.06 2.06
N GLU D 263 2.65 31.11 2.34
CA GLU D 263 1.85 31.79 1.32
C GLU D 263 2.72 32.51 0.27
N ILE D 264 3.84 33.12 0.69
CA ILE D 264 4.78 33.77 -0.24
C ILE D 264 5.46 32.72 -1.12
N TYR D 265 5.92 31.58 -0.51
CA TYR D 265 6.53 30.52 -1.32
C TYR D 265 5.59 30.10 -2.46
N LYS D 266 4.31 29.85 -2.13
CA LYS D 266 3.24 29.38 -3.02
C LYS D 266 3.00 30.28 -4.26
N THR D 267 3.33 31.58 -4.19
CA THR D 267 3.18 32.48 -5.35
C THR D 267 4.22 32.10 -6.44
N GLY D 268 5.34 31.54 -6.00
CA GLY D 268 6.47 31.20 -6.86
C GLY D 268 7.23 32.44 -7.27
N LEU D 269 6.99 33.57 -6.58
CA LEU D 269 7.56 34.87 -6.96
C LEU D 269 8.57 35.46 -5.98
N LEU D 270 8.94 34.73 -4.90
CA LEU D 270 9.98 35.21 -3.99
C LEU D 270 11.29 35.30 -4.77
N SER D 271 11.94 36.47 -4.76
CA SER D 271 13.19 36.72 -5.49
C SER D 271 14.30 37.22 -4.56
N GLY D 272 13.89 37.72 -3.39
CA GLY D 272 14.81 38.25 -2.40
C GLY D 272 14.30 38.03 -0.99
N LEU D 273 15.22 37.70 -0.08
CA LEU D 273 14.89 37.43 1.33
C LEU D 273 15.99 37.94 2.26
N ASP D 274 15.58 38.65 3.33
CA ASP D 274 16.43 39.15 4.40
C ASP D 274 15.98 38.52 5.71
N ILE D 275 16.92 37.94 6.46
CA ILE D 275 16.68 37.33 7.79
C ILE D 275 17.55 38.20 8.69
N MET D 276 16.93 39.21 9.29
CA MET D 276 17.59 40.28 10.04
C MET D 276 17.32 40.27 11.49
N GLU D 277 18.23 40.89 12.23
CA GLU D 277 18.21 41.23 13.65
C GLU D 277 18.33 40.04 14.62
N VAL D 278 18.92 38.92 14.17
CA VAL D 278 19.22 37.81 15.08
C VAL D 278 20.48 38.23 15.84
N ASN D 279 20.38 38.41 17.17
CA ASN D 279 21.53 38.77 17.98
C ASN D 279 21.79 37.69 19.04
N PRO D 280 22.73 36.77 18.73
CA PRO D 280 23.03 35.65 19.65
C PRO D 280 23.70 36.04 20.99
N SER D 281 24.07 37.32 21.18
CA SER D 281 24.63 37.74 22.45
C SER D 281 23.52 38.34 23.36
N LEU D 282 22.27 38.39 22.85
CA LEU D 282 21.14 38.98 23.59
C LEU D 282 20.16 37.97 24.20
N GLY D 283 20.54 36.71 24.24
CA GLY D 283 19.69 35.74 24.93
C GLY D 283 19.94 35.81 26.43
N LYS D 284 18.87 35.70 27.27
CA LYS D 284 19.01 35.67 28.73
C LYS D 284 19.64 34.35 29.18
N THR D 285 19.43 33.29 28.38
CA THR D 285 19.97 31.94 28.59
C THR D 285 20.44 31.41 27.24
N PRO D 286 21.36 30.39 27.17
CA PRO D 286 21.71 29.82 25.86
C PRO D 286 20.50 29.26 25.10
N GLU D 287 19.46 28.75 25.82
CA GLU D 287 18.25 28.22 25.21
C GLU D 287 17.48 29.31 24.44
N GLU D 288 17.47 30.56 24.94
CA GLU D 288 16.81 31.69 24.27
C GLU D 288 17.45 31.97 22.90
N VAL D 289 18.79 31.81 22.82
CA VAL D 289 19.57 31.96 21.59
C VAL D 289 19.19 30.84 20.60
N THR D 290 19.23 29.57 21.05
CA THR D 290 18.90 28.42 20.20
C THR D 290 17.47 28.50 19.70
N ARG D 291 16.53 28.97 20.55
CA ARG D 291 15.12 29.14 20.20
C ARG D 291 14.95 30.17 19.07
N THR D 292 15.66 31.31 19.17
CA THR D 292 15.62 32.41 18.19
C THR D 292 16.17 31.92 16.85
N VAL D 293 17.34 31.24 16.89
CA VAL D 293 18.01 30.70 15.71
C VAL D 293 17.14 29.65 15.05
N ASN D 294 16.56 28.71 15.85
CA ASN D 294 15.67 27.66 15.32
C ASN D 294 14.43 28.23 14.68
N THR D 295 13.86 29.29 15.27
CA THR D 295 12.67 29.93 14.67
C THR D 295 13.05 30.60 13.33
N ALA D 296 14.17 31.36 13.30
CA ALA D 296 14.68 32.01 12.10
C ALA D 296 14.97 31.01 10.97
N VAL D 297 15.48 29.80 11.33
CA VAL D 297 15.74 28.71 10.38
C VAL D 297 14.43 28.19 9.81
N ALA D 298 13.44 27.92 10.69
CA ALA D 298 12.11 27.43 10.32
C ALA D 298 11.39 28.39 9.37
N ILE D 299 11.47 29.71 9.63
CA ILE D 299 10.89 30.76 8.77
C ILE D 299 11.51 30.65 7.38
N THR D 300 12.86 30.60 7.31
CA THR D 300 13.65 30.50 6.08
C THR D 300 13.25 29.27 5.27
N LEU D 301 13.14 28.07 5.92
CA LEU D 301 12.77 26.84 5.23
C LEU D 301 11.39 26.93 4.56
N ALA D 302 10.43 27.59 5.22
CA ALA D 302 9.09 27.78 4.67
C ALA D 302 9.11 28.69 3.43
N CYS D 303 10.04 29.66 3.38
CA CYS D 303 10.22 30.56 2.23
C CYS D 303 10.61 29.78 1.01
N PHE D 304 11.27 28.62 1.20
CA PHE D 304 11.78 27.79 0.10
C PHE D 304 11.08 26.44 -0.06
N GLY D 305 9.83 26.35 0.38
CA GLY D 305 8.98 25.20 0.11
C GLY D 305 8.55 24.26 1.20
N LEU D 306 9.21 24.30 2.36
CA LEU D 306 8.83 23.42 3.46
C LEU D 306 7.43 23.74 3.95
N ALA D 307 6.50 22.79 3.79
CA ALA D 307 5.10 22.97 4.15
C ALA D 307 4.67 22.10 5.31
N ARG D 308 3.88 22.67 6.22
CA ARG D 308 3.38 21.93 7.40
C ARG D 308 2.49 20.74 7.02
N GLU D 309 1.76 20.80 5.88
CA GLU D 309 0.93 19.65 5.45
C GLU D 309 1.79 18.45 4.99
N GLY D 310 3.06 18.73 4.68
CA GLY D 310 4.03 17.76 4.20
C GLY D 310 4.51 18.09 2.81
N ASN D 311 5.51 17.35 2.34
CA ASN D 311 6.11 17.50 1.01
C ASN D 311 6.49 16.10 0.52
N HIS D 312 6.45 15.87 -0.81
CA HIS D 312 6.92 14.61 -1.38
C HIS D 312 7.52 14.81 -2.76
N LYS D 313 8.49 13.95 -3.14
CA LYS D 313 9.15 14.00 -4.46
C LYS D 313 8.20 13.43 -5.51
N PRO D 314 8.27 13.81 -6.81
CA PRO D 314 7.33 13.23 -7.80
C PRO D 314 7.66 11.78 -8.21
N ILE D 315 7.51 10.85 -7.25
CA ILE D 315 7.75 9.41 -7.39
C ILE D 315 6.61 8.62 -6.71
N ASP D 316 6.45 7.34 -7.06
CA ASP D 316 5.47 6.47 -6.44
C ASP D 316 6.08 5.93 -5.13
N TYR D 317 5.57 6.41 -3.98
CA TYR D 317 6.04 5.99 -2.65
C TYR D 317 5.52 4.61 -2.26
N LEU D 318 4.43 4.15 -2.88
CA LEU D 318 3.87 2.82 -2.61
C LEU D 318 4.55 1.68 -3.42
N ASN D 319 5.54 2.03 -4.25
CA ASN D 319 6.32 1.07 -5.04
C ASN D 319 7.82 1.27 -4.83
N ALA E 3 -8.21 -28.57 -53.27
CA ALA E 3 -7.19 -27.53 -53.00
C ALA E 3 -5.79 -28.15 -52.99
N LYS E 4 -4.76 -27.34 -53.36
CA LYS E 4 -3.36 -27.77 -53.42
C LYS E 4 -2.86 -28.42 -52.13
N SER E 5 -3.19 -27.81 -50.98
CA SER E 5 -2.82 -28.30 -49.64
C SER E 5 -3.54 -29.62 -49.26
N ARG E 6 -4.54 -30.03 -50.05
CA ARG E 6 -5.30 -31.27 -49.85
C ARG E 6 -5.24 -32.23 -51.06
N THR E 7 -4.28 -32.01 -51.99
CA THR E 7 -4.08 -32.87 -53.17
C THR E 7 -2.83 -33.72 -52.87
N ILE E 8 -3.05 -35.03 -52.68
CA ILE E 8 -2.05 -35.98 -52.20
C ILE E 8 -1.76 -37.17 -53.12
N GLY E 9 -0.50 -37.56 -53.14
CA GLY E 9 0.03 -38.73 -53.82
C GLY E 9 0.68 -39.63 -52.78
N ILE E 10 0.02 -40.77 -52.47
CA ILE E 10 0.47 -41.76 -51.48
C ILE E 10 1.53 -42.69 -52.07
N ILE E 11 2.67 -42.83 -51.37
CA ILE E 11 3.73 -43.75 -51.75
C ILE E 11 4.07 -44.65 -50.57
N GLY E 12 3.87 -45.94 -50.75
CA GLY E 12 4.24 -46.93 -49.74
C GLY E 12 5.70 -47.29 -49.94
N ALA E 13 6.50 -47.24 -48.88
CA ALA E 13 7.92 -47.60 -48.95
C ALA E 13 8.24 -48.68 -47.90
N PRO E 14 7.82 -49.95 -48.16
CA PRO E 14 8.07 -51.02 -47.16
C PRO E 14 9.53 -51.49 -47.11
N PHE E 15 10.38 -50.68 -46.49
CA PHE E 15 11.81 -50.94 -46.39
C PHE E 15 12.31 -50.99 -44.94
N SER E 16 13.25 -51.89 -44.64
CA SER E 16 13.76 -52.01 -43.28
C SER E 16 15.28 -52.10 -43.13
N LYS E 17 16.01 -52.35 -44.22
CA LYS E 17 17.47 -52.56 -44.19
C LYS E 17 18.32 -51.33 -43.84
N GLY E 18 17.68 -50.21 -43.50
CA GLY E 18 18.34 -48.99 -43.04
C GLY E 18 18.63 -49.08 -41.55
N GLN E 19 18.09 -50.13 -40.88
CA GLN E 19 18.26 -50.42 -39.44
C GLN E 19 18.21 -51.94 -39.14
N PRO E 20 18.61 -52.45 -37.94
CA PRO E 20 18.63 -53.92 -37.74
C PRO E 20 17.34 -54.59 -37.27
N ARG E 21 16.31 -53.82 -36.87
CA ARG E 21 15.08 -54.40 -36.32
C ARG E 21 14.01 -54.69 -37.38
N GLY E 22 13.65 -55.96 -37.51
CA GLY E 22 12.62 -56.40 -38.45
C GLY E 22 11.24 -55.89 -38.05
N GLY E 23 10.41 -55.61 -39.05
CA GLY E 23 9.04 -55.16 -38.85
C GLY E 23 8.65 -53.80 -39.40
N VAL E 24 9.62 -52.85 -39.49
CA VAL E 24 9.36 -51.49 -39.94
C VAL E 24 8.85 -51.46 -41.41
N GLU E 25 9.13 -52.54 -42.19
CA GLU E 25 8.64 -52.69 -43.56
C GLU E 25 7.12 -52.90 -43.60
N GLU E 26 6.50 -53.24 -42.45
CA GLU E 26 5.06 -53.42 -42.34
C GLU E 26 4.32 -52.10 -42.03
N GLY E 27 5.07 -51.01 -41.88
CA GLY E 27 4.56 -49.65 -41.65
C GLY E 27 3.49 -49.22 -42.65
N PRO E 28 3.75 -49.29 -43.99
CA PRO E 28 2.69 -48.90 -44.96
C PRO E 28 1.42 -49.74 -44.88
N THR E 29 1.55 -51.06 -44.61
CA THR E 29 0.45 -52.01 -44.49
C THR E 29 -0.50 -51.62 -43.34
N VAL E 30 0.07 -51.44 -42.15
CA VAL E 30 -0.70 -51.12 -40.94
C VAL E 30 -1.32 -49.70 -41.00
N LEU E 31 -0.63 -48.70 -41.61
CA LEU E 31 -1.20 -47.35 -41.76
C LEU E 31 -2.40 -47.36 -42.75
N ARG E 32 -2.31 -48.20 -43.81
CA ARG E 32 -3.40 -48.37 -44.80
C ARG E 32 -4.59 -49.09 -44.16
N LYS E 33 -4.31 -50.19 -43.39
CA LYS E 33 -5.31 -50.99 -42.66
C LYS E 33 -6.12 -50.16 -41.68
N ALA E 34 -5.50 -49.10 -41.11
CA ALA E 34 -6.14 -48.17 -40.17
C ALA E 34 -7.14 -47.22 -40.86
N GLY E 35 -7.17 -47.24 -42.20
CA GLY E 35 -8.09 -46.45 -43.00
C GLY E 35 -7.64 -45.04 -43.32
N LEU E 36 -6.29 -44.83 -43.39
CA LEU E 36 -5.69 -43.53 -43.71
C LEU E 36 -6.24 -42.88 -44.99
N LEU E 37 -6.29 -43.66 -46.09
CA LEU E 37 -6.77 -43.17 -47.38
C LEU E 37 -8.21 -42.70 -47.33
N GLU E 38 -9.10 -43.51 -46.71
CA GLU E 38 -10.53 -43.24 -46.53
C GLU E 38 -10.72 -42.00 -45.63
N LYS E 39 -9.93 -41.91 -44.55
CA LYS E 39 -9.99 -40.78 -43.60
C LYS E 39 -9.58 -39.46 -44.27
N LEU E 40 -8.59 -39.51 -45.18
CA LEU E 40 -8.15 -38.33 -45.92
C LEU E 40 -9.22 -37.87 -46.91
N LYS E 41 -9.87 -38.82 -47.59
CA LYS E 41 -10.96 -38.52 -48.55
C LYS E 41 -12.18 -37.90 -47.87
N GLU E 42 -12.45 -38.31 -46.61
CA GLU E 42 -13.55 -37.79 -45.79
C GLU E 42 -13.27 -36.36 -45.32
N GLN E 43 -12.01 -35.92 -45.43
CA GLN E 43 -11.46 -34.63 -45.03
C GLN E 43 -11.31 -33.70 -46.25
N GLU E 44 -12.04 -33.99 -47.34
CA GLU E 44 -12.06 -33.23 -48.60
C GLU E 44 -10.70 -33.24 -49.35
N CYS E 45 -9.98 -34.36 -49.25
CA CYS E 45 -8.68 -34.54 -49.92
C CYS E 45 -8.84 -35.29 -51.24
N ASP E 46 -8.07 -34.90 -52.25
CA ASP E 46 -7.98 -35.56 -53.56
C ASP E 46 -6.78 -36.49 -53.37
N VAL E 47 -7.06 -37.78 -53.15
CA VAL E 47 -6.06 -38.82 -52.88
C VAL E 47 -5.88 -39.77 -54.05
N LYS E 48 -4.62 -39.91 -54.51
CA LYS E 48 -4.19 -40.86 -55.54
C LYS E 48 -3.13 -41.73 -54.87
N ASP E 49 -3.33 -43.04 -54.95
CA ASP E 49 -2.42 -44.01 -54.36
C ASP E 49 -1.47 -44.59 -55.44
N TYR E 50 -0.17 -44.31 -55.28
CA TYR E 50 0.87 -44.78 -56.20
C TYR E 50 1.39 -46.17 -55.85
N GLY E 51 0.73 -46.81 -54.88
CA GLY E 51 1.04 -48.16 -54.42
C GLY E 51 2.28 -48.28 -53.57
N ASP E 52 2.67 -49.53 -53.27
CA ASP E 52 3.85 -49.84 -52.47
C ASP E 52 4.98 -50.18 -53.44
N LEU E 53 6.12 -49.48 -53.28
CA LEU E 53 7.29 -49.71 -54.11
C LEU E 53 7.86 -51.11 -53.92
N PRO E 54 8.17 -51.82 -55.03
CA PRO E 54 8.80 -53.14 -54.89
C PRO E 54 10.30 -52.96 -54.66
N PHE E 55 10.79 -53.42 -53.51
CA PHE E 55 12.21 -53.30 -53.21
C PHE E 55 12.86 -54.64 -53.37
N ALA E 56 13.27 -54.94 -54.61
CA ALA E 56 13.94 -56.17 -55.01
C ALA E 56 15.14 -56.45 -54.08
N ASP E 57 15.22 -57.68 -53.57
CA ASP E 57 16.29 -58.09 -52.67
C ASP E 57 17.65 -58.02 -53.34
N ILE E 58 18.66 -57.52 -52.61
CA ILE E 58 20.03 -57.42 -53.09
C ILE E 58 20.87 -58.41 -52.26
N PRO E 59 21.09 -59.63 -52.78
CA PRO E 59 21.94 -60.59 -52.05
C PRO E 59 23.42 -60.22 -52.19
N ASN E 60 24.27 -60.70 -51.24
CA ASN E 60 25.72 -60.42 -51.19
C ASN E 60 26.06 -58.91 -50.99
N ASP E 61 25.12 -58.15 -50.40
CA ASP E 61 25.26 -56.72 -50.11
C ASP E 61 26.17 -56.56 -48.89
N SER E 62 27.48 -56.76 -49.11
CA SER E 62 28.56 -56.70 -48.11
C SER E 62 28.67 -55.29 -47.53
N PRO E 63 29.08 -55.15 -46.24
CA PRO E 63 29.16 -53.81 -45.66
C PRO E 63 30.28 -52.92 -46.19
N PHE E 64 30.05 -51.60 -46.21
CA PHE E 64 31.06 -50.62 -46.58
C PHE E 64 31.62 -50.23 -45.22
N GLN E 65 32.82 -50.74 -44.87
CA GLN E 65 33.46 -50.55 -43.56
C GLN E 65 32.49 -51.11 -42.47
N ILE E 66 31.89 -50.26 -41.61
CA ILE E 66 30.93 -50.72 -40.59
C ILE E 66 29.45 -50.54 -41.06
N VAL E 67 29.24 -49.80 -42.17
CA VAL E 67 27.94 -49.46 -42.76
C VAL E 67 27.26 -50.69 -43.38
N LYS E 68 26.09 -51.10 -42.79
CA LYS E 68 25.30 -52.28 -43.19
C LYS E 68 24.32 -52.03 -44.33
N ASN E 69 24.21 -53.03 -45.23
CA ASN E 69 23.33 -53.06 -46.42
C ASN E 69 23.40 -51.77 -47.27
N PRO E 70 24.60 -51.27 -47.66
CA PRO E 70 24.64 -49.99 -48.40
C PRO E 70 23.92 -50.00 -49.75
N ARG E 71 24.06 -51.08 -50.54
CA ARG E 71 23.43 -51.17 -51.86
C ARG E 71 21.91 -51.21 -51.77
N SER E 72 21.36 -51.95 -50.77
CA SER E 72 19.92 -52.07 -50.54
C SER E 72 19.31 -50.71 -50.18
N VAL E 73 19.94 -50.00 -49.23
CA VAL E 73 19.51 -48.67 -48.78
C VAL E 73 19.62 -47.65 -49.90
N GLY E 74 20.75 -47.69 -50.62
CA GLY E 74 21.02 -46.79 -51.74
C GLY E 74 20.01 -46.95 -52.86
N LYS E 75 19.70 -48.22 -53.23
CA LYS E 75 18.74 -48.52 -54.29
C LYS E 75 17.31 -48.13 -53.91
N ALA E 76 16.87 -48.47 -52.69
CA ALA E 76 15.52 -48.14 -52.19
C ALA E 76 15.28 -46.64 -52.25
N SER E 77 16.28 -45.84 -51.79
CA SER E 77 16.20 -44.38 -51.84
C SER E 77 16.23 -43.86 -53.28
N GLU E 78 17.05 -44.49 -54.16
CA GLU E 78 17.11 -44.11 -55.59
C GLU E 78 15.73 -44.27 -56.25
N GLN E 79 15.05 -45.41 -56.01
CA GLN E 79 13.72 -45.72 -56.51
C GLN E 79 12.68 -44.73 -55.97
N LEU E 80 12.74 -44.48 -54.63
CA LEU E 80 11.83 -43.55 -53.96
C LEU E 80 11.95 -42.15 -54.52
N ALA E 81 13.19 -41.70 -54.78
CA ALA E 81 13.47 -40.40 -55.37
C ALA E 81 12.73 -40.24 -56.71
N GLY E 82 12.84 -41.23 -57.57
CA GLY E 82 12.17 -41.26 -58.86
C GLY E 82 10.65 -41.18 -58.73
N LYS E 83 10.09 -41.96 -57.78
CA LYS E 83 8.65 -41.99 -57.52
C LYS E 83 8.12 -40.67 -56.93
N VAL E 84 8.86 -40.06 -55.96
CA VAL E 84 8.48 -38.78 -55.34
C VAL E 84 8.48 -37.67 -56.40
N ALA E 85 9.51 -37.66 -57.27
CA ALA E 85 9.65 -36.68 -58.36
C ALA E 85 8.45 -36.77 -59.31
N GLU E 86 8.00 -38.02 -59.63
CA GLU E 86 6.83 -38.31 -60.47
C GLU E 86 5.54 -37.72 -59.83
N VAL E 87 5.35 -37.97 -58.52
CA VAL E 87 4.21 -37.45 -57.72
C VAL E 87 4.22 -35.92 -57.73
N LYS E 88 5.40 -35.32 -57.46
CA LYS E 88 5.58 -33.86 -57.47
C LYS E 88 5.27 -33.24 -58.83
N LYS E 89 5.67 -33.90 -59.94
CA LYS E 89 5.40 -33.44 -61.31
C LYS E 89 3.90 -33.47 -61.64
N ASN E 90 3.14 -34.37 -60.96
CA ASN E 90 1.69 -34.53 -61.09
C ASN E 90 0.89 -33.52 -60.22
N GLY E 91 1.57 -32.55 -59.63
CA GLY E 91 0.98 -31.51 -58.80
C GLY E 91 0.38 -31.99 -57.49
N ARG E 92 0.97 -33.03 -56.89
CA ARG E 92 0.46 -33.59 -55.64
C ARG E 92 1.49 -33.49 -54.53
N ILE E 93 1.01 -33.47 -53.26
CA ILE E 93 1.89 -33.48 -52.10
C ILE E 93 2.27 -34.95 -51.95
N SER E 94 3.58 -35.26 -51.97
CA SER E 94 4.01 -36.64 -51.78
C SER E 94 3.88 -37.05 -50.31
N LEU E 95 3.27 -38.20 -50.06
CA LEU E 95 3.09 -38.75 -48.73
C LEU E 95 3.74 -40.12 -48.71
N VAL E 96 4.94 -40.19 -48.12
CA VAL E 96 5.73 -41.41 -48.03
C VAL E 96 5.42 -42.14 -46.72
N LEU E 97 4.94 -43.37 -46.84
CA LEU E 97 4.64 -44.23 -45.70
C LEU E 97 5.82 -45.17 -45.52
N GLY E 98 6.60 -44.91 -44.48
CA GLY E 98 7.78 -45.68 -44.11
C GLY E 98 7.46 -46.87 -43.23
N GLY E 99 8.41 -47.77 -43.02
CA GLY E 99 9.77 -47.69 -43.57
C GLY E 99 10.70 -46.93 -42.64
N ASP E 100 12.00 -47.28 -42.65
CA ASP E 100 12.98 -46.64 -41.79
C ASP E 100 13.40 -45.29 -42.36
N HIS E 101 13.81 -44.36 -41.50
CA HIS E 101 14.19 -43.00 -41.86
C HIS E 101 15.33 -42.84 -42.92
N SER E 102 16.03 -43.94 -43.34
CA SER E 102 17.06 -43.81 -44.39
C SER E 102 16.39 -43.35 -45.70
N LEU E 103 15.14 -43.75 -45.90
CA LEU E 103 14.30 -43.43 -47.06
C LEU E 103 14.14 -41.94 -47.33
N ALA E 104 14.46 -41.08 -46.32
CA ALA E 104 14.41 -39.62 -46.41
C ALA E 104 15.41 -39.12 -47.45
N ILE E 105 16.52 -39.90 -47.68
CA ILE E 105 17.53 -39.60 -48.71
C ILE E 105 16.77 -39.52 -50.05
N GLY E 106 15.99 -40.55 -50.36
CA GLY E 106 15.21 -40.62 -51.59
C GLY E 106 14.05 -39.65 -51.62
N SER E 107 13.31 -39.57 -50.50
CA SER E 107 12.16 -38.67 -50.40
C SER E 107 12.53 -37.19 -50.65
N ILE E 108 13.52 -36.66 -49.90
CA ILE E 108 13.96 -35.26 -50.05
C ILE E 108 14.68 -35.06 -51.41
N SER E 109 15.57 -36.00 -51.84
CA SER E 109 16.26 -35.86 -53.14
C SER E 109 15.28 -35.73 -54.29
N GLY E 110 14.27 -36.59 -54.30
CA GLY E 110 13.21 -36.62 -55.31
C GLY E 110 12.35 -35.38 -55.30
N HIS E 111 12.00 -34.90 -54.10
CA HIS E 111 11.22 -33.69 -53.90
C HIS E 111 12.01 -32.47 -54.41
N ALA E 112 13.33 -32.40 -54.07
CA ALA E 112 14.23 -31.31 -54.49
C ALA E 112 14.46 -31.22 -56.00
N ARG E 113 14.27 -32.33 -56.74
CA ARG E 113 14.41 -32.35 -58.20
C ARG E 113 13.35 -31.47 -58.86
N VAL E 114 12.15 -31.42 -58.29
CA VAL E 114 11.03 -30.62 -58.80
C VAL E 114 10.99 -29.27 -58.08
N HIS E 115 11.32 -29.25 -56.76
CA HIS E 115 11.34 -28.04 -55.96
C HIS E 115 12.71 -27.83 -55.28
N PRO E 116 13.71 -27.26 -55.99
CA PRO E 116 15.06 -27.10 -55.37
C PRO E 116 15.14 -26.09 -54.23
N ASP E 117 14.15 -25.21 -54.09
CA ASP E 117 14.08 -24.18 -53.04
C ASP E 117 13.37 -24.67 -51.75
N LEU E 118 13.12 -25.98 -51.61
CA LEU E 118 12.40 -26.52 -50.44
C LEU E 118 13.16 -26.33 -49.10
N GLY E 119 12.37 -26.20 -48.02
CA GLY E 119 12.84 -26.12 -46.65
C GLY E 119 12.42 -27.39 -45.95
N VAL E 120 13.26 -27.92 -45.07
CA VAL E 120 12.95 -29.17 -44.36
C VAL E 120 12.67 -28.90 -42.88
N ILE E 121 11.60 -29.52 -42.36
CA ILE E 121 11.24 -29.57 -40.94
C ILE E 121 11.43 -31.04 -40.59
N TRP E 122 12.38 -31.34 -39.68
CA TRP E 122 12.73 -32.71 -39.28
C TRP E 122 12.29 -32.99 -37.82
N VAL E 123 11.16 -33.70 -37.68
CA VAL E 123 10.60 -34.01 -36.36
C VAL E 123 11.11 -35.40 -35.98
N ASP E 124 11.95 -35.44 -34.93
CA ASP E 124 12.63 -36.66 -34.52
C ASP E 124 13.23 -36.47 -33.13
N ALA E 125 13.50 -37.56 -32.40
CA ALA E 125 14.25 -37.49 -31.12
C ALA E 125 15.73 -37.35 -31.49
N HIS E 126 16.08 -37.79 -32.72
CA HIS E 126 17.43 -37.88 -33.27
C HIS E 126 17.71 -36.95 -34.44
N THR E 127 18.97 -36.56 -34.58
CA THR E 127 19.45 -35.67 -35.66
C THR E 127 19.67 -36.39 -36.98
N ASP E 128 19.85 -37.73 -36.96
CA ASP E 128 20.07 -38.54 -38.20
C ASP E 128 21.12 -37.89 -39.11
N ILE E 129 22.13 -37.23 -38.49
CA ILE E 129 23.16 -36.49 -39.22
C ILE E 129 24.53 -37.18 -39.19
N ASN E 130 24.62 -38.44 -38.70
CA ASN E 130 25.88 -39.18 -38.75
C ASN E 130 26.30 -39.43 -40.21
N THR E 131 27.62 -39.50 -40.45
CA THR E 131 28.17 -39.77 -41.78
C THR E 131 28.59 -41.27 -41.79
N PRO E 132 28.91 -41.90 -42.96
CA PRO E 132 29.38 -43.29 -42.93
C PRO E 132 30.68 -43.49 -42.14
N LEU E 133 31.36 -42.39 -41.79
CA LEU E 133 32.59 -42.40 -41.00
C LEU E 133 32.40 -42.06 -39.52
N THR E 134 31.39 -41.23 -39.16
CA THR E 134 31.13 -40.88 -37.75
C THR E 134 30.30 -41.94 -37.01
N THR E 135 29.34 -42.62 -37.70
CA THR E 135 28.47 -43.64 -37.09
C THR E 135 29.26 -44.70 -36.28
N THR E 136 28.66 -45.24 -35.23
CA THR E 136 29.29 -46.31 -34.43
C THR E 136 28.45 -47.59 -34.62
N SER E 137 27.22 -47.40 -35.15
CA SER E 137 26.22 -48.43 -35.43
C SER E 137 26.27 -48.99 -36.88
N GLY E 138 26.60 -48.14 -37.86
CA GLY E 138 26.58 -48.48 -39.28
C GLY E 138 25.17 -48.52 -39.89
N ASN E 139 24.13 -48.14 -39.09
CA ASN E 139 22.72 -48.14 -39.51
C ASN E 139 22.41 -46.84 -40.28
N LEU E 140 22.05 -46.95 -41.58
CA LEU E 140 21.86 -45.78 -42.44
C LEU E 140 20.61 -44.92 -42.14
N HIS E 141 19.70 -45.40 -41.29
CA HIS E 141 18.52 -44.62 -40.86
C HIS E 141 18.94 -43.50 -39.89
N GLY E 142 20.22 -43.54 -39.43
CA GLY E 142 20.80 -42.54 -38.55
C GLY E 142 21.80 -41.66 -39.27
N GLN E 143 21.77 -41.70 -40.62
CA GLN E 143 22.69 -40.98 -41.51
C GLN E 143 22.03 -40.21 -42.69
N PRO E 144 20.68 -40.19 -42.90
CA PRO E 144 20.14 -39.55 -44.12
C PRO E 144 20.45 -38.05 -44.32
N VAL E 145 20.53 -37.26 -43.23
CA VAL E 145 20.81 -35.82 -43.28
C VAL E 145 22.23 -35.54 -43.81
N SER E 146 23.22 -36.35 -43.43
CA SER E 146 24.60 -36.19 -43.90
C SER E 146 24.73 -36.35 -45.43
N PHE E 147 23.93 -37.26 -46.03
CA PHE E 147 23.92 -37.48 -47.49
C PHE E 147 23.23 -36.32 -48.23
N LEU E 148 22.32 -35.60 -47.55
CA LEU E 148 21.55 -34.52 -48.15
C LEU E 148 22.18 -33.12 -48.05
N LEU E 149 23.04 -32.88 -47.05
CA LEU E 149 23.64 -31.56 -46.83
C LEU E 149 24.80 -31.22 -47.76
N LYS E 150 24.71 -30.04 -48.40
CA LYS E 150 25.75 -29.52 -49.31
C LYS E 150 27.07 -29.27 -48.58
N GLU E 151 27.00 -28.78 -47.32
CA GLU E 151 28.17 -28.49 -46.48
C GLU E 151 28.97 -29.72 -46.07
N LEU E 152 28.38 -30.93 -46.20
CA LEU E 152 29.05 -32.17 -45.85
C LEU E 152 29.62 -32.91 -47.07
N LYS E 153 29.64 -32.23 -48.24
CA LYS E 153 30.24 -32.74 -49.47
C LYS E 153 31.76 -32.75 -49.24
N GLY E 154 32.37 -33.93 -49.37
CA GLY E 154 33.79 -34.11 -49.10
C GLY E 154 34.02 -34.86 -47.80
N LYS E 155 32.96 -34.99 -46.98
CA LYS E 155 32.97 -35.70 -45.70
C LYS E 155 32.25 -37.05 -45.85
N ILE E 156 31.54 -37.23 -46.97
CA ILE E 156 30.82 -38.47 -47.26
C ILE E 156 31.69 -39.30 -48.22
N PRO E 157 32.14 -40.51 -47.83
CA PRO E 157 32.94 -41.32 -48.76
C PRO E 157 32.06 -41.94 -49.86
N ASP E 158 32.69 -42.55 -50.87
CA ASP E 158 31.97 -43.19 -51.97
C ASP E 158 31.42 -44.55 -51.49
N VAL E 159 30.18 -44.51 -50.97
CA VAL E 159 29.47 -45.67 -50.43
C VAL E 159 28.75 -46.39 -51.60
N PRO E 160 28.94 -47.72 -51.77
CA PRO E 160 28.23 -48.43 -52.84
C PRO E 160 26.71 -48.30 -52.74
N GLY E 161 26.10 -47.93 -53.87
CA GLY E 161 24.66 -47.71 -53.98
C GLY E 161 24.24 -46.26 -53.90
N PHE E 162 25.17 -45.35 -53.56
CA PHE E 162 24.88 -43.92 -53.37
C PHE E 162 25.54 -42.94 -54.37
N SER E 163 26.07 -43.45 -55.51
CA SER E 163 26.69 -42.60 -56.53
C SER E 163 25.72 -41.63 -57.20
N TRP E 164 24.40 -41.97 -57.19
CA TRP E 164 23.32 -41.15 -57.76
C TRP E 164 23.05 -39.88 -56.92
N VAL E 165 23.41 -39.90 -55.61
CA VAL E 165 23.15 -38.81 -54.65
C VAL E 165 23.97 -37.55 -54.95
N THR E 166 23.26 -36.41 -55.03
CA THR E 166 23.82 -35.08 -55.12
C THR E 166 23.21 -34.31 -53.93
N PRO E 167 24.01 -33.84 -52.95
CA PRO E 167 23.42 -33.09 -51.81
C PRO E 167 22.56 -31.94 -52.32
N CYS E 168 21.30 -31.89 -51.88
CA CYS E 168 20.31 -30.94 -52.37
C CYS E 168 19.89 -29.84 -51.37
N ILE E 169 20.32 -29.94 -50.10
CA ILE E 169 19.93 -28.95 -49.10
C ILE E 169 21.12 -28.34 -48.37
N SER E 170 21.03 -27.05 -48.08
CA SER E 170 22.05 -26.33 -47.31
C SER E 170 21.68 -26.44 -45.84
N ALA E 171 22.66 -26.31 -44.94
CA ALA E 171 22.48 -26.37 -43.49
C ALA E 171 21.44 -25.38 -42.98
N LYS E 172 21.29 -24.23 -43.67
CA LYS E 172 20.34 -23.16 -43.36
C LYS E 172 18.89 -23.48 -43.78
N ASP E 173 18.69 -24.55 -44.56
CA ASP E 173 17.38 -24.92 -45.07
C ASP E 173 16.67 -26.04 -44.30
N ILE E 174 17.17 -26.37 -43.10
CA ILE E 174 16.61 -27.45 -42.27
C ILE E 174 16.40 -26.98 -40.82
N VAL E 175 15.25 -27.38 -40.23
CA VAL E 175 14.95 -27.08 -38.83
C VAL E 175 14.59 -28.38 -38.16
N TYR E 176 15.27 -28.70 -37.04
CA TYR E 176 14.98 -29.88 -36.23
C TYR E 176 14.04 -29.51 -35.11
N ILE E 177 13.09 -30.42 -34.78
CA ILE E 177 12.16 -30.26 -33.65
C ILE E 177 12.04 -31.59 -32.91
N GLY E 178 12.21 -31.55 -31.59
CA GLY E 178 12.02 -32.70 -30.71
C GLY E 178 13.25 -33.48 -30.29
N LEU E 179 14.45 -32.94 -30.57
CA LEU E 179 15.74 -33.58 -30.30
C LEU E 179 16.04 -33.82 -28.82
N ARG E 180 16.53 -35.03 -28.48
CA ARG E 180 16.85 -35.43 -27.11
C ARG E 180 17.84 -36.63 -27.00
N ASP E 181 18.36 -37.19 -28.14
CA ASP E 181 19.30 -38.33 -28.10
C ASP E 181 20.30 -38.21 -29.25
N VAL E 182 21.24 -37.25 -29.09
CA VAL E 182 22.21 -36.84 -30.12
C VAL E 182 23.59 -37.40 -29.82
N ASP E 183 24.22 -38.08 -30.81
CA ASP E 183 25.56 -38.63 -30.67
C ASP E 183 26.63 -37.54 -30.64
N PRO E 184 27.79 -37.77 -29.97
CA PRO E 184 28.85 -36.73 -29.92
C PRO E 184 29.22 -36.14 -31.29
N GLY E 185 29.41 -37.01 -32.29
CA GLY E 185 29.74 -36.65 -33.66
C GLY E 185 28.68 -35.78 -34.29
N GLU E 186 27.40 -36.14 -34.06
CA GLU E 186 26.21 -35.40 -34.55
C GLU E 186 26.09 -34.05 -33.89
N HIS E 187 26.37 -33.96 -32.57
CA HIS E 187 26.33 -32.68 -31.86
C HIS E 187 27.39 -31.73 -32.41
N TYR E 188 28.60 -32.26 -32.69
CA TYR E 188 29.69 -31.50 -33.30
C TYR E 188 29.24 -30.95 -34.67
N ILE E 189 28.67 -31.82 -35.53
CA ILE E 189 28.17 -31.43 -36.87
C ILE E 189 27.09 -30.34 -36.74
N LEU E 190 26.11 -30.58 -35.86
CA LEU E 190 24.99 -29.67 -35.60
C LEU E 190 25.48 -28.27 -35.19
N LYS E 191 26.50 -28.20 -34.30
CA LYS E 191 27.04 -26.94 -33.83
C LYS E 191 27.98 -26.26 -34.84
N THR E 192 28.88 -27.03 -35.50
CA THR E 192 29.84 -26.48 -36.46
C THR E 192 29.17 -25.99 -37.75
N LEU E 193 28.08 -26.64 -38.19
CA LEU E 193 27.38 -26.20 -39.40
C LEU E 193 26.36 -25.09 -39.14
N GLY E 194 26.09 -24.82 -37.85
CA GLY E 194 25.14 -23.80 -37.39
C GLY E 194 23.70 -24.06 -37.80
N ILE E 195 23.30 -25.35 -37.82
CA ILE E 195 21.92 -25.77 -38.13
C ILE E 195 20.96 -25.27 -37.04
N LYS E 196 19.78 -24.73 -37.46
CA LYS E 196 18.71 -24.30 -36.56
C LYS E 196 18.03 -25.56 -35.98
N TYR E 197 17.85 -25.59 -34.65
CA TYR E 197 17.21 -26.73 -33.97
C TYR E 197 16.44 -26.31 -32.72
N PHE E 198 15.42 -27.09 -32.40
CA PHE E 198 14.64 -26.93 -31.20
C PHE E 198 14.65 -28.31 -30.53
N SER E 199 15.65 -28.52 -29.64
CA SER E 199 15.70 -29.77 -28.87
C SER E 199 14.57 -29.69 -27.84
N MET E 200 14.31 -30.77 -27.08
CA MET E 200 13.26 -30.74 -26.04
C MET E 200 13.48 -29.59 -25.05
N THR E 201 14.75 -29.20 -24.82
CA THR E 201 15.17 -28.09 -23.96
C THR E 201 14.55 -26.77 -24.46
N GLU E 202 14.64 -26.47 -25.77
CA GLU E 202 14.07 -25.26 -26.37
C GLU E 202 12.53 -25.36 -26.36
N VAL E 203 11.97 -26.56 -26.61
CA VAL E 203 10.51 -26.77 -26.56
C VAL E 203 10.01 -26.46 -25.11
N ASP E 204 10.77 -26.89 -24.08
CA ASP E 204 10.43 -26.64 -22.67
C ASP E 204 10.50 -25.17 -22.33
N ARG E 205 11.58 -24.49 -22.81
CA ARG E 205 11.85 -23.08 -22.60
C ARG E 205 10.80 -22.17 -23.24
N LEU E 206 10.53 -22.40 -24.53
CA LEU E 206 9.69 -21.53 -25.33
C LEU E 206 8.22 -21.87 -25.39
N GLY E 207 7.91 -23.16 -25.37
CA GLY E 207 6.55 -23.65 -25.59
C GLY E 207 6.45 -23.92 -27.08
N ILE E 208 5.62 -24.89 -27.47
CA ILE E 208 5.47 -25.28 -28.87
C ILE E 208 4.96 -24.12 -29.79
N GLY E 209 4.21 -23.17 -29.23
CA GLY E 209 3.70 -22.00 -29.95
C GLY E 209 4.82 -21.14 -30.50
N LYS E 210 5.78 -20.76 -29.64
CA LYS E 210 6.95 -19.97 -30.00
C LYS E 210 7.88 -20.78 -30.91
N VAL E 211 8.02 -22.12 -30.67
CA VAL E 211 8.84 -23.03 -31.49
C VAL E 211 8.37 -22.98 -32.94
N MET E 212 7.04 -23.12 -33.17
CA MET E 212 6.45 -23.08 -34.52
C MET E 212 6.58 -21.70 -35.18
N GLU E 213 6.33 -20.63 -34.41
CA GLU E 213 6.44 -19.25 -34.87
C GLU E 213 7.88 -18.99 -35.38
N GLU E 214 8.88 -19.41 -34.60
CA GLU E 214 10.30 -19.29 -34.95
C GLU E 214 10.70 -20.16 -36.14
N THR E 215 10.24 -21.43 -36.16
CA THR E 215 10.53 -22.38 -37.25
C THR E 215 10.04 -21.85 -38.59
N LEU E 216 8.75 -21.47 -38.66
CA LEU E 216 8.13 -20.99 -39.90
C LEU E 216 8.70 -19.65 -40.34
N SER E 217 9.05 -18.76 -39.39
CA SER E 217 9.66 -17.47 -39.70
C SER E 217 11.06 -17.69 -40.26
N TYR E 218 11.85 -18.58 -39.65
CA TYR E 218 13.22 -18.88 -40.10
C TYR E 218 13.24 -19.45 -41.53
N LEU E 219 12.27 -20.31 -41.88
CA LEU E 219 12.22 -20.92 -43.21
C LEU E 219 11.50 -20.09 -44.26
N LEU E 220 10.41 -19.38 -43.88
CA LEU E 220 9.57 -18.65 -44.83
C LEU E 220 9.68 -17.12 -44.81
N GLY E 221 10.38 -16.55 -43.82
CA GLY E 221 10.54 -15.11 -43.64
C GLY E 221 10.98 -14.30 -44.85
N ARG E 222 11.98 -14.83 -45.60
CA ARG E 222 12.55 -14.23 -46.82
C ARG E 222 11.50 -14.20 -47.94
N LYS E 223 10.80 -15.34 -48.15
CA LYS E 223 9.74 -15.56 -49.14
C LYS E 223 9.14 -16.96 -48.96
N LYS E 224 7.87 -17.13 -49.40
CA LYS E 224 7.17 -18.42 -49.37
C LYS E 224 7.96 -19.41 -50.22
N ARG E 225 8.14 -20.63 -49.70
CA ARG E 225 8.87 -21.72 -50.35
C ARG E 225 8.28 -23.07 -49.94
N PRO E 226 8.47 -24.16 -50.72
CA PRO E 226 7.84 -25.44 -50.35
C PRO E 226 8.41 -26.04 -49.05
N ILE E 227 7.54 -26.70 -48.28
CA ILE E 227 7.93 -27.33 -47.03
C ILE E 227 7.90 -28.84 -47.16
N HIS E 228 8.98 -29.49 -46.71
CA HIS E 228 9.07 -30.94 -46.62
C HIS E 228 9.13 -31.26 -45.13
N LEU E 229 8.14 -31.98 -44.63
CA LEU E 229 8.11 -32.40 -43.24
C LEU E 229 8.52 -33.86 -43.19
N SER E 230 9.64 -34.19 -42.53
CA SER E 230 10.08 -35.59 -42.40
C SER E 230 9.82 -36.01 -40.95
N PHE E 231 8.71 -36.69 -40.71
CA PHE E 231 8.24 -37.06 -39.38
C PHE E 231 8.65 -38.48 -38.94
N ASP E 232 9.57 -38.55 -37.94
CA ASP E 232 9.97 -39.81 -37.29
C ASP E 232 9.09 -39.88 -36.07
N VAL E 233 8.25 -40.93 -36.00
CA VAL E 233 7.29 -41.14 -34.91
C VAL E 233 7.96 -41.14 -33.52
N ASP E 234 9.30 -41.39 -33.43
CA ASP E 234 9.99 -41.36 -32.13
C ASP E 234 10.26 -39.90 -31.64
N GLY E 235 9.83 -38.91 -32.44
CA GLY E 235 9.88 -37.50 -32.06
C GLY E 235 8.89 -37.30 -30.92
N LEU E 236 7.76 -38.03 -31.01
CA LEU E 236 6.73 -38.04 -29.97
C LEU E 236 7.15 -38.98 -28.86
N ASP E 237 6.71 -38.69 -27.64
CA ASP E 237 7.01 -39.48 -26.45
C ASP E 237 6.54 -40.95 -26.60
N PRO E 238 7.30 -41.95 -26.08
CA PRO E 238 6.88 -43.36 -26.19
C PRO E 238 5.52 -43.69 -25.56
N SER E 239 4.93 -42.77 -24.79
CA SER E 239 3.58 -42.97 -24.22
C SER E 239 2.52 -42.85 -25.32
N PHE E 240 2.90 -42.26 -26.49
CA PHE E 240 2.03 -42.10 -27.66
C PHE E 240 2.43 -42.97 -28.85
N THR E 241 3.75 -43.12 -29.09
CA THR E 241 4.29 -43.91 -30.20
C THR E 241 5.28 -44.97 -29.69
N PRO E 242 4.83 -45.95 -28.85
CA PRO E 242 5.78 -46.95 -28.34
C PRO E 242 6.33 -47.94 -29.35
N ALA E 243 5.55 -48.29 -30.41
CA ALA E 243 5.96 -49.25 -31.44
C ALA E 243 6.92 -48.63 -32.46
N THR E 244 8.15 -48.39 -32.00
CA THR E 244 9.23 -47.76 -32.77
C THR E 244 10.57 -48.31 -32.28
N GLY E 245 11.54 -48.34 -33.20
CA GLY E 245 12.88 -48.86 -32.99
C GLY E 245 13.71 -48.24 -31.89
N THR E 246 13.74 -46.90 -31.82
CA THR E 246 14.55 -46.18 -30.84
C THR E 246 13.69 -45.20 -29.99
N PRO E 247 12.87 -45.74 -29.05
CA PRO E 247 12.07 -44.83 -28.21
C PRO E 247 12.92 -44.12 -27.17
N VAL E 248 12.66 -42.81 -26.97
CA VAL E 248 13.38 -41.95 -26.02
C VAL E 248 12.35 -41.22 -25.17
N VAL E 249 12.47 -41.33 -23.83
CA VAL E 249 11.56 -40.69 -22.86
C VAL E 249 11.69 -39.18 -22.91
N GLY E 250 10.64 -38.48 -22.46
CA GLY E 250 10.59 -37.03 -22.44
C GLY E 250 10.37 -36.39 -23.81
N GLY E 251 9.63 -37.08 -24.66
CA GLY E 251 9.34 -36.59 -26.01
C GLY E 251 8.21 -35.58 -26.14
N LEU E 252 7.95 -35.19 -27.37
CA LEU E 252 6.86 -34.27 -27.69
C LEU E 252 5.54 -34.95 -27.33
N THR E 253 4.58 -34.19 -26.81
CA THR E 253 3.27 -34.73 -26.45
C THR E 253 2.44 -34.92 -27.72
N TYR E 254 1.31 -35.63 -27.59
CA TYR E 254 0.33 -35.85 -28.67
C TYR E 254 -0.17 -34.45 -29.13
N ARG E 255 -0.46 -33.56 -28.18
CA ARG E 255 -0.89 -32.18 -28.41
C ARG E 255 0.16 -31.39 -29.20
N GLU E 256 1.44 -31.45 -28.79
CA GLU E 256 2.54 -30.76 -29.49
C GLU E 256 2.69 -31.28 -30.92
N GLY E 257 2.58 -32.60 -31.10
CA GLY E 257 2.64 -33.24 -32.41
C GLY E 257 1.59 -32.68 -33.34
N LEU E 258 0.33 -32.60 -32.84
CA LEU E 258 -0.81 -32.04 -33.56
C LEU E 258 -0.65 -30.56 -33.82
N TYR E 259 -0.08 -29.82 -32.85
CA TYR E 259 0.15 -28.40 -33.03
C TYR E 259 1.16 -28.09 -34.16
N ILE E 260 2.29 -28.84 -34.21
CA ILE E 260 3.31 -28.69 -35.26
C ILE E 260 2.66 -28.86 -36.63
N THR E 261 1.90 -29.94 -36.80
CA THR E 261 1.27 -30.32 -38.07
C THR E 261 0.13 -29.39 -38.46
N GLU E 262 -0.69 -28.91 -37.48
CA GLU E 262 -1.74 -27.93 -37.72
C GLU E 262 -1.15 -26.62 -38.24
N GLU E 263 -0.02 -26.16 -37.65
CA GLU E 263 0.66 -24.93 -38.05
C GLU E 263 1.28 -25.02 -39.45
N ILE E 264 1.83 -26.19 -39.80
CA ILE E 264 2.40 -26.44 -41.14
C ILE E 264 1.27 -26.45 -42.16
N TYR E 265 0.14 -27.15 -41.88
CA TYR E 265 -1.00 -27.15 -42.81
C TYR E 265 -1.43 -25.72 -43.15
N LYS E 266 -1.58 -24.88 -42.11
CA LYS E 266 -2.02 -23.48 -42.17
C LYS E 266 -1.19 -22.56 -43.08
N THR E 267 0.09 -22.90 -43.34
CA THR E 267 0.95 -22.11 -44.24
C THR E 267 0.51 -22.33 -45.69
N GLY E 268 -0.08 -23.49 -45.95
CA GLY E 268 -0.52 -23.91 -47.27
C GLY E 268 0.67 -24.25 -48.15
N LEU E 269 1.85 -24.47 -47.53
CA LEU E 269 3.11 -24.73 -48.25
C LEU E 269 3.67 -26.13 -48.09
N LEU E 270 2.97 -27.04 -47.41
CA LEU E 270 3.43 -28.42 -47.31
C LEU E 270 3.42 -29.02 -48.72
N SER E 271 4.56 -29.58 -49.15
CA SER E 271 4.72 -30.18 -50.48
C SER E 271 5.19 -31.62 -50.40
N GLY E 272 5.74 -31.99 -49.27
CA GLY E 272 6.25 -33.34 -49.02
C GLY E 272 6.10 -33.74 -47.57
N LEU E 273 5.76 -35.00 -47.33
CA LEU E 273 5.59 -35.56 -45.99
C LEU E 273 6.08 -37.02 -45.91
N ASP E 274 6.86 -37.32 -44.84
CA ASP E 274 7.36 -38.66 -44.52
C ASP E 274 6.82 -39.04 -43.15
N ILE E 275 6.20 -40.22 -43.04
CA ILE E 275 5.69 -40.79 -41.79
C ILE E 275 6.53 -42.05 -41.63
N MET E 276 7.60 -41.95 -40.86
CA MET E 276 8.63 -42.96 -40.71
C MET E 276 8.73 -43.61 -39.35
N GLU E 277 9.45 -44.74 -39.33
CA GLU E 277 9.86 -45.56 -38.20
C GLU E 277 8.70 -46.19 -37.40
N VAL E 278 7.52 -46.37 -38.02
CA VAL E 278 6.42 -47.10 -37.37
C VAL E 278 6.78 -48.58 -37.51
N ASN E 279 7.04 -49.26 -36.36
CA ASN E 279 7.36 -50.68 -36.38
C ASN E 279 6.31 -51.48 -35.61
N PRO E 280 5.31 -52.05 -36.35
CA PRO E 280 4.23 -52.80 -35.68
C PRO E 280 4.63 -54.13 -35.03
N SER E 281 5.89 -54.55 -35.16
CA SER E 281 6.32 -55.77 -34.47
C SER E 281 7.03 -55.41 -33.14
N LEU E 282 7.14 -54.09 -32.83
CA LEU E 282 7.82 -53.61 -31.62
C LEU E 282 6.89 -53.14 -30.49
N GLY E 283 5.60 -53.44 -30.60
CA GLY E 283 4.68 -53.14 -29.50
C GLY E 283 4.80 -54.23 -28.44
N LYS E 284 4.78 -53.86 -27.14
CA LYS E 284 4.83 -54.83 -26.04
C LYS E 284 3.48 -55.58 -25.95
N THR E 285 2.40 -54.92 -26.40
CA THR E 285 1.04 -55.45 -26.44
C THR E 285 0.43 -55.04 -27.78
N PRO E 286 -0.66 -55.70 -28.28
CA PRO E 286 -1.30 -55.24 -29.50
C PRO E 286 -1.82 -53.80 -29.42
N GLU E 287 -2.23 -53.35 -28.20
CA GLU E 287 -2.73 -52.00 -27.94
C GLU E 287 -1.63 -50.94 -28.19
N GLU E 288 -0.36 -51.26 -27.86
CA GLU E 288 0.77 -50.35 -28.08
C GLU E 288 0.96 -50.08 -29.60
N VAL E 289 0.74 -51.11 -30.44
CA VAL E 289 0.81 -51.03 -31.90
C VAL E 289 -0.34 -50.13 -32.40
N THR E 290 -1.59 -50.41 -31.97
CA THR E 290 -2.75 -49.61 -32.39
C THR E 290 -2.61 -48.16 -31.95
N ARG E 291 -2.06 -47.90 -30.75
CA ARG E 291 -1.82 -46.56 -30.24
C ARG E 291 -0.83 -45.79 -31.15
N THR E 292 0.27 -46.45 -31.54
CA THR E 292 1.31 -45.87 -32.41
C THR E 292 0.74 -45.54 -33.78
N VAL E 293 0.01 -46.48 -34.37
CA VAL E 293 -0.64 -46.36 -35.69
C VAL E 293 -1.68 -45.24 -35.64
N ASN E 294 -2.55 -45.23 -34.61
CA ASN E 294 -3.56 -44.19 -34.44
C ASN E 294 -2.94 -42.81 -34.29
N THR E 295 -1.82 -42.69 -33.55
CA THR E 295 -1.14 -41.40 -33.39
C THR E 295 -0.57 -40.94 -34.73
N ALA E 296 0.11 -41.85 -35.46
CA ALA E 296 0.69 -41.57 -36.78
C ALA E 296 -0.40 -41.14 -37.80
N VAL E 297 -1.60 -41.75 -37.74
CA VAL E 297 -2.74 -41.40 -38.58
C VAL E 297 -3.23 -39.97 -38.23
N ALA E 298 -3.40 -39.69 -36.93
CA ALA E 298 -3.84 -38.39 -36.42
C ALA E 298 -2.90 -37.27 -36.85
N ILE E 299 -1.56 -37.52 -36.78
CA ILE E 299 -0.52 -36.57 -37.22
C ILE E 299 -0.72 -36.27 -38.71
N THR E 300 -0.84 -37.31 -39.53
CA THR E 300 -1.03 -37.23 -40.99
C THR E 300 -2.29 -36.43 -41.35
N LEU E 301 -3.44 -36.70 -40.68
CA LEU E 301 -4.68 -35.99 -40.95
C LEU E 301 -4.57 -34.49 -40.67
N ALA E 302 -3.83 -34.10 -39.61
CA ALA E 302 -3.60 -32.69 -39.26
C ALA E 302 -2.76 -31.99 -40.34
N CYS E 303 -1.84 -32.73 -41.00
CA CYS E 303 -1.00 -32.19 -42.09
C CYS E 303 -1.86 -31.77 -43.25
N PHE E 304 -3.05 -32.42 -43.42
CA PHE E 304 -3.94 -32.15 -44.54
C PHE E 304 -5.26 -31.47 -44.16
N GLY E 305 -5.26 -30.73 -43.05
CA GLY E 305 -6.38 -29.88 -42.67
C GLY E 305 -7.24 -30.19 -41.47
N LEU E 306 -7.16 -31.42 -40.92
CA LEU E 306 -7.98 -31.77 -39.77
C LEU E 306 -7.57 -30.92 -38.57
N ALA E 307 -8.50 -30.10 -38.08
CA ALA E 307 -8.23 -29.17 -36.97
C ALA E 307 -9.01 -29.51 -35.71
N ARG E 308 -8.37 -29.33 -34.55
CA ARG E 308 -9.01 -29.59 -33.23
C ARG E 308 -10.18 -28.65 -32.93
N GLU E 309 -10.20 -27.43 -33.48
CA GLU E 309 -11.34 -26.52 -33.28
C GLU E 309 -12.58 -26.96 -34.08
N GLY E 310 -12.36 -27.83 -35.05
CA GLY E 310 -13.38 -28.34 -35.94
C GLY E 310 -13.12 -27.91 -37.37
N ASN E 311 -13.94 -28.42 -38.29
CA ASN E 311 -13.88 -28.15 -39.73
C ASN E 311 -15.33 -28.15 -40.23
N HIS E 312 -15.61 -27.38 -41.27
CA HIS E 312 -16.91 -27.37 -41.94
C HIS E 312 -16.76 -27.08 -43.45
N LYS E 313 -17.70 -27.60 -44.26
CA LYS E 313 -17.74 -27.41 -45.72
C LYS E 313 -18.25 -25.99 -46.01
N PRO E 314 -17.90 -25.35 -47.16
CA PRO E 314 -18.40 -23.98 -47.40
C PRO E 314 -19.87 -23.92 -47.86
N ILE E 315 -20.78 -24.25 -46.91
CA ILE E 315 -22.25 -24.28 -47.05
C ILE E 315 -22.87 -23.68 -45.78
N ASP E 316 -24.15 -23.25 -45.86
CA ASP E 316 -24.84 -22.69 -44.70
C ASP E 316 -25.44 -23.85 -43.92
N TYR E 317 -24.87 -24.15 -42.73
CA TYR E 317 -25.34 -25.24 -41.87
C TYR E 317 -26.61 -24.86 -41.11
N LEU E 318 -26.86 -23.54 -40.92
CA LEU E 318 -28.08 -23.09 -40.23
C LEU E 318 -29.33 -23.03 -41.15
N ASN E 319 -29.17 -23.37 -42.44
CA ASN E 319 -30.26 -23.40 -43.42
C ASN E 319 -30.34 -24.75 -44.13
N ALA F 3 -9.29 66.30 24.49
CA ALA F 3 -10.48 65.66 23.89
C ALA F 3 -11.22 64.87 24.95
N LYS F 4 -12.57 64.74 24.80
CA LYS F 4 -13.44 64.02 25.73
C LYS F 4 -12.99 62.60 26.02
N SER F 5 -12.60 61.86 24.97
CA SER F 5 -12.11 60.48 25.08
C SER F 5 -10.73 60.37 25.78
N ARG F 6 -10.06 61.52 26.03
CA ARG F 6 -8.76 61.58 26.70
C ARG F 6 -8.80 62.47 27.96
N THR F 7 -10.01 62.79 28.48
CA THR F 7 -10.20 63.59 29.69
C THR F 7 -10.60 62.60 30.79
N ILE F 8 -9.70 62.41 31.75
CA ILE F 8 -9.80 61.37 32.79
C ILE F 8 -9.76 61.88 34.22
N GLY F 9 -10.55 61.20 35.07
CA GLY F 9 -10.61 61.39 36.51
C GLY F 9 -10.24 60.07 37.17
N ILE F 10 -9.03 60.00 37.76
CA ILE F 10 -8.47 58.81 38.43
C ILE F 10 -9.02 58.67 39.84
N ILE F 11 -9.55 57.48 40.15
CA ILE F 11 -10.02 57.15 41.50
C ILE F 11 -9.34 55.86 41.98
N GLY F 12 -8.58 55.97 43.06
CA GLY F 12 -7.98 54.80 43.70
C GLY F 12 -8.98 54.19 44.65
N ALA F 13 -9.22 52.88 44.54
CA ALA F 13 -10.14 52.18 45.42
C ALA F 13 -9.43 50.99 46.10
N PRO F 14 -8.56 51.28 47.11
CA PRO F 14 -7.78 50.19 47.76
C PRO F 14 -8.63 49.35 48.72
N PHE F 15 -9.46 48.47 48.16
CA PHE F 15 -10.40 47.65 48.93
C PHE F 15 -10.25 46.16 48.60
N SER F 16 -10.24 45.30 49.63
CA SER F 16 -10.05 43.86 49.47
C SER F 16 -11.10 42.96 50.10
N LYS F 17 -11.98 43.52 50.96
CA LYS F 17 -12.97 42.74 51.71
C LYS F 17 -14.11 42.15 50.87
N GLY F 18 -14.05 42.28 49.55
CA GLY F 18 -14.99 41.62 48.65
C GLY F 18 -14.57 40.19 48.36
N GLN F 19 -13.35 39.81 48.80
CA GLN F 19 -12.77 38.48 48.60
C GLN F 19 -11.83 38.07 49.75
N PRO F 20 -11.41 36.79 49.91
CA PRO F 20 -10.58 36.44 51.07
C PRO F 20 -9.07 36.61 50.96
N ARG F 21 -8.53 36.90 49.77
CA ARG F 21 -7.08 37.00 49.59
C ARG F 21 -6.52 38.42 49.79
N GLY F 22 -5.63 38.56 50.77
CA GLY F 22 -5.01 39.84 51.07
C GLY F 22 -4.06 40.28 49.98
N GLY F 23 -3.98 41.60 49.75
CA GLY F 23 -3.08 42.19 48.77
C GLY F 23 -3.70 43.00 47.64
N VAL F 24 -4.96 42.67 47.26
CA VAL F 24 -5.65 43.34 46.14
C VAL F 24 -5.85 44.85 46.43
N GLU F 25 -5.82 45.25 47.72
CA GLU F 25 -5.92 46.66 48.14
C GLU F 25 -4.68 47.45 47.73
N GLU F 26 -3.57 46.75 47.39
CA GLU F 26 -2.34 47.39 46.93
C GLU F 26 -2.34 47.65 45.41
N GLY F 27 -3.42 47.25 44.72
CA GLY F 27 -3.60 47.46 43.29
C GLY F 27 -3.43 48.91 42.85
N PRO F 28 -4.11 49.92 43.47
CA PRO F 28 -3.89 51.32 43.07
C PRO F 28 -2.46 51.82 43.26
N THR F 29 -1.80 51.38 44.35
CA THR F 29 -0.42 51.74 44.69
C THR F 29 0.57 51.31 43.59
N VAL F 30 0.53 50.02 43.22
CA VAL F 30 1.42 49.42 42.24
C VAL F 30 1.14 49.98 40.82
N LEU F 31 -0.12 50.26 40.44
CA LEU F 31 -0.45 50.83 39.13
C LEU F 31 0.09 52.26 39.00
N ARG F 32 0.03 53.04 40.10
CA ARG F 32 0.56 54.40 40.18
C ARG F 32 2.09 54.39 40.10
N LYS F 33 2.74 53.47 40.88
CA LYS F 33 4.20 53.31 40.92
C LYS F 33 4.79 52.97 39.54
N ALA F 34 3.99 52.28 38.69
CA ALA F 34 4.38 51.89 37.33
C ALA F 34 4.37 53.08 36.36
N GLY F 35 3.90 54.23 36.82
CA GLY F 35 3.86 55.48 36.06
C GLY F 35 2.65 55.66 35.17
N LEU F 36 1.50 55.07 35.53
CA LEU F 36 0.25 55.17 34.77
C LEU F 36 -0.16 56.61 34.47
N LEU F 37 -0.16 57.49 35.50
CA LEU F 37 -0.55 58.89 35.36
C LEU F 37 0.34 59.65 34.37
N GLU F 38 1.66 59.47 34.49
CA GLU F 38 2.68 60.08 33.63
C GLU F 38 2.54 59.56 32.20
N LYS F 39 2.33 58.24 32.02
CA LYS F 39 2.15 57.61 30.71
C LYS F 39 0.90 58.11 29.98
N LEU F 40 -0.19 58.37 30.74
CA LEU F 40 -1.43 58.90 30.18
C LEU F 40 -1.23 60.34 29.71
N LYS F 41 -0.52 61.17 30.52
CA LYS F 41 -0.23 62.57 30.17
C LYS F 41 0.66 62.68 28.93
N GLU F 42 1.56 61.71 28.72
CA GLU F 42 2.45 61.62 27.55
C GLU F 42 1.69 61.27 26.27
N GLN F 43 0.46 60.76 26.44
CA GLN F 43 -0.46 60.30 25.42
C GLN F 43 -1.54 61.38 25.11
N GLU F 44 -1.25 62.65 25.48
CA GLU F 44 -2.12 63.83 25.28
C GLU F 44 -3.44 63.76 26.08
N CYS F 45 -3.38 63.16 27.28
CA CYS F 45 -4.53 63.04 28.17
C CYS F 45 -4.55 64.15 29.21
N ASP F 46 -5.76 64.65 29.52
CA ASP F 46 -6.01 65.63 30.59
C ASP F 46 -6.37 64.75 31.78
N VAL F 47 -5.41 64.56 32.70
CA VAL F 47 -5.52 63.69 33.86
C VAL F 47 -5.66 64.49 35.15
N LYS F 48 -6.73 64.21 35.92
CA LYS F 48 -6.99 64.76 37.25
C LYS F 48 -7.08 63.55 38.17
N ASP F 49 -6.29 63.56 39.24
CA ASP F 49 -6.24 62.48 40.20
C ASP F 49 -7.06 62.85 41.45
N TYR F 50 -8.14 62.08 41.69
CA TYR F 50 -9.05 62.29 42.81
C TYR F 50 -8.57 61.58 44.09
N GLY F 51 -7.37 60.98 44.01
CA GLY F 51 -6.72 60.29 45.11
C GLY F 51 -7.27 58.91 45.41
N ASP F 52 -6.79 58.30 46.51
CA ASP F 52 -7.24 56.99 46.96
C ASP F 52 -8.30 57.17 48.04
N LEU F 53 -9.46 56.55 47.84
CA LEU F 53 -10.58 56.63 48.79
C LEU F 53 -10.21 56.01 50.13
N PRO F 54 -10.49 56.72 51.25
CA PRO F 54 -10.24 56.12 52.57
C PRO F 54 -11.40 55.19 52.93
N PHE F 55 -11.10 53.91 53.10
CA PHE F 55 -12.15 52.96 53.46
C PHE F 55 -12.00 52.64 54.92
N ALA F 56 -12.68 53.44 55.76
CA ALA F 56 -12.71 53.30 57.21
C ALA F 56 -13.11 51.88 57.60
N ASP F 57 -12.34 51.25 58.49
CA ASP F 57 -12.59 49.89 58.94
C ASP F 57 -13.93 49.78 59.67
N ILE F 58 -14.67 48.71 59.37
CA ILE F 58 -15.95 48.43 60.00
C ILE F 58 -15.79 47.19 60.88
N PRO F 59 -15.54 47.38 62.20
CA PRO F 59 -15.42 46.21 63.09
C PRO F 59 -16.81 45.64 63.40
N ASN F 60 -16.87 44.36 63.82
CA ASN F 60 -18.11 43.60 64.12
C ASN F 60 -19.03 43.41 62.88
N ASP F 61 -18.43 43.46 61.67
CA ASP F 61 -19.14 43.29 60.40
C ASP F 61 -19.42 41.81 60.18
N SER F 62 -20.41 41.30 60.92
CA SER F 62 -20.86 39.91 60.92
C SER F 62 -21.41 39.50 59.55
N PRO F 63 -21.27 38.23 59.13
CA PRO F 63 -21.78 37.85 57.80
C PRO F 63 -23.29 37.80 57.68
N PHE F 64 -23.81 38.08 56.49
CA PHE F 64 -25.23 37.97 56.18
C PHE F 64 -25.31 36.57 55.57
N GLN F 65 -25.82 35.59 56.35
CA GLN F 65 -25.86 34.18 55.96
C GLN F 65 -24.39 33.70 55.70
N ILE F 66 -24.02 33.39 54.44
CA ILE F 66 -22.64 33.00 54.11
C ILE F 66 -21.83 34.18 53.50
N VAL F 67 -22.52 35.30 53.21
CA VAL F 67 -21.94 36.51 52.61
C VAL F 67 -21.03 37.25 53.60
N LYS F 68 -19.71 37.24 53.36
CA LYS F 68 -18.72 37.87 54.26
C LYS F 68 -18.61 39.38 54.03
N ASN F 69 -18.27 40.12 55.11
CA ASN F 69 -18.06 41.58 55.21
C ASN F 69 -19.10 42.40 54.45
N PRO F 70 -20.43 42.18 54.62
CA PRO F 70 -21.40 42.93 53.80
C PRO F 70 -21.40 44.45 54.01
N ARG F 71 -21.26 44.92 55.26
CA ARG F 71 -21.26 46.36 55.56
C ARG F 71 -20.03 47.06 54.98
N SER F 72 -18.83 46.42 55.06
CA SER F 72 -17.58 46.94 54.50
C SER F 72 -17.67 47.09 52.97
N VAL F 73 -18.14 46.04 52.28
CA VAL F 73 -18.32 46.02 50.83
C VAL F 73 -19.39 47.03 50.40
N GLY F 74 -20.51 47.05 51.11
CA GLY F 74 -21.61 47.98 50.85
C GLY F 74 -21.20 49.43 50.98
N LYS F 75 -20.45 49.75 52.05
CA LYS F 75 -19.97 51.12 52.32
C LYS F 75 -18.93 51.58 51.28
N ALA F 76 -17.94 50.71 50.99
CA ALA F 76 -16.90 51.00 49.99
C ALA F 76 -17.53 51.33 48.63
N SER F 77 -18.53 50.53 48.20
CA SER F 77 -19.24 50.78 46.94
C SER F 77 -20.08 52.05 47.02
N GLU F 78 -20.72 52.32 48.18
CA GLU F 78 -21.52 53.54 48.38
C GLU F 78 -20.64 54.79 48.20
N GLN F 79 -19.44 54.79 48.80
CA GLN F 79 -18.45 55.88 48.73
C GLN F 79 -17.98 56.03 47.28
N LEU F 80 -17.63 54.89 46.63
CA LEU F 80 -17.16 54.90 45.24
C LEU F 80 -18.20 55.48 44.29
N ALA F 81 -19.49 55.13 44.51
CA ALA F 81 -20.60 55.63 43.71
C ALA F 81 -20.64 57.16 43.76
N GLY F 82 -20.54 57.72 44.96
CA GLY F 82 -20.52 59.17 45.16
C GLY F 82 -19.36 59.84 44.45
N LYS F 83 -18.16 59.24 44.55
CA LYS F 83 -16.94 59.74 43.94
C LYS F 83 -16.99 59.67 42.40
N VAL F 84 -17.48 58.54 41.83
CA VAL F 84 -17.61 58.35 40.37
C VAL F 84 -18.60 59.38 39.81
N ALA F 85 -19.74 59.58 40.51
CA ALA F 85 -20.77 60.56 40.11
C ALA F 85 -20.17 61.97 40.05
N GLU F 86 -19.31 62.32 41.04
CA GLU F 86 -18.60 63.61 41.12
C GLU F 86 -17.69 63.78 39.88
N VAL F 87 -16.89 62.75 39.55
CA VAL F 87 -15.98 62.71 38.38
C VAL F 87 -16.79 62.87 37.09
N LYS F 88 -17.90 62.11 36.95
CA LYS F 88 -18.78 62.18 35.80
C LYS F 88 -19.42 63.58 35.61
N LYS F 89 -19.82 64.25 36.72
CA LYS F 89 -20.36 65.61 36.70
C LYS F 89 -19.32 66.65 36.24
N ASN F 90 -18.02 66.37 36.49
CA ASN F 90 -16.88 67.18 36.09
C ASN F 90 -16.43 66.95 34.62
N GLY F 91 -17.25 66.23 33.86
CA GLY F 91 -17.00 65.93 32.45
C GLY F 91 -15.76 65.09 32.17
N ARG F 92 -15.45 64.15 33.07
CA ARG F 92 -14.28 63.27 32.93
C ARG F 92 -14.68 61.82 32.85
N ILE F 93 -13.84 60.99 32.22
CA ILE F 93 -14.04 59.55 32.17
C ILE F 93 -13.51 59.06 33.51
N SER F 94 -14.35 58.37 34.29
CA SER F 94 -13.90 57.85 35.57
C SER F 94 -13.03 56.61 35.36
N LEU F 95 -11.86 56.58 36.00
CA LEU F 95 -10.92 55.48 35.93
C LEU F 95 -10.70 54.97 37.35
N VAL F 96 -11.35 53.85 37.67
CA VAL F 96 -11.27 53.22 38.98
C VAL F 96 -10.15 52.18 39.02
N LEU F 97 -9.19 52.38 39.92
CA LEU F 97 -8.09 51.46 40.13
C LEU F 97 -8.43 50.60 41.35
N GLY F 98 -8.74 49.34 41.10
CA GLY F 98 -9.05 48.38 42.15
C GLY F 98 -7.81 47.70 42.70
N GLY F 99 -7.95 46.93 43.78
CA GLY F 99 -9.21 46.63 44.45
C GLY F 99 -9.95 45.47 43.83
N ASP F 100 -10.77 44.75 44.64
CA ASP F 100 -11.57 43.63 44.17
C ASP F 100 -12.76 44.12 43.33
N HIS F 101 -13.34 43.24 42.50
CA HIS F 101 -14.41 43.60 41.58
C HIS F 101 -15.78 43.96 42.22
N SER F 102 -16.01 43.71 43.55
CA SER F 102 -17.30 44.08 44.19
C SER F 102 -17.56 45.60 44.07
N LEU F 103 -16.46 46.36 43.99
CA LEU F 103 -16.43 47.82 43.78
C LEU F 103 -17.19 48.24 42.50
N ALA F 104 -17.43 47.30 41.54
CA ALA F 104 -18.19 47.57 40.32
C ALA F 104 -19.63 48.01 40.65
N ILE F 105 -20.17 47.57 41.82
CA ILE F 105 -21.50 47.98 42.31
C ILE F 105 -21.49 49.50 42.41
N GLY F 106 -20.49 50.05 43.09
CA GLY F 106 -20.34 51.48 43.27
C GLY F 106 -19.97 52.22 42.01
N SER F 107 -19.00 51.67 41.24
CA SER F 107 -18.55 52.27 39.99
C SER F 107 -19.69 52.44 38.97
N ILE F 108 -20.43 51.36 38.66
CA ILE F 108 -21.53 51.41 37.70
C ILE F 108 -22.72 52.22 38.27
N SER F 109 -23.09 52.02 39.57
CA SER F 109 -24.20 52.80 40.18
C SER F 109 -23.96 54.30 40.09
N GLY F 110 -22.74 54.73 40.43
CA GLY F 110 -22.31 56.13 40.39
C GLY F 110 -22.29 56.70 39.00
N HIS F 111 -21.81 55.91 38.03
CA HIS F 111 -21.75 56.28 36.61
C HIS F 111 -23.18 56.44 36.06
N ALA F 112 -24.08 55.48 36.39
CA ALA F 112 -25.49 55.49 35.97
C ALA F 112 -26.31 56.68 36.51
N ARG F 113 -25.89 57.28 37.66
CA ARG F 113 -26.57 58.44 38.24
C ARG F 113 -26.50 59.64 37.30
N VAL F 114 -25.35 59.80 36.59
CA VAL F 114 -25.10 60.89 35.65
C VAL F 114 -25.50 60.45 34.24
N HIS F 115 -25.25 59.17 33.89
CA HIS F 115 -25.57 58.60 32.58
C HIS F 115 -26.45 57.34 32.70
N PRO F 116 -27.79 57.49 32.86
CA PRO F 116 -28.65 56.30 33.03
C PRO F 116 -28.79 55.39 31.80
N ASP F 117 -28.42 55.90 30.61
CA ASP F 117 -28.47 55.17 29.34
C ASP F 117 -27.17 54.39 29.01
N LEU F 118 -26.26 54.23 29.99
CA LEU F 118 -24.98 53.55 29.75
C LEU F 118 -25.12 52.05 29.40
N GLY F 119 -24.16 51.56 28.62
CA GLY F 119 -24.02 50.16 28.25
C GLY F 119 -22.76 49.62 28.93
N VAL F 120 -22.78 48.37 29.39
CA VAL F 120 -21.64 47.78 30.08
C VAL F 120 -20.97 46.69 29.23
N ILE F 121 -19.62 46.76 29.14
CA ILE F 121 -18.78 45.72 28.56
C ILE F 121 -18.03 45.16 29.75
N TRP F 122 -18.24 43.88 30.07
CA TRP F 122 -17.64 43.23 31.23
C TRP F 122 -16.64 42.18 30.74
N VAL F 123 -15.33 42.49 30.93
CA VAL F 123 -14.22 41.64 30.48
C VAL F 123 -13.72 40.90 31.70
N ASP F 124 -13.87 39.57 31.69
CA ASP F 124 -13.58 38.71 32.83
C ASP F 124 -13.61 37.22 32.42
N ALA F 125 -12.93 36.35 33.21
CA ALA F 125 -13.02 34.90 33.05
C ALA F 125 -14.36 34.50 33.70
N HIS F 126 -14.89 35.41 34.57
CA HIS F 126 -16.08 35.20 35.39
C HIS F 126 -17.28 36.12 35.08
N THR F 127 -18.51 35.66 35.40
CA THR F 127 -19.74 36.42 35.19
C THR F 127 -20.03 37.34 36.36
N ASP F 128 -19.58 36.98 37.58
CA ASP F 128 -19.79 37.78 38.79
C ASP F 128 -21.29 38.14 38.96
N ILE F 129 -22.17 37.18 38.63
CA ILE F 129 -23.61 37.39 38.60
C ILE F 129 -24.36 36.57 39.68
N ASN F 130 -23.59 35.99 40.64
CA ASN F 130 -24.16 35.25 41.77
C ASN F 130 -24.95 36.20 42.68
N THR F 131 -26.09 35.74 43.21
CA THR F 131 -26.89 36.54 44.14
C THR F 131 -26.39 36.21 45.55
N PRO F 132 -26.71 36.99 46.61
CA PRO F 132 -26.29 36.59 47.97
C PRO F 132 -26.84 35.22 48.40
N LEU F 133 -27.80 34.66 47.64
CA LEU F 133 -28.40 33.35 47.90
C LEU F 133 -27.79 32.21 47.03
N THR F 134 -27.44 32.51 45.75
CA THR F 134 -26.85 31.50 44.85
C THR F 134 -25.36 31.25 45.10
N THR F 135 -24.69 32.20 45.78
CA THR F 135 -23.27 32.06 46.10
C THR F 135 -23.00 30.85 47.01
N THR F 136 -21.87 30.20 46.78
CA THR F 136 -21.41 29.03 47.54
C THR F 136 -20.19 29.45 48.38
N SER F 137 -19.51 30.54 47.97
CA SER F 137 -18.32 31.09 48.63
C SER F 137 -18.67 32.21 49.60
N GLY F 138 -19.73 32.97 49.27
CA GLY F 138 -20.16 34.13 50.03
C GLY F 138 -19.26 35.34 49.86
N ASN F 139 -18.42 35.36 48.78
CA ASN F 139 -17.53 36.50 48.48
C ASN F 139 -18.23 37.45 47.52
N LEU F 140 -18.40 38.70 47.95
CA LEU F 140 -19.13 39.71 47.16
C LEU F 140 -18.45 40.13 45.82
N HIS F 141 -17.19 39.71 45.57
CA HIS F 141 -16.50 40.05 44.31
C HIS F 141 -17.02 39.16 43.13
N GLY F 142 -17.75 38.08 43.48
CA GLY F 142 -18.39 37.19 42.51
C GLY F 142 -19.89 37.37 42.44
N GLN F 143 -20.37 38.54 42.92
CA GLN F 143 -21.78 38.93 43.02
C GLN F 143 -22.13 40.32 42.47
N PRO F 144 -21.19 41.21 41.99
CA PRO F 144 -21.58 42.58 41.67
C PRO F 144 -22.67 42.76 40.60
N VAL F 145 -22.67 41.97 39.52
CA VAL F 145 -23.67 42.07 38.45
C VAL F 145 -25.11 41.81 38.98
N SER F 146 -25.27 40.90 39.97
CA SER F 146 -26.60 40.58 40.55
C SER F 146 -27.28 41.80 41.24
N PHE F 147 -26.48 42.67 41.90
CA PHE F 147 -26.98 43.88 42.56
C PHE F 147 -27.35 44.98 41.58
N LEU F 148 -26.75 44.97 40.38
CA LEU F 148 -26.94 46.00 39.36
C LEU F 148 -28.10 45.76 38.39
N LEU F 149 -28.49 44.48 38.18
CA LEU F 149 -29.54 44.13 37.21
C LEU F 149 -30.96 44.36 37.69
N LYS F 150 -31.76 45.08 36.88
CA LYS F 150 -33.17 45.37 37.17
C LYS F 150 -34.01 44.09 37.22
N GLU F 151 -33.72 43.12 36.34
CA GLU F 151 -34.44 41.84 36.25
C GLU F 151 -34.24 40.94 37.46
N LEU F 152 -33.24 41.23 38.30
CA LEU F 152 -32.96 40.43 39.50
C LEU F 152 -33.50 41.08 40.77
N LYS F 153 -34.33 42.15 40.62
CA LYS F 153 -35.00 42.84 41.73
C LYS F 153 -36.05 41.86 42.25
N GLY F 154 -35.97 41.54 43.54
CA GLY F 154 -36.84 40.57 44.19
C GLY F 154 -36.14 39.25 44.44
N LYS F 155 -34.93 39.09 43.87
CA LYS F 155 -34.09 37.91 44.02
C LYS F 155 -32.90 38.26 44.94
N ILE F 156 -32.69 39.55 45.19
CA ILE F 156 -31.61 40.05 46.05
C ILE F 156 -32.22 40.31 47.44
N PRO F 157 -31.76 39.61 48.50
CA PRO F 157 -32.33 39.88 49.83
C PRO F 157 -31.78 41.19 50.42
N ASP F 158 -32.34 41.63 51.55
CA ASP F 158 -31.90 42.87 52.19
C ASP F 158 -30.59 42.61 52.93
N VAL F 159 -29.47 42.83 52.21
CA VAL F 159 -28.11 42.62 52.72
C VAL F 159 -27.65 43.90 53.45
N PRO F 160 -27.15 43.79 54.71
CA PRO F 160 -26.71 44.99 55.43
C PRO F 160 -25.58 45.73 54.70
N GLY F 161 -25.75 47.03 54.55
CA GLY F 161 -24.80 47.90 53.84
C GLY F 161 -25.20 48.22 52.42
N PHE F 162 -26.25 47.54 51.89
CA PHE F 162 -26.68 47.71 50.50
C PHE F 162 -28.09 48.36 50.29
N SER F 163 -28.66 49.00 51.32
CA SER F 163 -29.98 49.66 51.21
C SER F 163 -30.00 50.85 50.23
N TRP F 164 -28.83 51.45 49.98
CA TRP F 164 -28.64 52.57 49.05
C TRP F 164 -28.76 52.15 47.58
N VAL F 165 -28.53 50.84 47.27
CA VAL F 165 -28.53 50.27 45.92
C VAL F 165 -29.92 50.22 45.28
N THR F 166 -30.02 50.75 44.07
CA THR F 166 -31.18 50.68 43.19
C THR F 166 -30.61 50.09 41.88
N PRO F 167 -31.09 48.89 41.43
CA PRO F 167 -30.56 48.32 40.17
C PRO F 167 -30.71 49.32 39.03
N CYS F 168 -29.59 49.59 38.33
CA CYS F 168 -29.53 50.63 37.31
C CYS F 168 -29.37 50.11 35.87
N ILE F 169 -29.13 48.81 35.68
CA ILE F 169 -28.94 48.27 34.32
C ILE F 169 -29.89 47.10 34.02
N SER F 170 -30.38 47.05 32.79
CA SER F 170 -31.22 45.95 32.30
C SER F 170 -30.30 44.90 31.72
N ALA F 171 -30.76 43.64 31.68
CA ALA F 171 -30.01 42.49 31.17
C ALA F 171 -29.52 42.70 29.72
N LYS F 172 -30.27 43.50 28.93
CA LYS F 172 -29.96 43.85 27.54
C LYS F 172 -28.86 44.92 27.39
N ASP F 173 -28.48 45.54 28.49
CA ASP F 173 -27.47 46.62 28.49
C ASP F 173 -26.06 46.18 28.90
N ILE F 174 -25.81 44.86 28.97
CA ILE F 174 -24.49 44.33 29.35
C ILE F 174 -24.00 43.24 28.36
N VAL F 175 -22.72 43.29 28.01
CA VAL F 175 -22.08 42.29 27.14
C VAL F 175 -20.85 41.74 27.87
N TYR F 176 -20.76 40.41 28.02
CA TYR F 176 -19.63 39.74 28.62
C TYR F 176 -18.66 39.31 27.56
N ILE F 177 -17.34 39.41 27.85
CA ILE F 177 -16.26 38.97 26.97
C ILE F 177 -15.21 38.21 27.77
N GLY F 178 -14.93 36.99 27.31
CA GLY F 178 -13.89 36.11 27.81
C GLY F 178 -14.25 35.09 28.88
N LEU F 179 -15.55 34.83 29.06
CA LEU F 179 -16.09 33.92 30.07
C LEU F 179 -15.56 32.49 29.90
N ARG F 180 -15.06 31.88 30.99
CA ARG F 180 -14.57 30.50 30.95
C ARG F 180 -14.67 29.74 32.29
N ASP F 181 -15.18 30.38 33.36
CA ASP F 181 -15.34 29.79 34.69
C ASP F 181 -16.62 30.33 35.34
N VAL F 182 -17.76 29.76 34.92
CA VAL F 182 -19.11 30.19 35.31
C VAL F 182 -19.74 29.15 36.23
N ASP F 183 -20.22 29.56 37.44
CA ASP F 183 -20.91 28.67 38.38
C ASP F 183 -22.30 28.19 37.82
N PRO F 184 -22.83 26.98 38.18
CA PRO F 184 -24.15 26.55 37.66
C PRO F 184 -25.30 27.56 37.81
N GLY F 185 -25.39 28.19 38.99
CA GLY F 185 -26.39 29.21 39.28
C GLY F 185 -26.25 30.43 38.40
N GLU F 186 -24.98 30.80 38.15
CA GLU F 186 -24.60 31.91 37.25
C GLU F 186 -25.03 31.60 35.82
N HIS F 187 -24.76 30.36 35.33
CA HIS F 187 -25.10 29.94 33.97
C HIS F 187 -26.63 29.98 33.78
N TYR F 188 -27.38 29.53 34.79
CA TYR F 188 -28.84 29.56 34.78
C TYR F 188 -29.32 31.02 34.62
N ILE F 189 -28.79 31.95 35.43
CA ILE F 189 -29.15 33.38 35.38
C ILE F 189 -28.84 33.94 33.99
N LEU F 190 -27.60 33.70 33.51
CA LEU F 190 -27.11 34.14 32.21
C LEU F 190 -28.04 33.71 31.06
N LYS F 191 -28.50 32.43 31.08
CA LYS F 191 -29.38 31.91 30.04
C LYS F 191 -30.84 32.36 30.20
N THR F 192 -31.39 32.37 31.43
CA THR F 192 -32.79 32.75 31.67
C THR F 192 -33.05 34.25 31.45
N LEU F 193 -32.04 35.11 31.70
CA LEU F 193 -32.22 36.54 31.48
C LEU F 193 -31.91 36.96 30.04
N GLY F 194 -31.33 36.04 29.26
CA GLY F 194 -30.99 36.27 27.85
C GLY F 194 -29.89 37.29 27.64
N ILE F 195 -28.92 37.35 28.58
CA ILE F 195 -27.78 38.28 28.51
C ILE F 195 -26.88 37.90 27.33
N LYS F 196 -26.42 38.92 26.57
CA LYS F 196 -25.49 38.74 25.47
C LYS F 196 -24.09 38.46 26.08
N TYR F 197 -23.40 37.41 25.55
CA TYR F 197 -22.06 37.03 26.05
C TYR F 197 -21.21 36.40 24.95
N PHE F 198 -19.90 36.56 25.10
CA PHE F 198 -18.90 35.96 24.24
C PHE F 198 -17.95 35.23 25.19
N SER F 199 -18.23 33.95 25.46
CA SER F 199 -17.35 33.15 26.28
C SER F 199 -16.11 32.85 25.40
N MET F 200 -15.05 32.22 25.94
CA MET F 200 -13.87 31.88 25.16
C MET F 200 -14.24 31.06 23.93
N THR F 201 -15.32 30.25 24.01
CA THR F 201 -15.88 29.42 22.92
C THR F 201 -16.27 30.31 21.72
N GLU F 202 -17.03 31.41 21.97
CA GLU F 202 -17.43 32.36 20.93
C GLU F 202 -16.20 33.12 20.40
N VAL F 203 -15.24 33.47 21.29
CA VAL F 203 -13.99 34.16 20.88
C VAL F 203 -13.22 33.23 19.90
N ASP F 204 -13.16 31.91 20.22
CA ASP F 204 -12.49 30.92 19.36
C ASP F 204 -13.20 30.75 18.02
N ARG F 205 -14.54 30.70 18.05
CA ARG F 205 -15.40 30.53 16.88
C ARG F 205 -15.33 31.71 15.93
N LEU F 206 -15.53 32.93 16.46
CA LEU F 206 -15.62 34.13 15.67
C LEU F 206 -14.34 34.89 15.39
N GLY F 207 -13.41 34.89 16.34
CA GLY F 207 -12.22 35.73 16.32
C GLY F 207 -12.59 37.03 17.02
N ILE F 208 -11.61 37.67 17.66
CA ILE F 208 -11.84 38.91 18.43
C ILE F 208 -12.41 40.09 17.56
N GLY F 209 -12.10 40.09 16.26
CA GLY F 209 -12.60 41.08 15.31
C GLY F 209 -14.12 41.08 15.22
N LYS F 210 -14.70 39.90 14.97
CA LYS F 210 -16.15 39.69 14.89
C LYS F 210 -16.80 39.90 16.27
N VAL F 211 -16.13 39.45 17.36
CA VAL F 211 -16.61 39.63 18.74
C VAL F 211 -16.84 41.13 19.02
N MET F 212 -15.85 41.98 18.69
CA MET F 212 -15.95 43.43 18.92
C MET F 212 -17.00 44.10 18.04
N GLU F 213 -17.07 43.68 16.75
CA GLU F 213 -18.04 44.17 15.77
C GLU F 213 -19.46 43.91 16.30
N GLU F 214 -19.71 42.68 16.79
CA GLU F 214 -21.00 42.27 17.36
C GLU F 214 -21.32 42.98 18.66
N THR F 215 -20.32 43.09 19.58
CA THR F 215 -20.47 43.76 20.88
C THR F 215 -20.90 45.22 20.71
N LEU F 216 -20.14 45.99 19.92
CA LEU F 216 -20.40 47.40 19.69
C LEU F 216 -21.70 47.62 18.93
N SER F 217 -22.03 46.75 17.96
CA SER F 217 -23.29 46.85 17.21
C SER F 217 -24.49 46.59 18.13
N TYR F 218 -24.38 45.55 18.99
CA TYR F 218 -25.43 45.18 19.94
C TYR F 218 -25.73 46.33 20.93
N LEU F 219 -24.68 47.02 21.41
CA LEU F 219 -24.88 48.11 22.37
C LEU F 219 -25.18 49.46 21.74
N LEU F 220 -24.55 49.78 20.60
CA LEU F 220 -24.65 51.10 19.97
C LEU F 220 -25.50 51.20 18.69
N GLY F 221 -25.95 50.08 18.14
CA GLY F 221 -26.74 50.00 16.91
C GLY F 221 -27.95 50.91 16.80
N ARG F 222 -28.75 50.99 17.89
CA ARG F 222 -29.96 51.82 17.99
C ARG F 222 -29.59 53.32 17.96
N LYS F 223 -28.57 53.69 18.77
CA LYS F 223 -28.03 55.04 18.91
C LYS F 223 -26.79 55.03 19.80
N LYS F 224 -25.90 56.03 19.62
CA LYS F 224 -24.70 56.22 20.42
C LYS F 224 -25.13 56.41 21.89
N ARG F 225 -24.44 55.76 22.81
CA ARG F 225 -24.71 55.82 24.24
C ARG F 225 -23.39 55.64 25.02
N PRO F 226 -23.29 56.09 26.30
CA PRO F 226 -22.01 55.95 27.02
C PRO F 226 -21.62 54.51 27.31
N ILE F 227 -20.32 54.20 27.22
CA ILE F 227 -19.81 52.86 27.50
C ILE F 227 -19.05 52.81 28.82
N HIS F 228 -19.36 51.80 29.62
CA HIS F 228 -18.67 51.50 30.87
C HIS F 228 -17.96 50.17 30.64
N LEU F 229 -16.63 50.19 30.67
CA LEU F 229 -15.84 48.97 30.53
C LEU F 229 -15.39 48.57 31.93
N SER F 230 -15.85 47.41 32.38
CA SER F 230 -15.42 46.88 33.67
C SER F 230 -14.42 45.77 33.33
N PHE F 231 -13.12 46.04 33.54
CA PHE F 231 -12.05 45.11 33.20
C PHE F 231 -11.46 44.39 34.40
N ASP F 232 -11.71 43.09 34.49
CA ASP F 232 -11.11 42.25 35.52
C ASP F 232 -9.90 41.71 34.80
N VAL F 233 -8.69 41.81 35.42
CA VAL F 233 -7.42 41.35 34.80
C VAL F 233 -7.34 39.83 34.60
N ASP F 234 -8.15 39.05 35.35
CA ASP F 234 -8.23 37.61 35.15
C ASP F 234 -8.98 37.26 33.84
N GLY F 235 -9.48 38.28 33.12
CA GLY F 235 -10.12 38.10 31.83
C GLY F 235 -9.07 37.60 30.83
N LEU F 236 -7.84 38.13 30.97
CA LEU F 236 -6.66 37.77 30.20
C LEU F 236 -6.04 36.51 30.78
N ASP F 237 -5.35 35.75 29.91
CA ASP F 237 -4.70 34.51 30.28
C ASP F 237 -3.65 34.70 31.40
N PRO F 238 -3.51 33.74 32.35
CA PRO F 238 -2.50 33.89 33.42
C PRO F 238 -1.05 34.03 32.95
N SER F 239 -0.77 33.77 31.66
CA SER F 239 0.57 33.95 31.12
C SER F 239 0.89 35.45 30.98
N PHE F 240 -0.15 36.32 31.05
CA PHE F 240 -0.04 37.78 30.97
C PHE F 240 -0.37 38.47 32.30
N THR F 241 -1.40 37.98 33.01
CA THR F 241 -1.82 38.56 34.29
C THR F 241 -1.83 37.50 35.41
N PRO F 242 -0.65 36.90 35.76
CA PRO F 242 -0.66 35.87 36.82
C PRO F 242 -0.97 36.34 38.24
N ALA F 243 -0.61 37.59 38.60
CA ALA F 243 -0.82 38.14 39.93
C ALA F 243 -2.29 38.58 40.15
N THR F 244 -3.17 37.58 40.27
CA THR F 244 -4.62 37.73 40.42
C THR F 244 -5.18 36.57 41.25
N GLY F 245 -6.27 36.84 41.97
CA GLY F 245 -6.95 35.92 42.87
C GLY F 245 -7.46 34.64 42.28
N THR F 246 -8.21 34.71 41.15
CA THR F 246 -8.78 33.52 40.49
C THR F 246 -8.26 33.38 39.03
N PRO F 247 -6.98 32.94 38.82
CA PRO F 247 -6.50 32.75 37.44
C PRO F 247 -7.09 31.51 36.79
N VAL F 248 -7.49 31.63 35.51
CA VAL F 248 -8.10 30.53 34.72
C VAL F 248 -7.37 30.47 33.38
N VAL F 249 -6.84 29.26 33.05
CA VAL F 249 -6.13 28.99 31.79
C VAL F 249 -7.06 29.15 30.58
N GLY F 250 -6.44 29.38 29.41
CA GLY F 250 -7.15 29.55 28.15
C GLY F 250 -7.85 30.88 28.02
N GLY F 251 -7.27 31.91 28.62
CA GLY F 251 -7.81 33.26 28.59
C GLY F 251 -7.53 34.05 27.33
N LEU F 252 -8.02 35.29 27.33
CA LEU F 252 -7.79 36.22 26.24
C LEU F 252 -6.29 36.53 26.18
N THR F 253 -5.74 36.63 24.96
CA THR F 253 -4.33 36.93 24.78
C THR F 253 -4.10 38.42 25.05
N TYR F 254 -2.81 38.82 25.16
CA TYR F 254 -2.38 40.20 25.34
C TYR F 254 -2.92 41.01 24.13
N ARG F 255 -2.79 40.43 22.91
CA ARG F 255 -3.26 41.01 21.66
C ARG F 255 -4.76 41.24 21.67
N GLU F 256 -5.56 40.23 22.09
CA GLU F 256 -7.01 40.34 22.16
C GLU F 256 -7.43 41.40 23.17
N GLY F 257 -6.75 41.48 24.30
CA GLY F 257 -7.00 42.48 25.33
C GLY F 257 -6.84 43.88 24.77
N LEU F 258 -5.71 44.11 24.03
CA LEU F 258 -5.43 45.38 23.38
C LEU F 258 -6.42 45.68 22.25
N TYR F 259 -6.84 44.65 21.51
CA TYR F 259 -7.80 44.83 20.43
C TYR F 259 -9.18 45.30 20.97
N ILE F 260 -9.69 44.67 22.07
CA ILE F 260 -10.95 45.06 22.72
C ILE F 260 -10.90 46.55 23.08
N THR F 261 -9.84 46.98 23.75
CA THR F 261 -9.68 48.34 24.27
C THR F 261 -9.43 49.35 23.14
N GLU F 262 -8.65 48.98 22.09
CA GLU F 262 -8.45 49.84 20.91
C GLU F 262 -9.79 50.13 20.22
N GLU F 263 -10.65 49.09 20.07
CA GLU F 263 -11.97 49.24 19.45
C GLU F 263 -12.92 50.10 20.26
N ILE F 264 -12.88 49.96 21.60
CA ILE F 264 -13.70 50.78 22.51
C ILE F 264 -13.24 52.26 22.43
N TYR F 265 -11.92 52.51 22.46
CA TYR F 265 -11.41 53.88 22.34
C TYR F 265 -11.97 54.56 21.08
N LYS F 266 -11.88 53.86 19.93
CA LYS F 266 -12.31 54.28 18.61
C LYS F 266 -13.79 54.70 18.48
N THR F 267 -14.67 54.22 19.37
CA THR F 267 -16.08 54.63 19.36
C THR F 267 -16.21 56.08 19.86
N GLY F 268 -15.25 56.49 20.71
CA GLY F 268 -15.22 57.80 21.36
C GLY F 268 -16.28 57.90 22.44
N LEU F 269 -16.82 56.73 22.88
CA LEU F 269 -17.92 56.68 23.83
C LEU F 269 -17.58 56.09 25.18
N LEU F 270 -16.30 55.73 25.44
CA LEU F 270 -15.91 55.25 26.78
C LEU F 270 -16.15 56.41 27.78
N SER F 271 -16.89 56.13 28.86
CA SER F 271 -17.25 57.12 29.90
C SER F 271 -16.83 56.64 31.27
N GLY F 272 -16.64 55.34 31.42
CA GLY F 272 -16.23 54.73 32.67
C GLY F 272 -15.34 53.53 32.44
N LEU F 273 -14.33 53.36 33.31
CA LEU F 273 -13.39 52.26 33.24
C LEU F 273 -12.98 51.76 34.63
N ASP F 274 -12.99 50.43 34.81
CA ASP F 274 -12.55 49.74 36.04
C ASP F 274 -11.40 48.83 35.65
N ILE F 275 -10.27 48.91 36.38
CA ILE F 275 -9.09 48.04 36.21
C ILE F 275 -9.02 47.31 37.54
N MET F 276 -9.55 46.08 37.59
CA MET F 276 -9.75 45.30 38.82
C MET F 276 -9.03 43.98 38.92
N GLU F 277 -8.88 43.53 40.19
CA GLU F 277 -8.36 42.25 40.66
C GLU F 277 -6.83 42.10 40.50
N VAL F 278 -6.08 43.23 40.38
CA VAL F 278 -4.62 43.17 40.36
C VAL F 278 -4.18 42.93 41.81
N ASN F 279 -3.59 41.75 42.10
CA ASN F 279 -3.12 41.46 43.46
C ASN F 279 -1.60 41.25 43.43
N PRO F 280 -0.83 42.33 43.79
CA PRO F 280 0.64 42.25 43.77
C PRO F 280 1.28 41.32 44.80
N SER F 281 0.49 40.74 45.71
CA SER F 281 1.06 39.80 46.68
C SER F 281 0.87 38.33 46.18
N LEU F 282 0.22 38.16 45.01
CA LEU F 282 -0.07 36.85 44.44
C LEU F 282 0.84 36.42 43.27
N GLY F 283 1.94 37.13 43.08
CA GLY F 283 2.92 36.71 42.08
C GLY F 283 3.80 35.61 42.66
N LYS F 284 4.13 34.56 41.87
CA LYS F 284 5.04 33.49 42.31
C LYS F 284 6.48 34.01 42.39
N THR F 285 6.80 35.03 41.56
CA THR F 285 8.09 35.72 41.48
C THR F 285 7.80 37.22 41.38
N PRO F 286 8.78 38.12 41.68
CA PRO F 286 8.54 39.56 41.47
C PRO F 286 8.22 39.92 40.01
N GLU F 287 8.79 39.16 39.04
CA GLU F 287 8.57 39.34 37.60
C GLU F 287 7.10 39.10 37.23
N GLU F 288 6.43 38.14 37.89
CA GLU F 288 5.00 37.85 37.65
C GLU F 288 4.12 39.07 38.02
N VAL F 289 4.50 39.79 39.10
CA VAL F 289 3.84 41.01 39.57
C VAL F 289 4.05 42.13 38.53
N THR F 290 5.32 42.37 38.11
CA THR F 290 5.63 43.42 37.13
C THR F 290 4.93 43.15 35.80
N ARG F 291 4.86 41.86 35.38
CA ARG F 291 4.18 41.45 34.15
C ARG F 291 2.69 41.80 34.20
N THR F 292 2.02 41.49 35.34
CA THR F 292 0.59 41.74 35.57
C THR F 292 0.31 43.24 35.53
N VAL F 293 1.13 44.02 36.26
CA VAL F 293 1.03 45.48 36.35
C VAL F 293 1.24 46.10 34.98
N ASN F 294 2.30 45.67 34.24
CA ASN F 294 2.59 46.18 32.91
C ASN F 294 1.47 45.88 31.94
N THR F 295 0.85 44.69 32.02
CA THR F 295 -0.27 44.33 31.14
C THR F 295 -1.47 45.24 31.44
N ALA F 296 -1.82 45.39 32.73
CA ALA F 296 -2.91 46.25 33.19
C ALA F 296 -2.70 47.73 32.74
N VAL F 297 -1.44 48.21 32.76
CA VAL F 297 -1.08 49.57 32.31
C VAL F 297 -1.32 49.69 30.79
N ALA F 298 -0.83 48.69 30.02
CA ALA F 298 -0.98 48.64 28.57
C ALA F 298 -2.45 48.64 28.13
N ILE F 299 -3.30 47.87 28.84
CA ILE F 299 -4.75 47.81 28.59
C ILE F 299 -5.34 49.21 28.77
N THR F 300 -5.03 49.87 29.90
CA THR F 300 -5.49 51.21 30.26
C THR F 300 -5.09 52.24 29.22
N LEU F 301 -3.82 52.23 28.78
CA LEU F 301 -3.34 53.18 27.76
C LEU F 301 -4.08 53.06 26.42
N ALA F 302 -4.44 51.82 26.02
CA ALA F 302 -5.20 51.58 24.78
C ALA F 302 -6.62 52.14 24.90
N CYS F 303 -7.19 52.15 26.12
CA CYS F 303 -8.55 52.70 26.38
C CYS F 303 -8.56 54.18 26.10
N PHE F 304 -7.40 54.85 26.24
CA PHE F 304 -7.28 56.29 26.07
C PHE F 304 -6.47 56.73 24.84
N GLY F 305 -6.41 55.88 23.81
CA GLY F 305 -5.85 56.25 22.52
C GLY F 305 -4.57 55.62 22.02
N LEU F 306 -3.79 54.97 22.88
CA LEU F 306 -2.54 54.37 22.44
C LEU F 306 -2.83 53.23 21.45
N ALA F 307 -2.36 53.39 20.21
CA ALA F 307 -2.59 52.42 19.14
C ALA F 307 -1.31 51.70 18.68
N ARG F 308 -1.43 50.39 18.40
CA ARG F 308 -0.30 49.59 17.93
C ARG F 308 0.24 50.04 16.55
N GLU F 309 -0.63 50.61 15.68
CA GLU F 309 -0.18 51.12 14.38
C GLU F 309 0.67 52.39 14.52
N GLY F 310 0.59 53.03 15.70
CA GLY F 310 1.31 54.26 16.02
C GLY F 310 0.34 55.40 16.30
N ASN F 311 0.88 56.55 16.76
CA ASN F 311 0.14 57.78 17.06
C ASN F 311 1.01 58.97 16.68
N HIS F 312 0.39 60.08 16.28
CA HIS F 312 1.10 61.33 15.99
C HIS F 312 0.25 62.57 16.34
N LYS F 313 0.92 63.68 16.70
CA LYS F 313 0.27 64.97 17.00
C LYS F 313 -0.17 65.64 15.68
N PRO F 314 -1.22 66.52 15.65
CA PRO F 314 -1.61 67.13 14.37
C PRO F 314 -0.68 68.26 13.89
N ILE F 315 0.57 67.86 13.53
CA ILE F 315 1.66 68.71 13.01
C ILE F 315 2.33 68.02 11.83
N ASP F 316 3.07 68.77 10.99
CA ASP F 316 3.78 68.19 9.87
C ASP F 316 5.15 67.74 10.37
N TYR F 317 5.35 66.42 10.46
CA TYR F 317 6.61 65.83 10.94
C TYR F 317 7.71 65.89 9.89
N LEU F 318 7.33 65.99 8.60
CA LEU F 318 8.30 66.06 7.49
C LEU F 318 8.84 67.50 7.25
N ASN F 319 8.34 68.50 8.03
CA ASN F 319 8.78 69.88 7.94
C ASN F 319 9.22 70.41 9.31
MN MN G . 11.38 -32.73 0.85
MN MN H . 8.53 -33.70 -0.74
C4 VUY I . 3.96 -35.09 4.52
C5 VUY I . 4.78 -33.82 4.79
C6 VUY I . 6.32 -33.90 4.79
C7 VUY I . 7.06 -34.16 3.48
C8 VUY I . 8.58 -34.11 3.58
O VUY I . 5.08 -34.50 7.77
C VUY I . 4.91 -33.37 7.34
O1 VUY I . 5.38 -32.27 7.87
C1 VUY I . 4.14 -33.15 6.05
S VUY I . 2.76 -34.14 3.48
C3 VUY I . 4.15 -32.92 3.67
C2 VUY I . 3.76 -31.57 4.26
N VUY I . 4.02 -31.70 5.74
B VUY I . 9.35 -34.30 2.22
O4 VUY I . 9.04 -35.49 1.42
O3 VUY I . 9.10 -33.23 1.29
O2 VUY I . 10.82 -34.32 2.41
MN MN J . -20.46 -31.46 -22.53
MN MN K . -17.93 -33.33 -23.74
C4 VUY L . -20.69 -36.90 -29.14
C5 VUY L . -21.13 -35.41 -29.18
C6 VUY L . -21.76 -34.83 -27.90
C7 VUY L . -20.86 -34.55 -26.69
C8 VUY L . -21.61 -34.37 -25.38
O VUY L . -23.95 -36.11 -30.11
C VUY L . -23.38 -35.15 -30.55
O1 VUY L . -23.99 -34.12 -31.08
C1 VUY L . -21.86 -35.11 -30.54
S VUY L . -19.04 -36.48 -29.82
C3 VUY L . -19.70 -34.78 -29.52
C2 VUY L . -19.86 -33.77 -30.66
N VUY L . -21.34 -33.75 -30.89
B VUY L . -20.87 -33.86 -24.10
O4 VUY L . -20.15 -34.88 -23.34
O3 VUY L . -19.89 -32.72 -24.24
O2 VUY L . -21.86 -33.35 -23.16
MN MN M . -0.73 9.86 16.68
MN MN N . 1.31 12.52 16.98
C4 VUY O . 7.70 10.22 14.50
C5 VUY O . 6.50 9.81 13.63
C6 VUY O . 5.35 9.03 14.31
C7 VUY O . 4.52 9.71 15.40
C8 VUY O . 3.30 8.89 15.83
O VUY O . 6.06 7.08 11.42
C VUY O . 6.91 7.57 12.27
O1 VUY O . 7.59 6.90 13.02
C1 VUY O . 7.02 9.14 12.32
S VUY O . 7.80 11.85 13.65
C3 VUY O . 6.15 11.24 13.10
C2 VUY O . 5.86 11.15 11.61
N VUY O . 6.25 9.76 11.18
B VUY O . 2.27 9.60 16.74
O4 VUY O . 2.81 10.27 17.97
O3 VUY O . 1.49 10.63 16.00
O2 VUY O . 1.25 8.67 17.27
MN MN P . 13.58 46.07 11.37
MN MN Q . 12.11 45.62 14.37
C4 VUY R . 13.89 51.27 18.16
C5 VUY R . 13.43 51.66 16.75
C6 VUY R . 14.18 50.96 15.60
C7 VUY R . 13.75 49.53 15.20
C8 VUY R . 14.79 48.82 14.33
O VUY R . 14.24 54.72 14.95
C VUY R . 14.50 53.96 16.00
O1 VUY R . 15.59 53.83 16.46
C1 VUY R . 13.31 53.22 16.67
S VUY R . 12.15 51.07 18.73
C3 VUY R . 11.90 51.26 16.90
C2 VUY R . 11.05 52.42 16.36
N VUY R . 12.02 53.50 15.95
B VUY R . 14.50 47.37 13.81
O4 VUY R . 14.78 46.30 14.72
O3 VUY R . 13.13 47.10 13.31
O2 VUY R . 15.35 47.04 12.66
MN MN S . 14.88 -40.48 -37.74
MN MN T . 14.49 -41.11 -34.43
C4 VUY U . 20.17 -44.91 -32.68
C5 VUY U . 20.53 -43.72 -33.59
C6 VUY U . 19.78 -43.54 -34.93
C7 VUY U . 18.25 -43.47 -34.93
C8 VUY U . 17.62 -43.23 -36.30
O VUY U . 22.44 -45.44 -35.27
C VUY U . 22.69 -44.29 -34.95
O1 VUY U . 23.52 -43.50 -35.59
C1 VUY U . 22.08 -43.67 -33.69
S VUY U . 20.25 -43.80 -31.18
C3 VUY U . 20.28 -42.57 -32.56
C2 VUY U . 21.47 -41.60 -32.61
N VUY U . 22.44 -42.22 -33.59
B VUY U . 16.19 -42.64 -36.28
O4 VUY U . 15.14 -43.48 -35.65
O3 VUY U . 16.17 -41.33 -35.62
O2 VUY U . 15.63 -42.39 -37.61
MN MN V . -14.63 39.90 38.15
MN MN W . -12.71 37.33 37.36
C4 VUY X . -14.44 32.24 42.33
C5 VUY X . -15.64 33.04 41.80
C6 VUY X . -15.57 34.57 41.95
C7 VUY X . -14.72 35.38 40.98
C8 VUY X . -14.79 36.88 41.22
O VUY X . -18.97 33.44 43.27
C VUY X . -17.69 33.16 43.48
O1 VUY X . -17.08 33.43 44.49
C1 VUY X . -16.99 32.40 42.30
S VUY X . -14.33 31.27 40.78
C3 VUY X . -15.57 32.55 40.31
C2 VUY X . -16.95 32.10 39.90
N VUY X . -17.84 32.40 41.07
B VUY X . -13.97 37.74 40.23
O4 VUY X . -12.49 37.60 40.21
O3 VUY X . -14.38 37.50 38.85
O2 VUY X . -14.19 39.18 40.54
#